data_9F9W
#
_entry.id   9F9W
#
_cell.length_a   1.00
_cell.length_b   1.00
_cell.length_c   1.00
_cell.angle_alpha   90.00
_cell.angle_beta   90.00
_cell.angle_gamma   90.00
#
_symmetry.space_group_name_H-M   'P 1'
#
loop_
_entity.id
_entity.type
_entity.pdbx_description
1 polymer 'Large T antigen'
2 polymer 'Chains: S'
3 non-polymer "ADENOSINE-5'-TRIPHOSPHATE"
4 non-polymer "ADENOSINE-5'-DIPHOSPHATE"
#
loop_
_entity_poly.entity_id
_entity_poly.type
_entity_poly.pdbx_seq_one_letter_code
_entity_poly.pdbx_strand_id
1 'polypeptide(L)'
;KQVSWKLVTEYAMETKCDDVLLLLGMYLEFQYSFEMCLKCIKKEQPSHYKYHEKHYANAAIFADSKNQKTICQQAVDTVL
AKKRVDSLQLTREQMLTNRFNDLLDRMDIMFGSTGSADIEEWMAGVAWLHCLLPKMDSVVYDFLKCMVYNIPKKRYWLFK
GPIDSGKTTLAAALLELCGGKALNVNLPLDRLNFELGVAIDQFLVVFEDVKGTGGESRDLPSGQGINNLDNLRDYLDGSV
KVNLEKKHLNKRTQIFPPGIVTMNEYSVPKTLQARFVKQIDFRPKDYLKHCLERSEFLLEKRIIQSGIALLLMLIWYRPV
AEFAQSIQSRIVEWKERLDKEFSLSVYQKMKFNVAMGIGVLD
;
A,B,C,D,E,F
2 'polydeoxyribonucleotide' (DT)(DT)(DT)(DT)(DT)(DT)(DT)(DT) S
#
# COMPACT_ATOMS: atom_id res chain seq x y z
N LYS A 1 38.22 2.00 25.03
CA LYS A 1 37.33 1.13 25.80
C LYS A 1 35.90 1.16 25.25
N GLN A 2 34.94 0.63 26.00
CA GLN A 2 33.71 0.15 25.40
C GLN A 2 32.46 0.68 26.10
N VAL A 3 31.45 1.00 25.30
CA VAL A 3 30.21 1.57 25.81
C VAL A 3 29.53 0.55 26.71
N SER A 4 29.05 0.98 27.86
CA SER A 4 28.16 0.16 28.67
C SER A 4 26.71 0.44 28.28
N TRP A 5 26.11 -0.50 27.55
CA TRP A 5 24.70 -0.40 27.22
C TRP A 5 23.84 -0.51 28.47
N LYS A 6 24.39 -1.14 29.51
CA LYS A 6 23.73 -1.23 30.80
C LYS A 6 23.45 0.16 31.38
N LEU A 7 24.48 0.99 31.46
CA LEU A 7 24.28 2.33 32.01
C LEU A 7 23.38 3.18 31.14
N VAL A 8 23.47 3.05 29.82
CA VAL A 8 22.52 3.74 28.96
C VAL A 8 21.10 3.35 29.33
N THR A 9 20.83 2.06 29.42
CA THR A 9 19.46 1.61 29.64
C THR A 9 18.97 2.06 30.99
N GLU A 10 19.86 2.07 31.97
CA GLU A 10 19.51 2.50 33.31
C GLU A 10 19.01 3.94 33.32
N TYR A 11 19.69 4.84 32.62
CA TYR A 11 19.16 6.19 32.44
C TYR A 11 17.81 6.19 31.76
N ALA A 12 17.64 5.40 30.71
CA ALA A 12 16.38 5.40 29.99
C ALA A 12 15.25 4.97 30.90
N MET A 13 15.47 3.92 31.69
CA MET A 13 14.46 3.46 32.63
C MET A 13 14.13 4.57 33.62
N GLU A 14 15.16 5.19 34.19
CA GLU A 14 14.97 6.13 35.27
C GLU A 14 14.30 7.42 34.82
N THR A 15 14.56 7.88 33.59
CA THR A 15 13.79 8.98 33.03
C THR A 15 12.44 8.55 32.47
N LYS A 16 12.21 7.25 32.33
CA LYS A 16 11.06 6.71 31.59
C LYS A 16 11.02 7.22 30.16
N CYS A 17 12.12 7.73 29.65
CA CYS A 17 12.17 8.14 28.25
C CYS A 17 11.97 6.92 27.38
N ASP A 18 11.15 7.07 26.35
CA ASP A 18 10.74 5.93 25.53
C ASP A 18 10.66 6.33 24.07
N ASP A 19 11.58 7.16 23.63
CA ASP A 19 11.76 7.48 22.22
C ASP A 19 13.25 7.42 21.95
N VAL A 20 13.63 6.75 20.86
CA VAL A 20 15.05 6.65 20.51
C VAL A 20 15.65 8.00 20.20
N LEU A 21 14.91 8.90 19.55
CA LEU A 21 15.48 10.20 19.26
C LEU A 21 15.61 11.02 20.53
N LEU A 22 14.56 11.09 21.33
CA LEU A 22 14.65 11.87 22.54
C LEU A 22 15.75 11.31 23.45
N LEU A 23 15.84 9.98 23.55
CA LEU A 23 16.92 9.37 24.32
C LEU A 23 18.27 9.72 23.69
N LEU A 24 18.40 9.51 22.38
CA LEU A 24 19.66 9.77 21.71
C LEU A 24 20.11 11.19 21.97
N GLY A 25 19.23 12.15 21.72
CA GLY A 25 19.60 13.55 21.90
C GLY A 25 20.06 13.85 23.30
N MET A 26 19.24 13.51 24.29
CA MET A 26 19.54 13.92 25.65
C MET A 26 20.83 13.28 26.15
N TYR A 27 21.06 12.03 25.83
CA TYR A 27 22.28 11.39 26.31
C TYR A 27 23.51 12.06 25.74
N LEU A 28 23.44 12.56 24.50
CA LEU A 28 24.59 13.18 23.86
C LEU A 28 25.02 14.45 24.59
N GLU A 29 24.06 15.17 25.19
CA GLU A 29 24.41 16.32 26.00
C GLU A 29 25.40 15.97 27.10
N PHE A 30 25.34 14.76 27.64
CA PHE A 30 26.22 14.38 28.73
C PHE A 30 27.68 14.24 28.32
N GLN A 31 28.01 14.26 27.03
CA GLN A 31 29.41 14.07 26.65
C GLN A 31 30.34 15.18 27.14
N TYR A 32 29.82 16.36 27.45
CA TYR A 32 30.66 17.49 27.81
C TYR A 32 30.99 17.54 29.29
N SER A 33 31.91 18.43 29.63
CA SER A 33 32.39 18.60 31.00
C SER A 33 31.27 18.94 31.97
N PHE A 34 30.90 17.97 32.79
CA PHE A 34 29.91 18.22 33.84
C PHE A 34 30.34 19.35 34.75
N GLU A 35 31.62 19.42 35.07
CA GLU A 35 32.15 20.45 35.95
C GLU A 35 31.82 21.86 35.47
N MET A 36 31.57 22.02 34.18
CA MET A 36 31.25 23.30 33.58
C MET A 36 29.81 23.39 33.11
N CYS A 37 29.03 22.32 33.25
CA CYS A 37 27.77 22.20 32.53
C CYS A 37 26.76 23.27 32.93
N LEU A 38 26.48 24.18 31.99
CA LEU A 38 25.63 25.33 32.28
C LEU A 38 24.20 24.90 32.62
N LYS A 39 23.72 23.80 32.03
CA LYS A 39 22.41 23.26 32.39
C LYS A 39 22.42 22.76 33.83
N CYS A 40 23.45 22.01 34.21
CA CYS A 40 23.56 21.56 35.59
C CYS A 40 23.67 22.75 36.53
N ILE A 41 24.52 23.71 36.17
CA ILE A 41 24.72 24.89 36.98
C ILE A 41 23.41 25.64 37.20
N LYS A 42 22.64 25.84 36.13
CA LYS A 42 21.37 26.54 36.23
C LYS A 42 20.19 25.64 36.58
N LYS A 43 20.43 24.35 36.83
CA LYS A 43 19.40 23.39 37.20
C LYS A 43 18.11 23.58 36.41
N GLU A 44 18.28 23.54 35.10
CA GLU A 44 17.23 23.92 34.17
C GLU A 44 16.23 22.78 33.99
N GLN A 45 16.72 21.60 33.62
CA GLN A 45 15.89 20.41 33.45
C GLN A 45 16.38 19.27 34.32
N PRO A 46 15.55 18.72 35.21
CA PRO A 46 16.04 17.65 36.09
C PRO A 46 16.49 16.43 35.32
N SER A 47 15.79 16.10 34.25
CA SER A 47 16.18 14.99 33.39
C SER A 47 17.59 15.16 32.84
N HIS A 48 18.14 16.36 32.91
CA HIS A 48 19.57 16.56 32.70
C HIS A 48 20.32 16.69 34.02
N TYR A 49 19.97 17.67 34.84
CA TYR A 49 20.90 18.13 35.86
C TYR A 49 21.16 17.08 36.92
N LYS A 50 20.21 16.18 37.18
CA LYS A 50 20.50 15.08 38.09
C LYS A 50 21.56 14.16 37.53
N TYR A 51 21.40 13.74 36.29
CA TYR A 51 22.07 12.55 35.77
C TYR A 51 23.44 12.83 35.18
N HIS A 52 23.70 14.05 34.73
CA HIS A 52 24.90 14.32 33.97
C HIS A 52 26.16 13.82 34.67
N GLU A 53 26.29 14.14 35.96
CA GLU A 53 27.51 13.77 36.69
C GLU A 53 27.79 12.29 36.64
N LYS A 54 26.76 11.47 36.81
CA LYS A 54 26.95 10.03 36.76
C LYS A 54 27.27 9.53 35.35
N HIS A 55 26.52 9.97 34.35
CA HIS A 55 26.63 9.40 33.01
C HIS A 55 27.79 9.95 32.19
N TYR A 56 28.44 11.03 32.63
CA TYR A 56 29.45 11.71 31.82
C TYR A 56 30.50 10.78 31.22
N ALA A 57 31.13 9.94 32.02
CA ALA A 57 32.24 9.13 31.53
C ALA A 57 31.79 8.23 30.39
N ASN A 58 30.68 7.54 30.58
CA ASN A 58 30.14 6.68 29.55
C ASN A 58 29.66 7.47 28.34
N ALA A 59 29.10 8.67 28.56
CA ALA A 59 28.64 9.49 27.46
C ALA A 59 29.77 9.90 26.53
N ALA A 60 30.95 10.19 27.06
CA ALA A 60 32.08 10.46 26.19
C ALA A 60 32.40 9.26 25.29
N ILE A 61 32.41 8.05 25.84
CA ILE A 61 32.62 6.87 25.01
C ILE A 61 31.47 6.69 24.02
N PHE A 62 30.23 6.93 24.47
CA PHE A 62 29.10 6.87 23.57
C PHE A 62 29.23 7.88 22.43
N ALA A 63 29.76 9.07 22.71
CA ALA A 63 29.92 10.07 21.67
C ALA A 63 30.86 9.64 20.55
N ASP A 64 31.75 8.69 20.80
CA ASP A 64 32.61 8.16 19.75
C ASP A 64 31.98 7.05 18.92
N SER A 65 30.91 6.44 19.39
CA SER A 65 30.48 5.16 18.85
C SER A 65 29.94 5.27 17.44
N LYS A 66 30.13 4.20 16.67
CA LYS A 66 29.52 4.00 15.37
C LYS A 66 28.15 3.32 15.44
N ASN A 67 27.69 2.93 16.63
CA ASN A 67 26.50 2.11 16.80
C ASN A 67 25.32 2.89 17.34
N GLN A 68 25.45 4.21 17.49
CA GLN A 68 24.69 4.95 18.48
C GLN A 68 23.20 4.61 18.48
N LYS A 69 22.53 4.71 17.33
CA LYS A 69 21.09 4.48 17.30
C LYS A 69 20.72 3.07 17.75
N THR A 70 21.54 2.08 17.42
CA THR A 70 21.25 0.71 17.85
C THR A 70 21.31 0.57 19.36
N ILE A 71 22.23 1.26 20.01
CA ILE A 71 22.27 1.23 21.47
C ILE A 71 20.99 1.79 22.05
N CYS A 72 20.56 2.95 21.55
CA CYS A 72 19.32 3.56 22.00
C CYS A 72 18.11 2.67 21.76
N GLN A 73 18.13 1.87 20.71
CA GLN A 73 17.03 0.94 20.48
C GLN A 73 16.86 -0.04 21.64
N GLN A 74 17.94 -0.75 22.00
CA GLN A 74 17.81 -1.74 23.06
C GLN A 74 17.41 -1.09 24.38
N ALA A 75 17.89 0.12 24.64
CA ALA A 75 17.50 0.84 25.84
C ALA A 75 16.00 1.11 25.85
N VAL A 76 15.50 1.74 24.80
CA VAL A 76 14.08 2.10 24.75
C VAL A 76 13.19 0.87 24.87
N ASP A 77 13.59 -0.25 24.26
CA ASP A 77 12.75 -1.44 24.33
C ASP A 77 12.57 -1.91 25.76
N THR A 78 13.61 -1.78 26.59
CA THR A 78 13.51 -2.16 27.99
C THR A 78 12.46 -1.32 28.71
N VAL A 79 12.35 -0.05 28.34
CA VAL A 79 11.31 0.81 28.89
C VAL A 79 9.92 0.32 28.49
N LEU A 80 9.70 0.07 27.20
CA LEU A 80 8.40 -0.44 26.77
C LEU A 80 8.11 -1.81 27.37
N ALA A 81 9.12 -2.66 27.45
CA ALA A 81 8.88 -3.99 27.99
C ALA A 81 8.43 -3.90 29.43
N LYS A 82 9.11 -3.08 30.22
CA LYS A 82 8.70 -2.85 31.59
C LYS A 82 7.26 -2.32 31.66
N LYS A 83 6.93 -1.35 30.82
CA LYS A 83 5.55 -0.88 30.75
C LYS A 83 4.57 -2.01 30.50
N ARG A 84 4.79 -2.79 29.45
CA ARG A 84 3.82 -3.82 29.09
C ARG A 84 3.72 -4.91 30.17
N VAL A 85 4.84 -5.31 30.77
CA VAL A 85 4.75 -6.28 31.86
C VAL A 85 3.91 -5.72 33.00
N ASP A 86 4.12 -4.46 33.36
CA ASP A 86 3.26 -3.83 34.37
C ASP A 86 1.82 -3.71 33.86
N SER A 87 1.64 -3.44 32.57
CA SER A 87 0.30 -3.37 32.03
C SER A 87 -0.47 -4.68 32.17
N LEU A 88 0.19 -5.79 32.43
CA LEU A 88 -0.51 -7.02 32.79
C LEU A 88 -0.53 -7.26 34.28
N GLN A 89 0.63 -7.20 34.92
CA GLN A 89 0.78 -7.72 36.26
C GLN A 89 0.30 -6.76 37.34
N LEU A 90 0.00 -5.50 37.01
CA LEU A 90 -0.67 -4.60 37.94
C LEU A 90 -2.19 -4.70 37.83
N THR A 91 -2.86 -4.44 38.94
CA THR A 91 -4.26 -4.08 38.90
C THR A 91 -4.43 -2.66 38.38
N ARG A 92 -5.57 -2.40 37.75
CA ARG A 92 -5.90 -1.04 37.36
C ARG A 92 -5.83 -0.11 38.56
N GLU A 93 -6.21 -0.60 39.73
CA GLU A 93 -6.09 0.18 40.96
C GLU A 93 -4.66 0.60 41.22
N GLN A 94 -3.75 -0.37 41.25
CA GLN A 94 -2.34 -0.07 41.46
C GLN A 94 -1.82 0.86 40.36
N MET A 95 -2.29 0.68 39.12
CA MET A 95 -1.91 1.60 38.06
C MET A 95 -2.22 3.03 38.42
N LEU A 96 -3.45 3.31 38.86
CA LEU A 96 -3.77 4.68 39.23
C LEU A 96 -2.94 5.16 40.42
N THR A 97 -2.68 4.30 41.41
CA THR A 97 -1.84 4.76 42.50
C THR A 97 -0.44 5.10 41.99
N ASN A 98 0.04 4.37 40.99
CA ASN A 98 1.31 4.73 40.37
C ASN A 98 1.20 6.06 39.64
N ARG A 99 0.17 6.20 38.80
CA ARG A 99 -0.05 7.45 38.09
C ARG A 99 -0.15 8.62 39.06
N PHE A 100 -0.92 8.46 40.14
CA PHE A 100 -1.09 9.54 41.09
C PHE A 100 0.23 9.92 41.77
N ASN A 101 1.03 8.92 42.15
CA ASN A 101 2.35 9.20 42.67
C ASN A 101 3.17 10.07 41.73
N ASP A 102 3.16 9.77 40.44
CA ASP A 102 3.95 10.55 39.50
C ASP A 102 3.47 12.00 39.42
N LEU A 103 2.16 12.21 39.40
CA LEU A 103 1.64 13.57 39.38
C LEU A 103 1.95 14.29 40.68
N LEU A 104 1.84 13.59 41.81
CA LEU A 104 2.20 14.19 43.08
C LEU A 104 3.67 14.60 43.09
N ASP A 105 4.54 13.76 42.53
CA ASP A 105 5.93 14.14 42.37
C ASP A 105 6.09 15.44 41.57
N ARG A 106 5.37 15.59 40.47
CA ARG A 106 5.44 16.86 39.74
C ARG A 106 4.97 18.01 40.61
N MET A 107 3.82 17.84 41.27
CA MET A 107 3.29 18.92 42.08
C MET A 107 4.29 19.36 43.14
N ASP A 108 4.94 18.40 43.79
CA ASP A 108 5.93 18.73 44.80
C ASP A 108 7.01 19.65 44.26
N ILE A 109 7.40 19.48 43.01
CA ILE A 109 8.37 20.39 42.42
C ILE A 109 7.73 21.72 42.02
N MET A 110 6.60 21.66 41.33
CA MET A 110 5.98 22.86 40.76
C MET A 110 5.66 23.91 41.82
N PHE A 111 5.29 23.49 43.03
CA PHE A 111 5.05 24.42 44.12
C PHE A 111 6.13 24.33 45.21
N GLY A 112 7.28 23.79 44.88
CA GLY A 112 8.41 23.73 45.78
C GLY A 112 9.07 25.08 46.00
N SER A 113 10.34 25.06 46.40
CA SER A 113 11.17 26.25 46.33
C SER A 113 11.24 26.78 44.91
N THR A 114 11.29 25.89 43.93
CA THR A 114 11.13 26.30 42.54
C THR A 114 9.81 27.04 42.37
N GLY A 115 8.72 26.45 42.85
CA GLY A 115 7.52 27.19 43.16
C GLY A 115 6.98 28.03 42.01
N SER A 116 7.26 27.60 40.79
CA SER A 116 7.29 28.53 39.66
C SER A 116 5.90 29.05 39.31
N ALA A 117 4.84 28.50 39.90
CA ALA A 117 3.48 28.99 39.71
C ALA A 117 2.82 29.21 41.06
N ASP A 118 1.93 30.20 41.09
CA ASP A 118 1.17 30.51 42.29
C ASP A 118 0.13 29.43 42.58
N ILE A 119 0.22 28.85 43.78
CA ILE A 119 -0.79 27.92 44.26
C ILE A 119 -2.19 28.50 44.12
N GLU A 120 -2.34 29.78 44.47
CA GLU A 120 -3.66 30.39 44.41
C GLU A 120 -4.14 30.62 43.00
N GLU A 121 -3.25 30.89 42.05
CA GLU A 121 -3.69 30.89 40.66
C GLU A 121 -4.17 29.51 40.27
N TRP A 122 -3.38 28.49 40.60
CA TRP A 122 -3.78 27.13 40.27
C TRP A 122 -5.09 26.76 40.94
N MET A 123 -5.25 27.12 42.21
CA MET A 123 -6.51 26.88 42.89
C MET A 123 -7.65 27.67 42.26
N ALA A 124 -7.39 28.87 41.75
CA ALA A 124 -8.48 29.59 41.09
C ALA A 124 -9.05 28.77 39.96
N GLY A 125 -8.21 27.97 39.30
CA GLY A 125 -8.72 27.04 38.30
C GLY A 125 -9.68 26.04 38.89
N VAL A 126 -9.33 25.46 40.03
CA VAL A 126 -10.22 24.51 40.69
C VAL A 126 -11.57 25.13 40.97
N ALA A 127 -11.59 26.39 41.41
CA ALA A 127 -12.87 27.06 41.62
C ALA A 127 -13.65 27.10 40.32
N TRP A 128 -12.99 27.53 39.24
CA TRP A 128 -13.65 27.60 37.93
C TRP A 128 -14.24 26.25 37.55
N LEU A 129 -13.50 25.17 37.81
CA LEU A 129 -13.95 23.83 37.48
C LEU A 129 -15.11 23.35 38.34
N HIS A 130 -14.94 23.38 39.67
CA HIS A 130 -16.07 23.03 40.51
C HIS A 130 -17.22 23.99 40.35
N CYS A 131 -16.99 25.15 39.74
CA CYS A 131 -18.06 26.05 39.36
C CYS A 131 -18.73 25.66 38.05
N LEU A 132 -18.02 24.98 37.16
CA LEU A 132 -18.60 24.67 35.84
C LEU A 132 -19.83 23.78 35.99
N LEU A 133 -19.73 22.74 36.79
CA LEU A 133 -20.87 21.90 37.11
C LEU A 133 -20.93 21.70 38.62
N PRO A 134 -22.12 21.51 39.18
CA PRO A 134 -22.21 21.16 40.59
C PRO A 134 -21.50 19.86 40.86
N LYS A 135 -21.22 19.63 42.16
CA LYS A 135 -20.76 18.33 42.63
C LYS A 135 -19.60 17.79 41.79
N MET A 136 -18.78 18.72 41.29
CA MET A 136 -17.85 18.41 40.20
C MET A 136 -16.91 17.29 40.59
N ASP A 137 -16.25 17.46 41.74
CA ASP A 137 -15.42 16.42 42.35
C ASP A 137 -16.14 15.09 42.44
N SER A 138 -17.43 15.11 42.71
CA SER A 138 -18.15 13.88 42.97
C SER A 138 -18.40 13.12 41.68
N VAL A 139 -18.76 13.82 40.62
CA VAL A 139 -18.82 13.19 39.31
C VAL A 139 -17.42 12.77 38.86
N VAL A 140 -16.40 13.57 39.16
CA VAL A 140 -15.03 13.18 38.83
C VAL A 140 -14.68 11.86 39.52
N TYR A 141 -14.96 11.77 40.81
CA TYR A 141 -14.67 10.54 41.54
C TYR A 141 -15.43 9.37 40.94
N ASP A 142 -16.70 9.59 40.59
CA ASP A 142 -17.49 8.56 39.96
C ASP A 142 -16.87 8.10 38.64
N PHE A 143 -16.45 9.05 37.80
CA PHE A 143 -15.78 8.67 36.56
C PHE A 143 -14.50 7.88 36.81
N LEU A 144 -13.67 8.34 37.75
CA LEU A 144 -12.44 7.61 38.04
C LEU A 144 -12.73 6.15 38.37
N LYS A 145 -13.63 5.91 39.32
CA LYS A 145 -13.90 4.53 39.69
C LYS A 145 -14.52 3.75 38.55
N CYS A 146 -15.39 4.35 37.77
CA CYS A 146 -15.88 3.68 36.58
C CYS A 146 -14.73 3.21 35.70
N MET A 147 -13.71 4.05 35.52
CA MET A 147 -12.52 3.63 34.76
C MET A 147 -11.65 2.61 35.49
N VAL A 148 -11.61 2.60 36.82
CA VAL A 148 -10.91 1.50 37.47
C VAL A 148 -11.65 0.18 37.22
N TYR A 149 -12.96 0.19 37.39
CA TYR A 149 -13.71 -1.06 37.26
C TYR A 149 -13.66 -1.59 35.83
N ASN A 150 -13.76 -0.70 34.84
CA ASN A 150 -13.61 -1.08 33.44
C ASN A 150 -14.52 -2.24 33.05
N ILE A 151 -15.65 -2.38 33.72
CA ILE A 151 -16.43 -3.61 33.61
C ILE A 151 -17.20 -3.60 32.28
N PRO A 152 -17.16 -4.69 31.51
CA PRO A 152 -17.69 -4.70 30.14
C PRO A 152 -19.05 -4.04 29.93
N LYS A 153 -19.21 -3.49 28.73
CA LYS A 153 -20.24 -2.53 28.32
C LYS A 153 -20.23 -1.23 29.09
N LYS A 154 -20.32 -1.27 30.42
CA LYS A 154 -20.37 -0.04 31.21
C LYS A 154 -18.96 0.56 31.34
N ARG A 155 -18.50 1.04 30.19
CA ARG A 155 -17.12 1.46 29.98
C ARG A 155 -17.01 2.82 29.32
N TYR A 156 -18.12 3.46 28.97
CA TYR A 156 -18.08 4.69 28.19
C TYR A 156 -19.11 5.69 28.66
N TRP A 157 -18.67 6.94 28.73
CA TRP A 157 -19.49 8.09 29.07
C TRP A 157 -19.52 9.04 27.89
N LEU A 158 -20.59 9.81 27.78
CA LEU A 158 -20.71 10.80 26.72
C LEU A 158 -20.84 12.20 27.30
N PHE A 159 -20.13 13.13 26.67
CA PHE A 159 -20.38 14.56 26.80
C PHE A 159 -21.03 15.05 25.51
N LYS A 160 -22.20 15.67 25.63
CA LYS A 160 -22.89 16.19 24.46
C LYS A 160 -23.34 17.61 24.74
N GLY A 161 -23.30 18.47 23.73
CA GLY A 161 -23.56 19.88 23.92
C GLY A 161 -22.88 20.76 22.90
N PRO A 162 -23.26 22.04 22.87
CA PRO A 162 -22.87 22.94 21.78
C PRO A 162 -21.41 23.38 21.90
N ILE A 163 -21.01 24.21 20.95
CA ILE A 163 -19.67 24.80 20.97
C ILE A 163 -19.42 25.59 22.26
N ASP A 164 -18.15 25.58 22.68
CA ASP A 164 -17.70 26.38 23.81
C ASP A 164 -18.52 26.11 25.06
N SER A 165 -19.05 24.90 25.16
CA SER A 165 -19.76 24.47 26.35
C SER A 165 -18.80 23.99 27.43
N GLY A 166 -17.56 23.71 27.05
CA GLY A 166 -16.50 23.29 27.96
C GLY A 166 -16.19 21.81 27.92
N LYS A 167 -16.93 21.03 27.16
CA LYS A 167 -16.74 19.58 27.19
C LYS A 167 -15.32 19.20 26.79
N THR A 168 -14.77 19.84 25.75
CA THR A 168 -13.38 19.57 25.40
C THR A 168 -12.46 19.87 26.56
N THR A 169 -12.68 21.00 27.23
CA THR A 169 -11.80 21.41 28.33
C THR A 169 -11.75 20.36 29.42
N LEU A 170 -12.90 19.81 29.78
CA LEU A 170 -12.96 18.80 30.83
C LEU A 170 -12.24 17.53 30.42
N ALA A 171 -12.47 17.06 29.19
CA ALA A 171 -11.79 15.85 28.75
C ALA A 171 -10.28 16.02 28.80
N ALA A 172 -9.78 17.20 28.46
CA ALA A 172 -8.34 17.42 28.53
C ALA A 172 -7.80 17.23 29.94
N ALA A 173 -8.50 17.76 30.93
CA ALA A 173 -8.04 17.64 32.30
C ALA A 173 -8.10 16.21 32.80
N LEU A 174 -9.18 15.51 32.50
CA LEU A 174 -9.26 14.09 32.83
C LEU A 174 -8.18 13.30 32.13
N LEU A 175 -7.91 13.62 30.87
CA LEU A 175 -6.93 12.85 30.12
C LEU A 175 -5.52 13.13 30.63
N GLU A 176 -5.24 14.39 30.96
CA GLU A 176 -3.98 14.71 31.62
C GLU A 176 -3.87 14.00 32.95
N LEU A 177 -4.98 13.87 33.68
CA LEU A 177 -4.98 13.11 34.91
C LEU A 177 -4.71 11.63 34.64
N CYS A 178 -5.54 10.99 33.83
CA CYS A 178 -5.60 9.54 33.79
C CYS A 178 -4.51 8.89 32.93
N GLY A 179 -3.91 9.61 32.00
CA GLY A 179 -2.94 9.00 31.13
C GLY A 179 -3.56 8.08 30.10
N GLY A 180 -4.34 8.66 29.20
CA GLY A 180 -4.95 7.94 28.10
C GLY A 180 -4.50 8.48 26.76
N LYS A 181 -5.34 8.36 25.73
CA LYS A 181 -5.07 8.99 24.45
C LYS A 181 -6.36 9.54 23.86
N ALA A 182 -6.24 10.65 23.15
CA ALA A 182 -7.29 11.05 22.22
C ALA A 182 -7.13 10.31 20.90
N LEU A 183 -8.23 10.08 20.22
CA LEU A 183 -8.24 9.46 18.90
C LEU A 183 -9.17 10.22 17.96
N ASN A 184 -8.78 10.36 16.70
CA ASN A 184 -9.60 11.05 15.71
C ASN A 184 -10.18 10.05 14.73
N VAL A 185 -11.49 10.16 14.48
CA VAL A 185 -12.22 9.12 13.76
C VAL A 185 -13.12 9.70 12.66
N ASN A 186 -13.02 11.00 12.42
CA ASN A 186 -13.68 11.62 11.27
C ASN A 186 -12.96 11.25 9.97
N LEU A 187 -12.81 9.97 9.68
CA LEU A 187 -11.78 9.52 8.75
C LEU A 187 -12.24 8.30 7.97
N PRO A 188 -11.58 8.00 6.84
CA PRO A 188 -11.82 6.76 6.09
C PRO A 188 -11.49 5.48 6.87
N LEU A 189 -12.47 4.57 6.90
CA LEU A 189 -12.39 3.39 7.75
C LEU A 189 -11.22 2.46 7.40
N ASP A 190 -11.08 2.10 6.13
CA ASP A 190 -10.00 1.17 5.75
C ASP A 190 -8.62 1.82 5.79
N ARG A 191 -8.52 3.03 6.32
CA ARG A 191 -7.25 3.66 6.63
C ARG A 191 -7.08 3.94 8.11
N LEU A 192 -8.09 3.64 8.92
CA LEU A 192 -8.15 4.07 10.31
C LEU A 192 -7.35 3.19 11.27
N ASN A 193 -7.07 1.94 10.90
CA ASN A 193 -6.62 0.95 11.87
C ASN A 193 -5.44 1.41 12.70
N PHE A 194 -4.46 2.08 12.09
CA PHE A 194 -3.29 2.50 12.85
C PHE A 194 -3.62 3.56 13.89
N GLU A 195 -4.71 4.28 13.73
CA GLU A 195 -5.18 5.10 14.84
C GLU A 195 -5.41 4.25 16.07
N LEU A 196 -6.08 3.11 15.92
CA LEU A 196 -6.26 2.24 17.08
C LEU A 196 -4.94 1.67 17.57
N GLY A 197 -3.92 1.60 16.71
CA GLY A 197 -2.61 1.19 17.19
C GLY A 197 -2.16 2.01 18.37
N VAL A 198 -2.45 3.31 18.35
CA VAL A 198 -2.03 4.20 19.43
C VAL A 198 -2.62 3.78 20.77
N ALA A 199 -3.76 3.11 20.76
CA ALA A 199 -4.39 2.72 22.02
C ALA A 199 -3.67 1.60 22.74
N ILE A 200 -2.67 0.98 22.12
CA ILE A 200 -1.99 -0.16 22.72
C ILE A 200 -1.49 0.16 24.12
N ASP A 201 -1.85 -0.70 25.07
CA ASP A 201 -1.44 -0.65 26.47
C ASP A 201 -1.76 0.66 27.18
N GLN A 202 -2.67 1.48 26.65
CA GLN A 202 -3.07 2.69 27.35
C GLN A 202 -4.11 2.39 28.42
N PHE A 203 -4.23 3.29 29.38
CA PHE A 203 -5.24 3.11 30.43
C PHE A 203 -6.65 3.51 29.97
N LEU A 204 -6.77 4.48 29.08
CA LEU A 204 -8.03 5.17 28.84
C LEU A 204 -7.98 5.81 27.46
N VAL A 205 -9.15 6.06 26.85
CA VAL A 205 -9.19 6.80 25.60
C VAL A 205 -10.31 7.84 25.57
N VAL A 206 -10.10 8.84 24.72
CA VAL A 206 -11.02 9.94 24.50
C VAL A 206 -11.25 10.07 23.01
N PHE A 207 -12.50 10.29 22.63
CA PHE A 207 -12.86 10.61 21.26
C PHE A 207 -13.41 12.02 21.24
N GLU A 208 -12.89 12.86 20.35
CA GLU A 208 -13.16 14.29 20.39
C GLU A 208 -14.08 14.74 19.26
N ASP A 209 -15.20 15.35 19.65
CA ASP A 209 -16.17 16.01 18.78
C ASP A 209 -16.33 15.36 17.41
N VAL A 210 -16.86 14.14 17.41
CA VAL A 210 -16.99 13.35 16.20
C VAL A 210 -18.04 13.97 15.27
N LYS A 211 -17.77 13.94 13.97
CA LYS A 211 -18.80 14.25 12.97
C LYS A 211 -19.86 13.15 12.96
N GLY A 212 -21.05 13.50 13.43
CA GLY A 212 -22.26 12.80 13.07
C GLY A 212 -22.78 13.25 11.72
N THR A 213 -24.04 12.94 11.47
CA THR A 213 -24.69 13.32 10.21
C THR A 213 -26.15 13.66 10.48
N GLY A 214 -26.71 14.55 9.67
CA GLY A 214 -28.08 14.98 9.83
C GLY A 214 -28.25 16.03 10.91
N GLY A 215 -29.36 16.76 10.81
CA GLY A 215 -29.57 17.98 11.57
C GLY A 215 -28.64 19.11 11.18
N GLU A 216 -27.92 18.95 10.07
CA GLU A 216 -26.92 19.89 9.58
C GLU A 216 -27.52 21.22 9.14
N SER A 217 -28.86 21.27 9.01
CA SER A 217 -29.57 22.55 8.99
C SER A 217 -29.18 23.47 10.12
N ARG A 218 -28.74 22.94 11.25
CA ARG A 218 -28.17 23.75 12.31
C ARG A 218 -26.76 24.25 11.99
N ASP A 219 -26.33 24.14 10.74
CA ASP A 219 -24.97 24.51 10.31
C ASP A 219 -23.89 23.58 10.89
N LEU A 220 -24.18 22.29 10.94
CA LEU A 220 -23.26 21.28 11.49
C LEU A 220 -22.85 20.29 10.41
N PRO A 221 -21.72 20.49 9.74
CA PRO A 221 -21.38 19.65 8.58
C PRO A 221 -21.30 18.17 8.93
N SER A 222 -21.98 17.34 8.13
CA SER A 222 -22.10 15.91 8.37
C SER A 222 -20.79 15.17 8.06
N GLY A 223 -20.65 13.99 8.68
CA GLY A 223 -19.53 13.12 8.42
C GLY A 223 -19.71 11.75 9.04
N GLN A 224 -18.73 10.88 8.79
CA GLN A 224 -18.87 9.43 8.92
C GLN A 224 -18.65 8.88 10.33
N GLY A 225 -18.14 9.70 11.26
CA GLY A 225 -17.64 9.15 12.50
C GLY A 225 -18.65 8.31 13.28
N ILE A 226 -19.91 8.73 13.31
CA ILE A 226 -20.92 7.92 13.99
C ILE A 226 -21.09 6.54 13.36
N ASN A 227 -21.03 6.47 12.03
CA ASN A 227 -21.13 5.17 11.38
C ASN A 227 -19.91 4.33 11.72
N ASN A 228 -18.73 4.94 11.65
CA ASN A 228 -17.51 4.27 12.04
C ASN A 228 -17.64 3.71 13.45
N LEU A 229 -18.04 4.57 14.39
CA LEU A 229 -18.16 4.17 15.79
C LEU A 229 -19.07 2.96 15.97
N ASP A 230 -20.29 3.02 15.45
CA ASP A 230 -21.21 1.91 15.72
C ASP A 230 -20.80 0.67 14.96
N ASN A 231 -20.12 0.84 13.83
CA ASN A 231 -19.47 -0.30 13.19
C ASN A 231 -18.40 -0.88 14.09
N LEU A 232 -17.60 -0.02 14.72
CA LEU A 232 -16.54 -0.38 15.65
C LEU A 232 -17.03 -0.72 17.06
N ARG A 233 -18.34 -0.84 17.26
CA ARG A 233 -18.89 -1.16 18.57
C ARG A 233 -18.19 -2.36 19.20
N ASP A 234 -17.75 -3.30 18.37
CA ASP A 234 -17.05 -4.49 18.86
C ASP A 234 -15.86 -4.17 19.76
N TYR A 235 -15.18 -3.05 19.51
CA TYR A 235 -14.14 -2.59 20.43
C TYR A 235 -14.69 -2.09 21.73
N LEU A 236 -15.73 -1.27 21.68
CA LEU A 236 -16.18 -0.56 22.87
C LEU A 236 -16.59 -1.54 23.97
N ASP A 237 -17.06 -2.71 23.57
CA ASP A 237 -17.60 -3.69 24.51
C ASP A 237 -16.63 -4.04 25.64
N GLY A 238 -15.35 -4.11 25.35
CA GLY A 238 -14.44 -4.72 26.31
C GLY A 238 -14.73 -6.20 26.48
N SER A 239 -15.25 -6.84 25.43
CA SER A 239 -15.69 -8.22 25.49
C SER A 239 -14.54 -9.21 25.56
N VAL A 240 -13.55 -9.08 24.69
CA VAL A 240 -12.47 -10.05 24.56
C VAL A 240 -11.26 -9.36 23.94
N LYS A 241 -10.08 -9.95 24.11
CA LYS A 241 -8.87 -9.31 23.63
C LYS A 241 -8.84 -9.24 22.11
N VAL A 242 -8.45 -8.09 21.59
CA VAL A 242 -8.35 -7.81 20.16
C VAL A 242 -6.89 -7.52 19.84
N ASN A 243 -6.47 -7.96 18.65
CA ASN A 243 -5.06 -7.89 18.25
C ASN A 243 -4.76 -6.57 17.56
N LEU A 244 -4.33 -5.58 18.34
CA LEU A 244 -4.00 -4.24 17.86
C LEU A 244 -2.65 -4.23 17.12
N GLU A 245 -2.41 -3.14 16.39
CA GLU A 245 -1.43 -3.13 15.31
C GLU A 245 -0.51 -1.91 15.38
N LYS A 246 0.75 -2.10 14.96
CA LYS A 246 1.72 -1.02 14.86
C LYS A 246 2.75 -1.36 13.80
N LYS A 247 3.21 -0.35 13.05
CA LYS A 247 3.99 -0.61 11.84
C LYS A 247 5.29 -1.35 12.13
N HIS A 248 5.64 -2.30 11.26
CA HIS A 248 6.86 -3.11 11.39
C HIS A 248 6.97 -3.79 12.74
N LEU A 249 5.85 -4.07 13.40
CA LEU A 249 5.90 -4.71 14.71
C LEU A 249 4.87 -5.82 14.80
N ASN A 250 5.14 -6.75 15.71
CA ASN A 250 4.18 -7.81 16.01
C ASN A 250 2.90 -7.23 16.59
N LYS A 251 1.78 -7.84 16.23
CA LYS A 251 0.48 -7.39 16.71
C LYS A 251 0.34 -7.67 18.20
N ARG A 252 -0.56 -6.91 18.83
CA ARG A 252 -0.70 -6.87 20.29
C ARG A 252 -2.14 -7.22 20.69
N THR A 253 -2.35 -8.47 21.10
CA THR A 253 -3.65 -8.95 21.56
C THR A 253 -3.97 -8.41 22.95
N GLN A 254 -5.01 -7.57 23.06
CA GLN A 254 -5.38 -7.00 24.35
C GLN A 254 -6.84 -6.58 24.37
N ILE A 255 -7.38 -6.42 25.59
CA ILE A 255 -8.68 -5.75 25.75
C ILE A 255 -8.54 -4.30 25.31
N PHE A 256 -9.53 -3.80 24.58
CA PHE A 256 -9.52 -2.40 24.21
C PHE A 256 -9.87 -1.52 25.42
N PRO A 257 -9.16 -0.40 25.62
CA PRO A 257 -9.40 0.43 26.81
C PRO A 257 -10.81 0.98 26.89
N PRO A 258 -11.29 1.31 28.08
CA PRO A 258 -12.52 2.09 28.24
C PRO A 258 -12.26 3.54 27.89
N GLY A 259 -13.32 4.35 27.85
CA GLY A 259 -13.09 5.71 27.41
C GLY A 259 -14.27 6.66 27.60
N ILE A 260 -14.15 7.83 26.98
CA ILE A 260 -15.13 8.91 27.12
C ILE A 260 -15.18 9.73 25.83
N VAL A 261 -16.32 10.39 25.58
CA VAL A 261 -16.67 10.91 24.26
C VAL A 261 -17.27 12.31 24.39
N THR A 262 -17.03 13.15 23.37
CA THR A 262 -17.51 14.53 23.34
C THR A 262 -18.22 14.79 22.01
N MET A 263 -19.33 15.55 22.05
CA MET A 263 -20.19 15.66 20.88
C MET A 263 -20.95 16.98 20.81
N ASN A 264 -20.74 17.73 19.74
CA ASN A 264 -21.83 18.60 19.29
C ASN A 264 -22.97 17.71 18.78
N GLU A 265 -24.17 18.25 18.86
CA GLU A 265 -25.37 17.43 19.04
C GLU A 265 -25.97 16.89 17.74
N TYR A 266 -25.18 16.14 16.99
CA TYR A 266 -25.73 15.31 15.92
C TYR A 266 -26.70 14.26 16.48
N SER A 267 -27.46 13.65 15.57
CA SER A 267 -28.18 12.41 15.84
C SER A 267 -27.23 11.32 16.32
N VAL A 268 -27.72 10.45 17.20
CA VAL A 268 -27.13 9.14 17.39
C VAL A 268 -28.04 8.06 16.81
N PRO A 269 -27.53 7.09 16.08
CA PRO A 269 -28.20 5.79 16.05
C PRO A 269 -28.47 5.34 17.48
N LYS A 270 -29.70 4.93 17.74
CA LYS A 270 -30.06 4.51 19.08
C LYS A 270 -29.24 3.31 19.51
N THR A 271 -28.88 2.49 18.54
CA THR A 271 -27.88 1.43 18.72
C THR A 271 -26.55 1.98 19.24
N LEU A 272 -26.07 3.09 18.68
CA LEU A 272 -24.85 3.71 19.21
C LEU A 272 -25.07 4.29 20.59
N GLN A 273 -26.25 4.87 20.86
CA GLN A 273 -26.58 5.23 22.23
C GLN A 273 -26.56 4.01 23.15
N ALA A 274 -26.93 2.84 22.64
CA ALA A 274 -26.98 1.63 23.46
C ALA A 274 -25.64 1.24 24.09
N ARG A 275 -24.53 1.82 23.64
CA ARG A 275 -23.23 1.40 24.16
C ARG A 275 -22.90 1.99 25.53
N PHE A 276 -23.44 3.17 25.86
CA PHE A 276 -22.92 3.98 26.95
C PHE A 276 -23.32 3.52 28.35
N VAL A 277 -22.54 4.01 29.33
CA VAL A 277 -23.00 4.12 30.71
C VAL A 277 -23.91 5.32 30.89
N LYS A 278 -23.47 6.48 30.44
CA LYS A 278 -24.04 7.74 30.89
C LYS A 278 -23.90 8.81 29.82
N GLN A 279 -24.82 9.77 29.84
CA GLN A 279 -24.65 11.05 29.19
C GLN A 279 -24.47 12.17 30.21
N ILE A 280 -23.80 13.23 29.77
CA ILE A 280 -23.76 14.50 30.49
C ILE A 280 -23.94 15.64 29.49
N ASP A 281 -24.77 16.61 29.87
CA ASP A 281 -24.99 17.82 29.09
C ASP A 281 -24.06 18.94 29.53
N PHE A 282 -23.79 19.86 28.61
CA PHE A 282 -22.92 21.00 28.86
C PHE A 282 -23.56 22.27 28.31
N ARG A 283 -23.34 23.39 29.01
CA ARG A 283 -24.18 24.58 28.79
C ARG A 283 -23.38 25.88 28.84
N PRO A 284 -23.14 26.53 27.69
CA PRO A 284 -22.47 27.83 27.68
C PRO A 284 -23.11 28.85 28.61
N LYS A 285 -22.28 29.52 29.40
CA LYS A 285 -22.73 30.40 30.48
C LYS A 285 -21.95 31.70 30.47
N ASP A 286 -22.67 32.80 30.25
CA ASP A 286 -22.04 34.11 30.07
C ASP A 286 -21.17 34.54 31.24
N TYR A 287 -21.61 34.30 32.48
CA TYR A 287 -20.78 34.69 33.62
C TYR A 287 -19.48 33.91 33.65
N LEU A 288 -19.54 32.61 33.41
CA LEU A 288 -18.32 31.83 33.25
C LEU A 288 -17.52 32.24 32.03
N LYS A 289 -18.14 32.98 31.12
CA LYS A 289 -17.38 33.64 30.05
C LYS A 289 -16.66 34.88 30.60
N HIS A 290 -17.44 35.92 30.93
CA HIS A 290 -16.91 37.24 31.26
C HIS A 290 -15.73 37.22 32.23
N CYS A 291 -15.70 36.25 33.15
CA CYS A 291 -14.61 36.18 34.12
C CYS A 291 -13.26 35.98 33.44
N LEU A 292 -13.22 35.13 32.42
CA LEU A 292 -11.94 34.78 31.80
C LEU A 292 -11.27 36.00 31.17
N GLU A 293 -12.05 36.95 30.66
CA GLU A 293 -11.45 38.15 30.06
C GLU A 293 -10.50 38.84 31.04
N ARG A 294 -10.79 38.76 32.32
CA ARG A 294 -9.92 39.31 33.35
C ARG A 294 -8.91 38.28 33.84
N SER A 295 -9.39 37.08 34.18
CA SER A 295 -8.56 36.00 34.71
C SER A 295 -7.80 35.29 33.60
N GLU A 296 -7.45 36.04 32.56
CA GLU A 296 -6.87 35.50 31.33
C GLU A 296 -5.70 34.56 31.60
N PHE A 297 -4.86 34.90 32.56
CA PHE A 297 -3.69 34.09 32.93
C PHE A 297 -4.01 32.63 33.24
N LEU A 298 -5.22 32.33 33.70
CA LEU A 298 -5.60 30.92 33.89
C LEU A 298 -5.46 30.16 32.59
N LEU A 299 -6.06 30.69 31.54
CA LEU A 299 -6.10 30.00 30.27
C LEU A 299 -4.76 30.11 29.55
N GLU A 300 -4.07 31.23 29.70
CA GLU A 300 -2.72 31.34 29.18
C GLU A 300 -1.86 30.18 29.65
N LYS A 301 -1.95 29.86 30.93
CA LYS A 301 -1.16 28.80 31.51
C LYS A 301 -1.84 27.45 31.42
N ARG A 302 -2.95 27.36 30.70
CA ARG A 302 -3.70 26.11 30.52
C ARG A 302 -4.11 25.47 31.83
N ILE A 303 -4.23 26.27 32.89
CA ILE A 303 -4.53 25.72 34.20
C ILE A 303 -5.85 24.96 34.17
N ILE A 304 -6.93 25.60 33.73
CA ILE A 304 -8.23 24.95 33.72
C ILE A 304 -8.29 23.77 32.77
N GLN A 305 -7.29 23.59 31.93
CA GLN A 305 -7.23 22.45 31.03
C GLN A 305 -6.50 21.25 31.63
N SER A 306 -5.74 21.44 32.69
CA SER A 306 -4.68 20.53 33.08
C SER A 306 -5.03 19.72 34.32
N GLY A 307 -4.81 18.41 34.25
CA GLY A 307 -5.22 17.47 35.28
C GLY A 307 -4.70 17.78 36.67
N ILE A 308 -3.60 18.51 36.77
CA ILE A 308 -3.09 18.91 38.08
C ILE A 308 -4.14 19.69 38.84
N ALA A 309 -4.95 20.48 38.13
CA ALA A 309 -6.09 21.12 38.77
C ALA A 309 -7.05 20.11 39.38
N LEU A 310 -7.37 19.04 38.66
CA LEU A 310 -8.28 18.05 39.22
C LEU A 310 -7.70 17.42 40.47
N LEU A 311 -6.41 17.10 40.46
CA LEU A 311 -5.82 16.42 41.60
C LEU A 311 -5.88 17.32 42.82
N LEU A 312 -5.51 18.59 42.65
CA LEU A 312 -5.71 19.57 43.70
C LEU A 312 -7.17 19.64 44.14
N MET A 313 -8.11 19.58 43.21
CA MET A 313 -9.52 19.60 43.58
C MET A 313 -9.89 18.40 44.45
N LEU A 314 -9.49 17.20 44.05
CA LEU A 314 -9.85 16.03 44.86
C LEU A 314 -9.15 16.06 46.20
N ILE A 315 -7.90 16.52 46.24
CA ILE A 315 -7.25 16.71 47.53
C ILE A 315 -8.06 17.66 48.39
N TRP A 316 -8.60 18.71 47.79
CA TRP A 316 -9.47 19.61 48.55
C TRP A 316 -10.72 18.89 49.04
N TYR A 317 -11.56 18.43 48.11
CA TYR A 317 -12.91 18.04 48.46
C TYR A 317 -12.99 16.69 49.17
N ARG A 318 -12.23 15.71 48.72
CA ARG A 318 -12.59 14.34 49.08
C ARG A 318 -11.98 13.91 50.42
N PRO A 319 -12.62 12.96 51.10
CA PRO A 319 -11.99 12.34 52.28
C PRO A 319 -10.63 11.71 51.94
N VAL A 320 -9.71 11.76 52.91
CA VAL A 320 -8.45 11.03 52.76
C VAL A 320 -8.73 9.57 52.48
N ALA A 321 -9.68 8.99 53.21
CA ALA A 321 -10.03 7.58 53.04
C ALA A 321 -10.51 7.25 51.64
N GLU A 322 -10.95 8.23 50.86
CA GLU A 322 -11.39 7.94 49.51
C GLU A 322 -10.23 7.55 48.61
N PHE A 323 -9.03 8.02 48.91
CA PHE A 323 -7.83 7.61 48.20
C PHE A 323 -7.36 6.26 48.70
N ALA A 324 -6.59 5.56 47.87
CA ALA A 324 -6.06 4.26 48.28
C ALA A 324 -5.05 4.41 49.41
N GLN A 325 -5.01 3.37 50.26
CA GLN A 325 -4.16 3.39 51.45
C GLN A 325 -2.73 3.75 51.10
N SER A 326 -2.21 3.18 50.01
CA SER A 326 -0.84 3.42 49.59
C SER A 326 -0.51 4.90 49.52
N ILE A 327 -1.39 5.68 48.90
CA ILE A 327 -1.13 7.10 48.69
C ILE A 327 -1.61 7.98 49.82
N GLN A 328 -2.50 7.49 50.68
CA GLN A 328 -3.16 8.33 51.68
C GLN A 328 -2.20 9.19 52.48
N SER A 329 -0.99 8.70 52.76
CA SER A 329 -0.01 9.56 53.41
C SER A 329 0.22 10.86 52.65
N ARG A 330 0.52 10.76 51.36
CA ARG A 330 0.74 11.96 50.57
C ARG A 330 -0.51 12.82 50.51
N ILE A 331 -1.69 12.20 50.52
CA ILE A 331 -2.92 12.99 50.54
C ILE A 331 -3.00 13.82 51.81
N VAL A 332 -2.67 13.22 52.94
CA VAL A 332 -2.60 13.99 54.18
C VAL A 332 -1.60 15.11 54.06
N GLU A 333 -0.37 14.78 53.68
CA GLU A 333 0.67 15.80 53.53
C GLU A 333 0.21 16.96 52.67
N TRP A 334 -0.47 16.68 51.56
CA TRP A 334 -0.96 17.75 50.71
C TRP A 334 -2.18 18.46 51.26
N LYS A 335 -3.11 17.75 51.90
CA LYS A 335 -4.20 18.47 52.55
C LYS A 335 -3.64 19.49 53.53
N GLU A 336 -2.69 19.06 54.36
CA GLU A 336 -2.04 19.97 55.28
C GLU A 336 -1.50 21.21 54.59
N ARG A 337 -0.91 21.04 53.41
CA ARG A 337 -0.39 22.20 52.69
C ARG A 337 -1.50 23.10 52.14
N LEU A 338 -2.59 22.53 51.62
CA LEU A 338 -3.73 23.38 51.27
C LEU A 338 -4.31 24.02 52.51
N ASP A 339 -4.41 23.26 53.60
CA ASP A 339 -4.96 23.78 54.84
C ASP A 339 -4.14 24.95 55.34
N LYS A 340 -2.82 24.82 55.29
CA LYS A 340 -1.92 25.93 55.55
C LYS A 340 -2.24 27.12 54.65
N GLU A 341 -2.31 26.88 53.34
CA GLU A 341 -2.29 27.98 52.39
C GLU A 341 -3.53 28.87 52.46
N PHE A 342 -4.71 28.30 52.67
CA PHE A 342 -5.95 29.04 52.42
C PHE A 342 -6.82 29.23 53.65
N SER A 343 -7.50 30.37 53.65
CA SER A 343 -8.77 30.55 54.34
C SER A 343 -9.91 30.21 53.39
N LEU A 344 -11.01 29.74 53.96
CA LEU A 344 -12.24 29.60 53.19
C LEU A 344 -12.73 30.94 52.67
N SER A 345 -12.48 32.02 53.42
CA SER A 345 -12.81 33.35 52.91
C SER A 345 -12.16 33.61 51.55
N VAL A 346 -10.88 33.30 51.43
CA VAL A 346 -10.20 33.45 50.13
C VAL A 346 -10.93 32.61 49.09
N TYR A 347 -11.08 31.33 49.38
CA TYR A 347 -11.71 30.39 48.46
C TYR A 347 -13.11 30.87 48.08
N GLN A 348 -13.93 31.19 49.08
CA GLN A 348 -15.32 31.56 48.83
C GLN A 348 -15.44 32.95 48.23
N LYS A 349 -14.56 33.88 48.61
CA LYS A 349 -14.49 35.16 47.92
C LYS A 349 -14.33 34.94 46.42
N MET A 350 -13.36 34.10 46.05
CA MET A 350 -13.15 33.81 44.64
C MET A 350 -14.38 33.17 44.01
N LYS A 351 -14.91 32.12 44.66
CA LYS A 351 -16.05 31.41 44.09
C LYS A 351 -17.24 32.34 43.94
N PHE A 352 -17.39 33.28 44.87
CA PHE A 352 -18.38 34.35 44.72
C PHE A 352 -18.09 35.19 43.48
N ASN A 353 -16.86 35.68 43.34
CA ASN A 353 -16.50 36.44 42.16
C ASN A 353 -16.73 35.64 40.87
N VAL A 354 -16.42 34.35 40.90
CA VAL A 354 -16.67 33.51 39.73
C VAL A 354 -18.16 33.49 39.38
N ALA A 355 -19.02 33.37 40.38
CA ALA A 355 -20.44 33.46 40.11
C ALA A 355 -20.83 34.82 39.54
N MET A 356 -20.19 35.91 40.02
CA MET A 356 -20.47 37.21 39.45
C MET A 356 -20.07 37.28 37.99
N GLY A 357 -18.99 36.59 37.61
CA GLY A 357 -18.44 36.64 36.28
C GLY A 357 -17.44 37.76 36.02
N ILE A 358 -16.96 38.44 37.06
CA ILE A 358 -15.94 39.48 36.92
C ILE A 358 -15.04 39.45 38.14
N GLY A 359 -13.79 39.86 37.96
CA GLY A 359 -12.95 40.25 39.09
C GLY A 359 -12.64 39.07 40.00
N VAL A 360 -12.35 37.91 39.42
CA VAL A 360 -12.26 36.65 40.17
C VAL A 360 -11.40 36.78 41.41
N LEU A 361 -10.31 37.55 41.34
CA LEU A 361 -9.46 37.72 42.50
C LEU A 361 -9.75 38.97 43.32
N ASP A 362 -10.21 40.05 42.68
CA ASP A 362 -10.47 41.31 43.39
C ASP A 362 -9.35 41.68 44.35
N LYS B 1 44.33 4.92 8.27
CA LYS B 1 43.76 5.84 9.25
C LYS B 1 42.26 6.01 9.03
N GLN B 2 41.49 6.01 10.10
CA GLN B 2 40.04 5.92 10.00
C GLN B 2 39.34 7.29 9.96
N VAL B 3 38.12 7.24 9.42
CA VAL B 3 37.23 8.39 9.37
C VAL B 3 36.87 8.82 10.77
N SER B 4 36.86 10.12 11.02
CA SER B 4 36.21 10.66 12.22
C SER B 4 34.75 10.92 11.91
N TRP B 5 33.86 10.06 12.43
CA TRP B 5 32.43 10.34 12.34
C TRP B 5 32.06 11.54 13.20
N LYS B 6 32.88 11.86 14.20
CA LYS B 6 32.63 13.01 15.07
C LYS B 6 32.78 14.32 14.30
N LEU B 7 33.80 14.42 13.45
CA LEU B 7 33.92 15.59 12.59
C LEU B 7 32.72 15.74 11.66
N VAL B 8 32.26 14.64 11.06
CA VAL B 8 31.07 14.73 10.22
C VAL B 8 29.88 15.19 11.05
N THR B 9 29.71 14.64 12.24
CA THR B 9 28.53 14.96 13.02
C THR B 9 28.54 16.44 13.37
N GLU B 10 29.70 16.94 13.76
CA GLU B 10 29.86 18.36 14.05
C GLU B 10 29.53 19.23 12.85
N TYR B 11 30.00 18.86 11.66
CA TYR B 11 29.66 19.64 10.48
C TYR B 11 28.15 19.69 10.28
N ALA B 12 27.47 18.56 10.38
CA ALA B 12 26.03 18.53 10.16
C ALA B 12 25.32 19.36 11.21
N MET B 13 25.76 19.24 12.46
CA MET B 13 25.19 20.03 13.54
C MET B 13 25.40 21.51 13.30
N GLU B 14 26.63 21.88 12.97
CA GLU B 14 26.98 23.28 12.87
C GLU B 14 26.25 23.95 11.70
N THR B 15 26.06 23.25 10.59
CA THR B 15 25.28 23.77 9.48
C THR B 15 23.78 23.51 9.60
N LYS B 16 23.33 22.82 10.64
CA LYS B 16 21.93 22.38 10.75
C LYS B 16 21.46 21.62 9.51
N CYS B 17 22.37 20.99 8.79
CA CYS B 17 21.94 20.19 7.66
C CYS B 17 21.22 18.95 8.18
N ASP B 18 20.08 18.64 7.57
CA ASP B 18 19.28 17.51 8.03
C ASP B 18 18.73 16.71 6.86
N ASP B 19 19.39 16.77 5.71
CA ASP B 19 19.07 15.94 4.56
C ASP B 19 20.32 15.13 4.24
N VAL B 20 20.16 13.81 4.22
CA VAL B 20 21.33 12.94 4.12
C VAL B 20 22.05 13.15 2.79
N LEU B 21 21.32 13.45 1.72
CA LEU B 21 21.98 13.70 0.45
C LEU B 21 22.64 15.06 0.38
N LEU B 22 22.05 16.09 0.98
CA LEU B 22 22.78 17.36 1.08
C LEU B 22 24.05 17.17 1.88
N LEU B 23 23.95 16.52 3.04
CA LEU B 23 25.16 16.29 3.83
C LEU B 23 26.18 15.53 3.02
N LEU B 24 25.75 14.46 2.36
CA LEU B 24 26.67 13.65 1.57
C LEU B 24 27.34 14.49 0.49
N GLY B 25 26.55 15.22 -0.28
CA GLY B 25 27.11 16.06 -1.34
C GLY B 25 28.03 17.14 -0.80
N MET B 26 27.55 17.88 0.20
CA MET B 26 28.34 18.96 0.77
C MET B 26 29.68 18.46 1.27
N TYR B 27 29.69 17.38 2.05
CA TYR B 27 30.94 16.92 2.63
C TYR B 27 31.94 16.49 1.56
N LEU B 28 31.46 15.92 0.46
CA LEU B 28 32.38 15.47 -0.58
C LEU B 28 33.13 16.62 -1.23
N GLU B 29 32.53 17.82 -1.29
CA GLU B 29 33.24 18.95 -1.87
C GLU B 29 34.57 19.18 -1.18
N PHE B 30 34.62 18.96 0.13
CA PHE B 30 35.84 19.18 0.90
C PHE B 30 36.97 18.22 0.59
N GLN B 31 36.77 17.20 -0.24
CA GLN B 31 37.85 16.27 -0.51
C GLN B 31 39.01 16.90 -1.29
N TYR B 32 38.78 18.00 -1.98
CA TYR B 32 39.82 18.64 -2.76
C TYR B 32 40.63 19.62 -1.92
N SER B 33 41.76 20.05 -2.47
CA SER B 33 42.57 21.05 -1.79
C SER B 33 41.77 22.31 -1.55
N PHE B 34 41.63 22.68 -0.27
CA PHE B 34 40.95 23.92 0.06
C PHE B 34 41.70 25.14 -0.45
N GLU B 35 43.03 25.05 -0.59
CA GLU B 35 43.76 26.18 -1.15
C GLU B 35 43.33 26.49 -2.57
N MET B 36 43.10 25.45 -3.36
CA MET B 36 42.68 25.64 -4.74
C MET B 36 41.19 25.86 -4.86
N CYS B 37 40.46 25.73 -3.76
CA CYS B 37 39.01 25.64 -3.83
C CYS B 37 38.43 26.95 -4.34
N LEU B 38 37.96 26.94 -5.57
CA LEU B 38 37.41 28.13 -6.18
C LEU B 38 36.19 28.63 -5.44
N LYS B 39 35.36 27.72 -4.91
CA LYS B 39 34.24 28.14 -4.07
C LYS B 39 34.73 28.94 -2.87
N CYS B 40 35.77 28.46 -2.19
CA CYS B 40 36.37 29.26 -1.13
C CYS B 40 36.87 30.59 -1.66
N ILE B 41 37.66 30.54 -2.74
CA ILE B 41 38.29 31.74 -3.26
C ILE B 41 37.23 32.78 -3.64
N LYS B 42 36.19 32.34 -4.33
CA LYS B 42 35.06 33.22 -4.64
C LYS B 42 34.25 33.57 -3.40
N LYS B 43 34.32 32.75 -2.36
CA LYS B 43 33.37 32.78 -1.25
C LYS B 43 31.92 32.78 -1.76
N GLU B 44 31.59 31.70 -2.45
CA GLU B 44 30.24 31.50 -2.96
C GLU B 44 29.23 31.31 -1.84
N GLN B 45 29.48 30.35 -0.95
CA GLN B 45 28.54 29.95 0.07
C GLN B 45 29.23 29.78 1.42
N PRO B 46 28.69 30.38 2.49
CA PRO B 46 29.39 30.32 3.78
C PRO B 46 29.49 28.91 4.32
N SER B 47 28.44 28.12 4.12
CA SER B 47 28.43 26.72 4.54
C SER B 47 29.51 25.90 3.88
N HIS B 48 30.21 26.47 2.90
CA HIS B 48 31.43 25.87 2.38
C HIS B 48 32.69 26.55 2.91
N TYR B 49 32.88 27.83 2.59
CA TYR B 49 34.20 28.39 2.71
C TYR B 49 34.66 28.55 4.16
N LYS B 50 33.73 28.65 5.11
CA LYS B 50 34.12 28.62 6.51
C LYS B 50 34.67 27.27 6.97
N TYR B 51 34.37 26.20 6.25
CA TYR B 51 34.54 24.84 6.75
C TYR B 51 35.59 24.04 6.00
N HIS B 52 35.78 24.31 4.72
CA HIS B 52 36.58 23.42 3.87
C HIS B 52 37.94 23.12 4.47
N GLU B 53 38.67 24.16 4.86
CA GLU B 53 40.01 23.97 5.39
C GLU B 53 40.02 23.06 6.62
N LYS B 54 39.06 23.24 7.50
CA LYS B 54 38.98 22.46 8.72
C LYS B 54 38.64 21.00 8.46
N HIS B 55 37.72 20.73 7.54
CA HIS B 55 37.25 19.37 7.29
C HIS B 55 38.01 18.63 6.21
N TYR B 56 38.92 19.31 5.51
CA TYR B 56 39.59 18.74 4.35
C TYR B 56 40.20 17.37 4.62
N ALA B 57 41.01 17.25 5.65
CA ALA B 57 41.70 15.99 5.93
C ALA B 57 40.73 14.84 6.13
N ASN B 58 39.63 15.08 6.82
CA ASN B 58 38.64 14.02 7.05
C ASN B 58 37.86 13.69 5.77
N ALA B 59 37.56 14.69 4.95
CA ALA B 59 36.83 14.43 3.71
C ALA B 59 37.63 13.57 2.73
N ALA B 60 38.94 13.69 2.72
CA ALA B 60 39.76 12.82 1.87
C ALA B 60 39.62 11.35 2.28
N ILE B 61 39.52 11.08 3.58
CA ILE B 61 39.31 9.71 4.03
C ILE B 61 37.85 9.28 3.77
N PHE B 62 36.90 10.16 4.05
CA PHE B 62 35.50 9.84 3.77
C PHE B 62 35.30 9.47 2.30
N ALA B 63 35.98 10.16 1.40
CA ALA B 63 35.83 9.88 -0.02
C ALA B 63 36.23 8.45 -0.38
N ASP B 64 37.12 7.81 0.38
CA ASP B 64 37.46 6.42 0.15
C ASP B 64 36.58 5.43 0.90
N SER B 65 35.81 5.88 1.88
CA SER B 65 35.10 4.94 2.72
C SER B 65 34.05 4.17 1.94
N LYS B 66 33.87 2.91 2.31
CA LYS B 66 32.80 2.07 1.83
C LYS B 66 31.46 2.32 2.51
N ASN B 67 31.43 3.04 3.63
CA ASN B 67 30.25 3.12 4.48
C ASN B 67 29.37 4.34 4.21
N GLN B 68 29.75 5.19 3.28
CA GLN B 68 29.42 6.61 3.34
C GLN B 68 28.00 6.92 3.79
N LYS B 69 27.00 6.32 3.17
CA LYS B 69 25.61 6.62 3.50
C LYS B 69 25.29 6.36 4.98
N THR B 70 25.91 5.33 5.57
CA THR B 70 25.68 5.06 6.98
C THR B 70 26.22 6.17 7.88
N ILE B 71 27.41 6.68 7.57
CA ILE B 71 27.95 7.77 8.37
C ILE B 71 27.04 8.98 8.31
N CYS B 72 26.55 9.30 7.12
CA CYS B 72 25.69 10.46 6.95
C CYS B 72 24.38 10.29 7.67
N GLN B 73 23.84 9.08 7.67
CA GLN B 73 22.61 8.82 8.39
C GLN B 73 22.76 9.16 9.88
N GLN B 74 23.83 8.66 10.50
CA GLN B 74 24.06 8.96 11.91
C GLN B 74 24.18 10.46 12.17
N ALA B 75 24.93 11.17 11.34
CA ALA B 75 25.07 12.61 11.52
C ALA B 75 23.72 13.30 11.43
N VAL B 76 22.91 12.93 10.43
CA VAL B 76 21.57 13.51 10.31
C VAL B 76 20.71 13.15 11.51
N ASP B 77 20.81 11.92 12.00
CA ASP B 77 20.03 11.54 13.17
C ASP B 77 20.37 12.41 14.37
N THR B 78 21.63 12.80 14.49
CA THR B 78 22.04 13.66 15.59
C THR B 78 21.37 15.04 15.48
N VAL B 79 21.32 15.60 14.28
CA VAL B 79 20.66 16.88 14.08
C VAL B 79 19.17 16.75 14.38
N LEU B 80 18.55 15.68 13.90
CA LEU B 80 17.13 15.43 14.19
C LEU B 80 16.87 15.30 15.67
N ALA B 81 17.73 14.58 16.38
CA ALA B 81 17.54 14.42 17.81
C ALA B 81 17.59 15.75 18.53
N LYS B 82 18.54 16.60 18.15
CA LYS B 82 18.65 17.92 18.75
C LYS B 82 17.35 18.71 18.62
N LYS B 83 16.72 18.66 17.45
CA LYS B 83 15.44 19.34 17.26
C LYS B 83 14.36 18.82 18.20
N ARG B 84 14.31 17.51 18.43
CA ARG B 84 13.31 16.95 19.33
C ARG B 84 13.60 17.31 20.78
N VAL B 85 14.86 17.25 21.18
CA VAL B 85 15.21 17.68 22.53
C VAL B 85 14.81 19.13 22.72
N ASP B 86 15.18 19.98 21.76
CA ASP B 86 14.81 21.40 21.85
C ASP B 86 13.31 21.57 21.88
N SER B 87 12.59 20.86 21.03
CA SER B 87 11.16 21.04 20.94
C SER B 87 10.46 20.78 22.26
N LEU B 88 10.88 19.74 22.98
CA LEU B 88 10.24 19.48 24.26
C LEU B 88 10.67 20.43 25.37
N GLN B 89 11.92 20.90 25.39
CA GLN B 89 12.41 21.57 26.58
C GLN B 89 12.43 23.10 26.52
N LEU B 90 12.44 23.72 25.35
CA LEU B 90 12.51 25.17 25.28
C LEU B 90 11.11 25.79 25.45
N THR B 91 11.08 26.97 26.06
CA THR B 91 9.85 27.76 25.98
C THR B 91 9.68 28.29 24.56
N ARG B 92 8.43 28.56 24.20
CA ARG B 92 8.16 29.09 22.86
C ARG B 92 8.83 30.44 22.65
N GLU B 93 9.00 31.25 23.69
CA GLU B 93 9.75 32.49 23.50
C GLU B 93 11.19 32.22 23.09
N GLN B 94 11.82 31.22 23.69
CA GLN B 94 13.18 30.90 23.30
C GLN B 94 13.25 30.42 21.86
N MET B 95 12.27 29.63 21.43
CA MET B 95 12.23 29.23 20.03
C MET B 95 12.22 30.43 19.11
N LEU B 96 11.34 31.40 19.39
CA LEU B 96 11.29 32.59 18.57
C LEU B 96 12.55 33.42 18.72
N THR B 97 13.10 33.51 19.94
CA THR B 97 14.34 34.24 20.14
C THR B 97 15.47 33.64 19.31
N ASN B 98 15.54 32.30 19.26
CA ASN B 98 16.58 31.65 18.47
C ASN B 98 16.34 31.90 16.99
N ARG B 99 15.10 31.74 16.53
CA ARG B 99 14.76 32.03 15.15
C ARG B 99 15.09 33.48 14.78
N PHE B 100 14.86 34.42 15.69
CA PHE B 100 15.22 35.81 15.42
C PHE B 100 16.71 36.02 15.29
N ASN B 101 17.49 35.41 16.18
CA ASN B 101 18.95 35.52 16.09
C ASN B 101 19.46 35.04 14.74
N ASP B 102 18.86 33.98 14.21
CA ASP B 102 19.29 33.48 12.91
C ASP B 102 19.03 34.46 11.79
N LEU B 103 17.82 35.02 11.74
CA LEU B 103 17.52 36.02 10.72
C LEU B 103 18.44 37.21 10.85
N LEU B 104 18.76 37.61 12.08
CA LEU B 104 19.70 38.70 12.29
C LEU B 104 21.09 38.37 11.78
N ASP B 105 21.51 37.11 11.89
CA ASP B 105 22.75 36.69 11.23
C ASP B 105 22.67 36.82 9.71
N ARG B 106 21.54 36.44 9.10
CA ARG B 106 21.45 36.62 7.66
C ARG B 106 21.55 38.08 7.29
N MET B 107 20.95 38.95 8.08
CA MET B 107 21.02 40.37 7.80
C MET B 107 22.43 40.90 7.97
N ASP B 108 23.21 40.34 8.89
CA ASP B 108 24.63 40.65 8.95
C ASP B 108 25.35 40.29 7.67
N ILE B 109 24.86 39.32 6.92
CA ILE B 109 25.44 38.98 5.63
C ILE B 109 24.83 39.80 4.50
N MET B 110 23.51 39.80 4.38
CA MET B 110 22.86 40.43 3.24
C MET B 110 23.30 41.89 3.11
N PHE B 111 23.37 42.60 4.22
CA PHE B 111 23.82 43.98 4.24
C PHE B 111 25.20 44.11 4.86
N GLY B 112 25.98 43.04 4.84
CA GLY B 112 27.31 43.05 5.39
C GLY B 112 28.26 43.91 4.58
N SER B 113 29.54 43.70 4.86
CA SER B 113 30.60 44.33 4.07
C SER B 113 30.42 44.10 2.57
N THR B 114 29.90 42.94 2.18
CA THR B 114 29.65 42.68 0.77
C THR B 114 28.65 43.65 0.16
N GLY B 115 27.77 44.25 0.98
CA GLY B 115 26.65 45.00 0.45
C GLY B 115 25.80 44.18 -0.50
N SER B 116 25.85 42.86 -0.33
CA SER B 116 25.35 41.94 -1.36
C SER B 116 23.88 42.18 -1.69
N ALA B 117 23.09 42.67 -0.74
CA ALA B 117 21.76 43.18 -1.01
C ALA B 117 21.69 44.66 -0.65
N ASP B 118 20.91 45.42 -1.42
CA ASP B 118 20.74 46.84 -1.15
C ASP B 118 19.76 47.06 0.00
N ILE B 119 20.28 47.55 1.12
CA ILE B 119 19.45 47.90 2.27
C ILE B 119 18.37 48.93 1.94
N GLU B 120 18.59 49.78 0.94
CA GLU B 120 17.52 50.67 0.51
C GLU B 120 16.40 49.93 -0.21
N GLU B 121 16.72 49.01 -1.11
CA GLU B 121 15.64 48.23 -1.72
C GLU B 121 14.91 47.41 -0.67
N TRP B 122 15.64 46.85 0.27
CA TRP B 122 15.01 46.10 1.35
C TRP B 122 14.16 47.00 2.24
N MET B 123 14.70 48.15 2.65
CA MET B 123 13.89 49.09 3.40
C MET B 123 12.69 49.57 2.60
N ALA B 124 12.87 49.79 1.30
CA ALA B 124 11.73 50.18 0.49
C ALA B 124 10.60 49.16 0.58
N GLY B 125 10.94 47.88 0.60
CA GLY B 125 9.94 46.85 0.79
C GLY B 125 9.09 47.06 2.03
N VAL B 126 9.70 47.47 3.13
CA VAL B 126 8.96 47.66 4.38
C VAL B 126 7.83 48.66 4.20
N ALA B 127 8.08 49.75 3.48
CA ALA B 127 7.06 50.77 3.31
C ALA B 127 5.86 50.25 2.53
N TRP B 128 6.08 49.46 1.49
CA TRP B 128 4.95 48.91 0.74
C TRP B 128 4.12 47.95 1.59
N LEU B 129 4.79 47.13 2.39
CA LEU B 129 4.08 46.31 3.37
C LEU B 129 3.33 47.14 4.39
N HIS B 130 3.99 48.18 4.91
CA HIS B 130 3.34 49.02 5.90
C HIS B 130 2.03 49.61 5.39
N CYS B 131 1.96 49.95 4.12
CA CYS B 131 0.72 50.45 3.55
C CYS B 131 -0.24 49.35 3.13
N LEU B 132 0.16 48.09 3.22
CA LEU B 132 -0.77 47.01 2.92
C LEU B 132 -1.98 47.00 3.85
N LEU B 133 -1.82 47.38 5.11
CA LEU B 133 -2.94 47.36 6.04
C LEU B 133 -2.94 48.52 7.01
N PRO B 134 -4.10 48.89 7.54
CA PRO B 134 -4.16 49.76 8.72
C PRO B 134 -3.34 49.24 9.90
N LYS B 135 -2.54 50.14 10.48
CA LYS B 135 -1.75 49.86 11.68
C LYS B 135 -0.94 48.57 11.56
N MET B 136 -0.38 48.34 10.38
CA MET B 136 0.32 47.10 10.06
C MET B 136 1.23 46.65 11.19
N ASP B 137 2.01 47.59 11.73
CA ASP B 137 2.96 47.28 12.79
C ASP B 137 2.31 46.61 13.99
N SER B 138 1.20 47.16 14.48
CA SER B 138 0.47 46.50 15.56
C SER B 138 0.03 45.09 15.16
N VAL B 139 -0.46 44.94 13.93
CA VAL B 139 -0.99 43.65 13.51
C VAL B 139 0.06 42.55 13.57
N VAL B 140 1.31 42.86 13.21
CA VAL B 140 2.36 41.87 13.34
C VAL B 140 2.63 41.54 14.79
N TYR B 141 2.75 42.56 15.65
CA TYR B 141 3.13 42.27 17.03
C TYR B 141 2.06 41.44 17.73
N ASP B 142 0.80 41.74 17.46
CA ASP B 142 -0.29 40.94 18.00
C ASP B 142 -0.18 39.49 17.56
N PHE B 143 0.10 39.27 16.27
CA PHE B 143 0.21 37.91 15.76
C PHE B 143 1.35 37.13 16.41
N LEU B 144 2.50 37.76 16.62
CA LEU B 144 3.59 37.04 17.28
C LEU B 144 3.19 36.62 18.68
N LYS B 145 2.60 37.52 19.45
CA LYS B 145 2.19 37.16 20.80
C LYS B 145 1.24 35.97 20.76
N CYS B 146 0.26 36.04 19.87
CA CYS B 146 -0.70 34.97 19.73
C CYS B 146 -0.01 33.63 19.48
N MET B 147 0.91 33.59 18.51
CA MET B 147 1.63 32.35 18.24
C MET B 147 2.48 31.89 19.41
N VAL B 148 3.13 32.82 20.11
CA VAL B 148 3.97 32.40 21.22
C VAL B 148 3.10 31.89 22.37
N TYR B 149 2.05 32.64 22.71
CA TYR B 149 1.18 32.22 23.79
C TYR B 149 0.49 30.89 23.49
N ASN B 150 0.10 30.66 22.24
CA ASN B 150 -0.45 29.36 21.84
C ASN B 150 -1.63 28.95 22.74
N ILE B 151 -2.54 29.90 22.92
CA ILE B 151 -3.67 29.74 23.85
C ILE B 151 -4.72 28.81 23.23
N PRO B 152 -5.24 27.82 23.97
CA PRO B 152 -6.28 26.94 23.42
C PRO B 152 -7.46 27.65 22.79
N LYS B 153 -7.90 27.14 21.64
CA LYS B 153 -8.98 27.70 20.82
C LYS B 153 -8.89 29.21 20.61
N LYS B 154 -7.69 29.76 20.74
CA LYS B 154 -7.41 31.13 20.28
C LYS B 154 -6.09 31.10 19.53
N ARG B 155 -6.09 30.43 18.38
CA ARG B 155 -4.87 29.97 17.75
C ARG B 155 -4.82 30.22 16.26
N TYR B 156 -5.90 30.70 15.64
CA TYR B 156 -5.96 30.82 14.18
C TYR B 156 -6.52 32.15 13.74
N TRP B 157 -5.84 32.74 12.76
CA TRP B 157 -6.23 33.98 12.12
C TRP B 157 -6.72 33.67 10.71
N LEU B 158 -7.83 34.28 10.33
CA LEU B 158 -8.43 34.10 9.02
C LEU B 158 -8.15 35.32 8.16
N PHE B 159 -7.43 35.12 7.07
CA PHE B 159 -7.16 36.19 6.11
C PHE B 159 -8.15 36.05 4.98
N LYS B 160 -8.99 37.05 4.76
CA LYS B 160 -10.09 36.88 3.83
C LYS B 160 -10.25 38.13 2.97
N GLY B 161 -10.48 37.91 1.66
CA GLY B 161 -10.56 39.01 0.71
C GLY B 161 -10.32 38.58 -0.73
N PRO B 162 -10.58 39.49 -1.68
CA PRO B 162 -10.68 39.09 -3.08
C PRO B 162 -9.43 38.41 -3.62
N ILE B 163 -9.58 37.89 -4.84
CA ILE B 163 -8.46 37.47 -5.65
C ILE B 163 -7.47 38.60 -5.82
N ASP B 164 -6.18 38.30 -5.63
CA ASP B 164 -5.11 39.32 -5.63
C ASP B 164 -5.34 40.44 -4.62
N SER B 165 -5.84 40.09 -3.43
CA SER B 165 -5.96 41.06 -2.36
C SER B 165 -4.65 41.26 -1.60
N GLY B 166 -3.76 40.28 -1.62
CA GLY B 166 -2.50 40.32 -0.91
C GLY B 166 -2.37 39.31 0.22
N LYS B 167 -3.39 38.50 0.46
CA LYS B 167 -3.43 37.68 1.67
C LYS B 167 -2.36 36.58 1.62
N THR B 168 -2.24 35.89 0.50
CA THR B 168 -1.18 34.89 0.32
C THR B 168 0.18 35.49 0.61
N THR B 169 0.44 36.69 0.12
CA THR B 169 1.74 37.32 0.30
C THR B 169 2.05 37.56 1.77
N LEU B 170 1.08 38.08 2.52
CA LEU B 170 1.32 38.34 3.92
C LEU B 170 1.54 37.06 4.70
N ALA B 171 0.77 36.03 4.39
CA ALA B 171 1.02 34.73 5.01
C ALA B 171 2.44 34.26 4.75
N ALA B 172 2.87 34.33 3.49
CA ALA B 172 4.19 33.82 3.12
C ALA B 172 5.30 34.54 3.89
N ALA B 173 5.17 35.84 4.09
CA ALA B 173 6.17 36.58 4.85
C ALA B 173 6.19 36.15 6.31
N LEU B 174 5.01 36.02 6.92
CA LEU B 174 4.93 35.58 8.30
C LEU B 174 5.48 34.17 8.48
N LEU B 175 5.22 33.31 7.49
CA LEU B 175 5.68 31.94 7.59
C LEU B 175 7.20 31.85 7.66
N GLU B 176 7.88 32.59 6.78
CA GLU B 176 9.33 32.61 6.87
C GLU B 176 9.80 33.19 8.20
N LEU B 177 9.14 34.22 8.70
CA LEU B 177 9.59 34.82 9.95
C LEU B 177 9.58 33.81 11.08
N CYS B 178 8.46 33.14 11.29
CA CYS B 178 8.35 32.18 12.39
C CYS B 178 8.96 30.83 12.06
N GLY B 179 9.02 30.48 10.78
CA GLY B 179 9.29 29.11 10.40
C GLY B 179 8.09 28.22 10.58
N GLY B 180 7.82 27.39 9.59
CA GLY B 180 6.63 26.58 9.54
C GLY B 180 6.45 26.08 8.14
N LYS B 181 5.29 25.48 7.88
CA LYS B 181 5.04 24.95 6.55
C LYS B 181 3.62 25.24 6.08
N ALA B 182 3.47 25.29 4.77
CA ALA B 182 2.18 25.34 4.12
C ALA B 182 1.63 23.94 3.92
N LEU B 183 0.31 23.82 3.94
CA LEU B 183 -0.35 22.54 3.71
C LEU B 183 -1.52 22.75 2.76
N ASN B 184 -1.67 21.88 1.78
CA ASN B 184 -2.80 21.95 0.85
C ASN B 184 -3.87 20.96 1.30
N VAL B 185 -4.90 21.47 1.96
CA VAL B 185 -6.00 20.66 2.46
C VAL B 185 -7.04 20.26 1.42
N ASN B 186 -6.98 20.83 0.21
CA ASN B 186 -8.02 20.55 -0.78
C ASN B 186 -7.97 19.12 -1.31
N LEU B 187 -6.87 18.40 -1.11
CA LEU B 187 -6.73 17.03 -1.56
C LEU B 187 -7.71 16.08 -0.85
N PRO B 188 -7.92 14.88 -1.40
CA PRO B 188 -8.87 13.94 -0.80
C PRO B 188 -8.29 13.20 0.40
N LEU B 189 -9.21 12.78 1.27
CA LEU B 189 -8.86 12.34 2.62
C LEU B 189 -7.78 11.27 2.64
N ASP B 190 -7.82 10.36 1.67
CA ASP B 190 -6.92 9.21 1.71
C ASP B 190 -5.44 9.59 1.69
N ARG B 191 -5.06 10.76 1.22
CA ARG B 191 -3.66 11.18 1.24
C ARG B 191 -3.36 12.26 2.27
N LEU B 192 -4.39 12.83 2.89
CA LEU B 192 -4.18 13.89 3.89
C LEU B 192 -3.29 13.46 5.05
N ASN B 193 -3.29 12.17 5.39
CA ASN B 193 -2.47 11.71 6.51
C ASN B 193 -1.03 12.18 6.39
N PHE B 194 -0.43 11.92 5.24
CA PHE B 194 0.96 12.27 5.02
C PHE B 194 1.12 13.76 4.77
N GLU B 195 0.09 14.42 4.29
CA GLU B 195 0.10 15.88 4.31
C GLU B 195 0.30 16.39 5.73
N LEU B 196 -0.51 15.92 6.68
CA LEU B 196 -0.36 16.41 8.04
C LEU B 196 0.93 15.93 8.68
N GLY B 197 1.43 14.79 8.26
CA GLY B 197 2.75 14.35 8.71
C GLY B 197 3.82 15.41 8.52
N VAL B 198 3.67 16.25 7.51
CA VAL B 198 4.64 17.32 7.25
C VAL B 198 4.86 18.15 8.50
N ALA B 199 3.78 18.40 9.23
CA ALA B 199 3.78 19.38 10.30
C ALA B 199 4.52 18.92 11.54
N ILE B 200 4.93 17.67 11.61
CA ILE B 200 5.50 17.17 12.85
C ILE B 200 6.68 18.03 13.27
N ASP B 201 6.61 18.55 14.48
CA ASP B 201 7.69 19.32 15.10
C ASP B 201 8.02 20.60 14.32
N GLN B 202 7.03 21.47 14.22
CA GLN B 202 7.13 22.75 13.52
C GLN B 202 6.40 23.83 14.32
N PHE B 203 6.80 25.07 14.11
CA PHE B 203 6.23 26.17 14.89
C PHE B 203 4.87 26.62 14.37
N LEU B 204 4.68 26.68 13.04
CA LEU B 204 3.42 27.13 12.45
C LEU B 204 2.99 26.24 11.30
N VAL B 205 1.70 26.28 11.01
CA VAL B 205 1.18 25.79 9.74
C VAL B 205 0.35 26.87 9.08
N VAL B 206 0.39 26.90 7.76
CA VAL B 206 -0.43 27.78 6.96
C VAL B 206 -1.27 26.93 6.04
N PHE B 207 -2.57 27.19 6.03
CA PHE B 207 -3.49 26.53 5.13
C PHE B 207 -3.83 27.51 4.02
N GLU B 208 -3.69 27.08 2.78
CA GLU B 208 -3.77 27.97 1.64
C GLU B 208 -5.11 27.90 0.93
N ASP B 209 -5.77 29.04 0.86
CA ASP B 209 -6.88 29.33 -0.03
C ASP B 209 -7.79 28.13 -0.23
N VAL B 210 -8.28 27.61 0.89
CA VAL B 210 -9.10 26.42 0.84
C VAL B 210 -10.34 26.71 0.01
N LYS B 211 -10.74 25.74 -0.80
CA LYS B 211 -12.01 25.86 -1.52
C LYS B 211 -13.19 25.54 -0.60
N GLY B 212 -14.19 26.40 -0.63
CA GLY B 212 -15.53 26.07 -0.15
C GLY B 212 -16.42 25.48 -1.23
N THR B 213 -17.70 25.80 -1.14
CA THR B 213 -18.69 25.25 -2.05
C THR B 213 -19.79 26.28 -2.29
N GLY B 214 -20.47 26.16 -3.43
CA GLY B 214 -21.63 26.98 -3.74
C GLY B 214 -21.32 28.42 -4.11
N GLY B 215 -20.11 28.89 -3.88
CA GLY B 215 -19.64 30.16 -4.41
C GLY B 215 -19.51 30.21 -5.92
N GLU B 216 -19.78 29.12 -6.63
CA GLU B 216 -19.83 29.17 -8.08
C GLU B 216 -21.01 29.98 -8.59
N SER B 217 -22.00 30.24 -7.74
CA SER B 217 -22.88 31.39 -7.92
C SER B 217 -22.07 32.63 -8.30
N ARG B 218 -20.91 32.78 -7.68
CA ARG B 218 -19.96 33.85 -7.93
C ARG B 218 -18.74 33.36 -8.71
N ASP B 219 -18.86 32.20 -9.34
CA ASP B 219 -17.77 31.49 -10.00
C ASP B 219 -16.54 31.34 -9.11
N LEU B 220 -16.77 30.84 -7.90
CA LEU B 220 -15.71 30.38 -7.03
C LEU B 220 -15.71 28.85 -7.06
N PRO B 221 -14.94 28.22 -7.94
CA PRO B 221 -15.00 26.76 -8.08
C PRO B 221 -15.04 26.01 -6.76
N SER B 222 -16.06 25.16 -6.61
CA SER B 222 -16.25 24.42 -5.37
C SER B 222 -15.16 23.38 -5.17
N GLY B 223 -14.93 23.06 -3.90
CA GLY B 223 -13.98 22.02 -3.56
C GLY B 223 -14.14 21.64 -2.10
N GLN B 224 -13.47 20.55 -1.73
CA GLN B 224 -13.72 19.93 -0.44
C GLN B 224 -12.94 20.57 0.71
N GLY B 225 -12.04 21.50 0.42
CA GLY B 225 -11.21 22.09 1.46
C GLY B 225 -11.94 22.40 2.75
N ILE B 226 -13.06 23.12 2.66
CA ILE B 226 -13.82 23.46 3.86
C ILE B 226 -14.37 22.20 4.54
N ASN B 227 -15.04 21.34 3.78
CA ASN B 227 -15.51 20.09 4.37
C ASN B 227 -14.36 19.33 5.01
N ASN B 228 -13.23 19.24 4.32
CA ASN B 228 -12.07 18.54 4.87
C ASN B 228 -11.70 19.13 6.21
N LEU B 229 -11.52 20.45 6.25
CA LEU B 229 -11.00 21.09 7.44
C LEU B 229 -11.94 20.90 8.62
N ASP B 230 -13.25 20.88 8.38
CA ASP B 230 -14.19 20.69 9.48
C ASP B 230 -14.15 19.30 10.07
N ASN B 231 -13.50 18.34 9.43
CA ASN B 231 -13.17 17.09 10.11
C ASN B 231 -12.17 17.30 11.22
N LEU B 232 -11.38 18.37 11.15
CA LEU B 232 -10.16 18.53 11.93
C LEU B 232 -10.31 19.60 13.01
N ARG B 233 -11.53 19.87 13.46
CA ARG B 233 -11.77 20.82 14.54
C ARG B 233 -10.78 20.59 15.65
N ASP B 234 -10.64 19.32 16.01
CA ASP B 234 -9.72 18.87 17.04
C ASP B 234 -8.32 19.44 16.86
N TYR B 235 -7.80 19.40 15.64
CA TYR B 235 -6.44 19.87 15.39
C TYR B 235 -6.28 21.35 15.66
N LEU B 236 -7.25 22.15 15.25
CA LEU B 236 -7.13 23.58 15.46
C LEU B 236 -7.17 23.94 16.94
N ASP B 237 -8.03 23.25 17.70
CA ASP B 237 -8.29 23.66 19.08
C ASP B 237 -7.04 23.61 19.94
N GLY B 238 -6.08 22.75 19.62
CA GLY B 238 -4.89 22.65 20.43
C GLY B 238 -5.16 22.16 21.83
N SER B 239 -6.28 21.49 22.05
CA SER B 239 -6.70 21.09 23.38
C SER B 239 -6.17 19.72 23.79
N VAL B 240 -5.86 18.85 22.84
CA VAL B 240 -5.40 17.49 23.14
C VAL B 240 -4.34 17.08 22.13
N LYS B 241 -3.41 16.25 22.57
CA LYS B 241 -2.34 15.81 21.68
C LYS B 241 -2.91 14.91 20.59
N VAL B 242 -2.55 15.19 19.35
CA VAL B 242 -2.99 14.42 18.20
C VAL B 242 -1.87 13.52 17.72
N ASN B 243 -2.21 12.58 16.84
CA ASN B 243 -1.30 11.53 16.37
C ASN B 243 -0.95 11.75 14.91
N LEU B 244 0.34 11.87 14.61
CA LEU B 244 0.83 12.31 13.31
C LEU B 244 1.75 11.27 12.69
N GLU B 245 1.80 11.23 11.36
CA GLU B 245 2.34 10.10 10.62
C GLU B 245 3.47 10.49 9.69
N LYS B 246 4.35 9.53 9.40
CA LYS B 246 5.18 9.56 8.19
C LYS B 246 5.24 8.16 7.62
N LYS B 247 5.60 8.07 6.34
CA LYS B 247 5.72 6.76 5.73
C LYS B 247 6.79 5.92 6.41
N HIS B 248 6.51 4.63 6.57
CA HIS B 248 7.40 3.70 7.27
C HIS B 248 7.83 4.23 8.62
N LEU B 249 6.97 5.03 9.25
CA LEU B 249 7.25 5.54 10.58
C LEU B 249 6.00 5.46 11.42
N ASN B 250 6.13 5.03 12.67
CA ASN B 250 5.00 4.99 13.57
C ASN B 250 4.61 6.40 14.02
N LYS B 251 3.37 6.52 14.49
CA LYS B 251 2.82 7.83 14.79
C LYS B 251 3.61 8.53 15.89
N ARG B 252 3.61 9.86 15.82
CA ARG B 252 4.12 10.74 16.86
C ARG B 252 2.94 11.47 17.49
N THR B 253 2.92 11.57 18.81
CA THR B 253 1.82 12.23 19.52
C THR B 253 2.28 13.57 20.06
N GLN B 254 1.60 14.64 19.68
CA GLN B 254 1.96 15.99 20.13
C GLN B 254 0.83 16.95 19.79
N ILE B 255 0.98 18.19 20.24
CA ILE B 255 -0.02 19.23 19.99
C ILE B 255 0.17 19.79 18.60
N PHE B 256 -0.93 19.97 17.89
CA PHE B 256 -0.88 20.53 16.54
C PHE B 256 -0.59 22.03 16.54
N PRO B 257 0.36 22.51 15.75
CA PRO B 257 0.77 23.94 15.78
C PRO B 257 -0.36 24.92 15.46
N PRO B 258 -0.22 26.17 15.88
CA PRO B 258 -1.13 27.25 15.49
C PRO B 258 -0.79 27.76 14.08
N GLY B 259 -1.58 28.72 13.57
CA GLY B 259 -1.34 29.15 12.21
C GLY B 259 -2.35 30.13 11.64
N ILE B 260 -2.43 30.13 10.30
CA ILE B 260 -3.17 31.12 9.51
C ILE B 260 -3.92 30.41 8.40
N VAL B 261 -5.12 30.89 8.08
CA VAL B 261 -5.92 30.38 6.97
C VAL B 261 -6.21 31.51 6.00
N THR B 262 -5.81 31.32 4.74
CA THR B 262 -6.14 32.28 3.69
C THR B 262 -7.39 31.82 2.97
N MET B 263 -8.12 32.79 2.42
CA MET B 263 -9.53 32.55 2.14
C MET B 263 -10.03 33.52 1.08
N ASN B 264 -10.22 33.05 -0.14
CA ASN B 264 -11.20 33.74 -0.95
C ASN B 264 -12.59 33.45 -0.37
N GLU B 265 -13.53 34.32 -0.67
CA GLU B 265 -14.67 34.57 0.23
C GLU B 265 -15.83 33.59 0.08
N TYR B 266 -15.54 32.29 0.21
CA TYR B 266 -16.58 31.31 0.50
C TYR B 266 -17.23 31.58 1.86
N SER B 267 -18.35 30.90 2.12
CA SER B 267 -19.08 30.95 3.39
C SER B 267 -18.36 30.13 4.47
N VAL B 268 -18.79 30.30 5.73
CA VAL B 268 -18.17 29.54 6.83
C VAL B 268 -19.16 29.00 7.86
N PRO B 269 -19.17 27.68 8.10
CA PRO B 269 -19.94 27.12 9.22
C PRO B 269 -19.42 27.55 10.59
N LYS B 270 -20.35 27.71 11.53
CA LYS B 270 -19.99 28.28 12.84
C LYS B 270 -19.04 27.39 13.63
N THR B 271 -19.08 26.06 13.44
CA THR B 271 -18.09 25.20 14.10
C THR B 271 -16.68 25.68 13.81
N LEU B 272 -16.43 26.05 12.57
CA LEU B 272 -15.11 26.51 12.19
C LEU B 272 -14.91 27.98 12.51
N GLN B 273 -15.92 28.81 12.27
CA GLN B 273 -15.79 30.21 12.62
C GLN B 273 -15.47 30.36 14.09
N ALA B 274 -16.08 29.54 14.94
CA ALA B 274 -15.82 29.57 16.38
C ALA B 274 -14.36 29.34 16.71
N ARG B 275 -13.58 28.78 15.81
CA ARG B 275 -12.22 28.38 16.11
C ARG B 275 -11.17 29.38 15.65
N PHE B 276 -11.51 30.24 14.71
CA PHE B 276 -10.68 31.43 14.51
C PHE B 276 -10.82 32.38 15.67
N VAL B 277 -9.82 33.25 15.82
CA VAL B 277 -9.89 34.33 16.78
C VAL B 277 -9.92 35.70 16.12
N LYS B 278 -9.46 35.84 14.89
CA LYS B 278 -9.40 37.15 14.26
C LYS B 278 -9.50 37.01 12.75
N GLN B 279 -10.48 37.67 12.15
CA GLN B 279 -10.59 37.74 10.71
C GLN B 279 -10.06 39.09 10.25
N ILE B 280 -9.21 39.07 9.24
CA ILE B 280 -8.62 40.28 8.69
C ILE B 280 -8.99 40.42 7.23
N ASP B 281 -9.55 41.56 6.88
CA ASP B 281 -9.93 41.91 5.52
C ASP B 281 -8.74 42.39 4.70
N PHE B 282 -8.85 42.24 3.38
CA PHE B 282 -7.84 42.71 2.43
C PHE B 282 -8.56 43.24 1.20
N ARG B 283 -8.01 44.28 0.56
CA ARG B 283 -8.69 44.84 -0.62
C ARG B 283 -7.76 45.22 -1.76
N PRO B 284 -8.19 45.02 -3.01
CA PRO B 284 -7.47 45.60 -4.15
C PRO B 284 -7.28 47.10 -3.99
N LYS B 285 -6.07 47.55 -4.29
CA LYS B 285 -5.72 48.96 -4.39
C LYS B 285 -4.89 49.12 -5.65
N ASP B 286 -5.53 49.59 -6.71
CA ASP B 286 -4.89 49.88 -7.99
C ASP B 286 -3.57 50.62 -7.85
N TYR B 287 -3.48 51.57 -6.91
CA TYR B 287 -2.23 52.29 -6.77
C TYR B 287 -1.07 51.41 -6.31
N LEU B 288 -1.35 50.32 -5.59
CA LEU B 288 -0.27 49.36 -5.34
C LEU B 288 0.10 48.64 -6.63
N LYS B 289 -0.87 48.34 -7.48
CA LYS B 289 -0.54 47.77 -8.78
C LYS B 289 0.37 48.72 -9.54
N HIS B 290 -0.03 49.98 -9.65
CA HIS B 290 0.76 50.96 -10.38
C HIS B 290 2.15 51.07 -9.80
N CYS B 291 2.25 51.06 -8.47
CA CYS B 291 3.56 51.12 -7.84
C CYS B 291 4.40 49.89 -8.17
N LEU B 292 3.84 48.70 -7.96
CA LEU B 292 4.59 47.47 -8.24
C LEU B 292 5.02 47.41 -9.70
N GLU B 293 4.11 47.75 -10.61
CA GLU B 293 4.44 47.80 -12.02
C GLU B 293 5.61 48.72 -12.33
N ARG B 294 5.89 49.69 -11.45
CA ARG B 294 7.01 50.59 -11.64
C ARG B 294 8.11 50.38 -10.61
N SER B 295 8.00 49.35 -9.80
CA SER B 295 8.93 49.08 -8.69
C SER B 295 9.26 47.60 -8.67
N GLU B 296 9.37 46.99 -9.84
CA GLU B 296 9.30 45.55 -9.97
C GLU B 296 10.45 44.82 -9.31
N PHE B 297 11.52 45.52 -8.94
CA PHE B 297 12.55 44.91 -8.10
C PHE B 297 11.98 44.34 -6.81
N LEU B 298 10.90 44.93 -6.29
CA LEU B 298 10.20 44.34 -5.15
C LEU B 298 9.76 42.91 -5.41
N LEU B 299 9.21 42.63 -6.59
CA LEU B 299 8.82 41.26 -6.91
C LEU B 299 10.00 40.42 -7.38
N GLU B 300 10.89 40.99 -8.19
CA GLU B 300 11.99 40.17 -8.71
C GLU B 300 12.84 39.63 -7.58
N LYS B 301 13.14 40.45 -6.59
CA LYS B 301 13.91 39.98 -5.45
C LYS B 301 13.03 39.36 -4.37
N ARG B 302 11.75 39.14 -4.67
CA ARG B 302 10.77 38.62 -3.72
C ARG B 302 10.76 39.39 -2.40
N ILE B 303 11.17 40.65 -2.43
CA ILE B 303 11.31 41.40 -1.19
C ILE B 303 10.00 41.40 -0.40
N ILE B 304 8.89 41.82 -1.02
CA ILE B 304 7.68 42.00 -0.22
C ILE B 304 7.14 40.69 0.35
N GLN B 305 7.32 39.57 -0.34
CA GLN B 305 6.79 38.33 0.22
C GLN B 305 7.72 37.68 1.23
N SER B 306 8.93 38.19 1.39
CA SER B 306 9.92 37.54 2.24
C SER B 306 9.73 37.95 3.69
N GLY B 307 10.29 37.16 4.59
CA GLY B 307 10.12 37.38 6.00
C GLY B 307 10.97 38.50 6.55
N ILE B 308 12.18 38.66 6.03
CA ILE B 308 13.13 39.60 6.62
C ILE B 308 12.57 41.01 6.63
N ALA B 309 11.76 41.36 5.63
CA ALA B 309 11.10 42.66 5.62
C ALA B 309 10.20 42.88 6.83
N LEU B 310 9.55 41.83 7.33
CA LEU B 310 8.74 42.00 8.55
C LEU B 310 9.61 42.26 9.76
N LEU B 311 10.74 41.58 9.88
CA LEU B 311 11.64 41.83 10.99
C LEU B 311 12.15 43.26 10.96
N LEU B 312 12.57 43.73 9.78
CA LEU B 312 12.97 45.12 9.65
C LEU B 312 11.84 46.07 10.01
N MET B 313 10.61 45.72 9.65
CA MET B 313 9.46 46.53 10.06
C MET B 313 9.36 46.60 11.58
N LEU B 314 9.43 45.46 12.24
CA LEU B 314 9.43 45.43 13.71
C LEU B 314 10.57 46.26 14.27
N ILE B 315 11.77 46.11 13.74
CA ILE B 315 12.91 46.88 14.24
C ILE B 315 12.66 48.37 14.07
N TRP B 316 12.11 48.78 12.93
CA TRP B 316 11.89 50.21 12.74
C TRP B 316 10.88 50.79 13.73
N TYR B 317 9.97 49.99 14.23
CA TYR B 317 8.81 50.53 14.92
C TYR B 317 8.69 50.21 16.41
N ARG B 318 9.13 49.05 16.87
CA ARG B 318 8.80 48.65 18.24
C ARG B 318 9.84 49.14 19.27
N PRO B 319 9.41 49.47 20.49
CA PRO B 319 10.37 49.67 21.58
C PRO B 319 11.24 48.44 21.80
N VAL B 320 12.52 48.68 22.09
CA VAL B 320 13.47 47.58 22.23
C VAL B 320 13.03 46.59 23.31
N ALA B 321 12.45 47.09 24.39
CA ALA B 321 12.02 46.21 25.47
C ALA B 321 10.96 45.20 25.05
N GLU B 322 10.26 45.44 23.95
CA GLU B 322 9.32 44.44 23.43
C GLU B 322 10.02 43.21 22.89
N PHE B 323 11.30 43.29 22.59
CA PHE B 323 12.08 42.12 22.22
C PHE B 323 12.60 41.38 23.46
N ALA B 324 12.68 40.07 23.33
CA ALA B 324 13.14 39.22 24.42
C ALA B 324 14.52 39.63 24.89
N GLN B 325 14.74 39.45 26.19
CA GLN B 325 15.85 40.09 26.89
C GLN B 325 17.18 39.91 26.18
N SER B 326 17.50 38.69 25.75
CA SER B 326 18.83 38.43 25.21
C SER B 326 19.12 39.24 23.95
N ILE B 327 18.21 39.21 22.97
CA ILE B 327 18.48 39.86 21.68
C ILE B 327 18.46 41.37 21.75
N GLN B 328 17.97 41.94 22.86
CA GLN B 328 17.77 43.39 22.94
C GLN B 328 18.99 44.18 22.48
N SER B 329 20.20 43.75 22.83
CA SER B 329 21.38 44.47 22.36
C SER B 329 21.52 44.43 20.84
N ARG B 330 21.40 43.25 20.24
CA ARG B 330 21.46 43.19 18.77
C ARG B 330 20.41 44.09 18.14
N ILE B 331 19.24 44.22 18.76
CA ILE B 331 18.23 45.13 18.23
C ILE B 331 18.69 46.58 18.38
N VAL B 332 19.23 46.96 19.53
CA VAL B 332 19.76 48.30 19.69
C VAL B 332 20.74 48.60 18.57
N GLU B 333 21.63 47.66 18.30
CA GLU B 333 22.64 47.83 17.27
C GLU B 333 22.01 48.04 15.90
N TRP B 334 21.06 47.18 15.53
CA TRP B 334 20.42 47.35 14.24
C TRP B 334 19.54 48.60 14.18
N LYS B 335 18.88 48.96 15.28
CA LYS B 335 18.15 50.23 15.30
C LYS B 335 19.08 51.37 14.97
N GLU B 336 20.26 51.39 15.58
CA GLU B 336 21.21 52.46 15.32
C GLU B 336 21.63 52.46 13.87
N ARG B 337 21.91 51.28 13.31
CA ARG B 337 22.29 51.20 11.91
C ARG B 337 21.21 51.80 11.02
N LEU B 338 19.97 51.40 11.23
CA LEU B 338 18.88 51.87 10.39
C LEU B 338 18.65 53.36 10.58
N ASP B 339 18.58 53.80 11.84
CA ASP B 339 18.41 55.21 12.12
C ASP B 339 19.53 56.04 11.51
N LYS B 340 20.72 55.50 11.41
CA LYS B 340 21.82 56.20 10.76
C LYS B 340 21.65 56.22 9.25
N GLU B 341 21.39 55.07 8.64
CA GLU B 341 21.35 54.99 7.19
C GLU B 341 20.13 55.68 6.56
N PHE B 342 19.09 55.96 7.33
CA PHE B 342 17.91 56.63 6.79
C PHE B 342 17.41 57.67 7.77
N SER B 343 17.01 58.84 7.26
CA SER B 343 16.22 59.76 8.05
C SER B 343 14.76 59.32 8.10
N LEU B 344 14.03 59.89 9.05
CA LEU B 344 12.58 59.72 9.09
C LEU B 344 11.91 60.37 7.88
N SER B 345 12.39 61.54 7.47
CA SER B 345 11.82 62.21 6.29
C SER B 345 11.97 61.38 5.04
N VAL B 346 13.11 60.70 4.89
CA VAL B 346 13.26 59.77 3.77
C VAL B 346 12.17 58.72 3.82
N TYR B 347 11.96 58.15 5.00
CA TYR B 347 10.90 57.17 5.15
C TYR B 347 9.54 57.80 4.86
N GLN B 348 9.31 59.05 5.29
CA GLN B 348 8.08 59.74 4.92
C GLN B 348 7.95 59.88 3.42
N LYS B 349 9.03 60.24 2.74
CA LYS B 349 8.99 60.33 1.30
C LYS B 349 8.61 58.98 0.69
N MET B 350 9.28 57.91 1.12
CA MET B 350 8.97 56.60 0.56
C MET B 350 7.50 56.26 0.76
N LYS B 351 6.96 56.50 1.95
CA LYS B 351 5.53 56.31 2.14
C LYS B 351 4.73 57.18 1.19
N PHE B 352 5.11 58.45 1.09
CA PHE B 352 4.37 59.34 0.19
C PHE B 352 4.43 58.84 -1.26
N ASN B 353 5.61 58.42 -1.73
CA ASN B 353 5.70 57.85 -3.07
C ASN B 353 4.70 56.72 -3.26
N VAL B 354 4.62 55.82 -2.30
CA VAL B 354 3.68 54.71 -2.39
C VAL B 354 2.25 55.24 -2.36
N ALA B 355 1.99 56.22 -1.51
CA ALA B 355 0.65 56.81 -1.46
C ALA B 355 0.27 57.43 -2.80
N MET B 356 1.21 58.07 -3.47
CA MET B 356 0.97 58.62 -4.80
C MET B 356 0.87 57.55 -5.88
N GLY B 357 1.17 56.29 -5.56
CA GLY B 357 1.24 55.26 -6.59
C GLY B 357 2.38 55.45 -7.57
N ILE B 358 3.29 56.37 -7.30
CA ILE B 358 4.50 56.51 -8.08
C ILE B 358 5.48 55.41 -7.66
N GLY B 359 6.46 55.13 -8.51
CA GLY B 359 7.52 54.23 -8.09
C GLY B 359 8.14 54.66 -6.77
N VAL B 360 8.56 53.70 -5.96
CA VAL B 360 8.88 54.00 -4.56
C VAL B 360 10.02 55.01 -4.45
N LEU B 361 10.92 55.04 -5.42
CA LEU B 361 12.12 55.85 -5.33
C LEU B 361 12.02 57.08 -6.25
N ASP B 362 12.44 58.22 -5.72
CA ASP B 362 12.65 59.43 -6.51
C ASP B 362 13.80 60.23 -5.91
N LYS C 1 44.02 -8.48 -3.99
CA LYS C 1 43.82 -7.17 -4.61
C LYS C 1 42.35 -6.88 -4.78
N GLN C 2 41.96 -5.61 -4.72
CA GLN C 2 40.58 -5.24 -4.48
C GLN C 2 40.08 -4.18 -5.46
N VAL C 3 38.76 -4.08 -5.51
CA VAL C 3 38.08 -3.09 -6.33
C VAL C 3 38.42 -1.69 -5.84
N SER C 4 38.72 -0.78 -6.76
CA SER C 4 38.64 0.64 -6.45
C SER C 4 37.21 1.12 -6.65
N TRP C 5 36.51 1.39 -5.55
CA TRP C 5 35.20 2.03 -5.65
C TRP C 5 35.31 3.45 -6.17
N LYS C 6 36.47 4.08 -5.97
CA LYS C 6 36.66 5.45 -6.42
C LYS C 6 36.63 5.55 -7.94
N LEU C 7 37.25 4.60 -8.63
CA LEU C 7 37.16 4.53 -10.09
C LEU C 7 35.71 4.36 -10.56
N VAL C 8 34.89 3.63 -9.83
CA VAL C 8 33.49 3.52 -10.23
C VAL C 8 32.77 4.85 -10.03
N THR C 9 33.01 5.50 -8.90
CA THR C 9 32.32 6.75 -8.65
C THR C 9 32.75 7.82 -9.66
N GLU C 10 34.02 7.80 -10.07
CA GLU C 10 34.44 8.63 -11.19
C GLU C 10 33.63 8.35 -12.45
N TYR C 11 33.51 7.08 -12.84
CA TYR C 11 32.73 6.78 -14.03
C TYR C 11 31.28 7.26 -13.89
N ALA C 12 30.69 7.06 -12.72
CA ALA C 12 29.30 7.48 -12.56
C ALA C 12 29.20 8.99 -12.69
N MET C 13 30.14 9.71 -12.07
CA MET C 13 30.16 11.16 -12.17
C MET C 13 30.41 11.59 -13.61
N GLU C 14 31.40 10.97 -14.24
CA GLU C 14 31.73 11.29 -15.63
C GLU C 14 30.54 11.14 -16.55
N THR C 15 29.84 10.00 -16.48
CA THR C 15 28.68 9.80 -17.33
C THR C 15 27.42 10.44 -16.78
N LYS C 16 27.41 10.89 -15.54
CA LYS C 16 26.20 11.39 -14.90
C LYS C 16 25.07 10.37 -14.95
N CYS C 17 25.46 9.10 -14.81
CA CYS C 17 24.51 8.00 -14.76
C CYS C 17 23.89 7.94 -13.38
N ASP C 18 22.56 7.82 -13.32
CA ASP C 18 21.87 7.74 -12.05
C ASP C 18 20.83 6.63 -12.03
N ASP C 19 21.04 5.60 -12.84
CA ASP C 19 20.34 4.33 -12.71
C ASP C 19 21.35 3.27 -12.34
N VAL C 20 21.09 2.55 -11.25
CA VAL C 20 21.99 1.52 -10.77
C VAL C 20 22.17 0.42 -11.81
N LEU C 21 21.10 0.09 -12.55
CA LEU C 21 21.21 -0.97 -13.55
C LEU C 21 22.00 -0.51 -14.75
N LEU C 22 21.69 0.67 -15.26
CA LEU C 22 22.43 1.20 -16.39
C LEU C 22 23.90 1.35 -16.04
N LEU C 23 24.20 1.91 -14.87
CA LEU C 23 25.58 1.97 -14.41
C LEU C 23 26.20 0.59 -14.37
N LEU C 24 25.54 -0.36 -13.70
CA LEU C 24 26.07 -1.71 -13.57
C LEU C 24 26.32 -2.31 -14.94
N GLY C 25 25.28 -2.32 -15.78
CA GLY C 25 25.36 -3.00 -17.05
C GLY C 25 26.46 -2.47 -17.94
N MET C 26 26.63 -1.15 -17.96
CA MET C 26 27.74 -0.56 -18.70
C MET C 26 29.08 -0.92 -18.10
N TYR C 27 29.23 -0.81 -16.78
CA TYR C 27 30.54 -1.08 -16.20
C TYR C 27 30.98 -2.51 -16.49
N LEU C 28 30.05 -3.45 -16.45
CA LEU C 28 30.36 -4.83 -16.76
C LEU C 28 30.91 -5.04 -18.16
N GLU C 29 30.56 -4.18 -19.12
CA GLU C 29 31.11 -4.33 -20.46
C GLU C 29 32.62 -4.13 -20.51
N PHE C 30 33.18 -3.34 -19.60
CA PHE C 30 34.60 -3.00 -19.67
C PHE C 30 35.52 -4.17 -19.33
N GLN C 31 34.98 -5.30 -18.91
CA GLN C 31 35.83 -6.41 -18.49
C GLN C 31 36.56 -7.11 -19.65
N TYR C 32 36.07 -7.03 -20.87
CA TYR C 32 36.81 -7.56 -22.01
C TYR C 32 37.87 -6.56 -22.44
N SER C 33 38.84 -7.02 -23.22
CA SER C 33 39.92 -6.13 -23.57
C SER C 33 39.46 -5.07 -24.56
N PHE C 34 39.67 -3.82 -24.18
CA PHE C 34 39.60 -2.68 -25.09
C PHE C 34 40.37 -2.96 -26.38
N GLU C 35 41.48 -3.69 -26.27
CA GLU C 35 42.32 -3.98 -27.42
C GLU C 35 41.54 -4.72 -28.50
N MET C 36 40.57 -5.52 -28.10
CA MET C 36 39.73 -6.27 -29.01
C MET C 36 38.30 -5.77 -29.00
N CYS C 37 38.00 -4.78 -28.18
CA CYS C 37 36.62 -4.41 -27.94
C CYS C 37 36.02 -3.84 -29.21
N LEU C 38 35.18 -4.64 -29.86
CA LEU C 38 34.60 -4.23 -31.13
C LEU C 38 33.76 -2.97 -31.01
N LYS C 39 33.14 -2.74 -29.84
CA LYS C 39 32.48 -1.46 -29.64
C LYS C 39 33.47 -0.30 -29.67
N CYS C 40 34.63 -0.47 -29.06
CA CYS C 40 35.67 0.56 -29.20
C CYS C 40 36.11 0.68 -30.65
N ILE C 41 36.24 -0.45 -31.34
CA ILE C 41 36.80 -0.45 -32.69
C ILE C 41 35.75 0.03 -33.71
N LYS C 42 34.46 -0.24 -33.45
CA LYS C 42 33.40 0.49 -34.15
C LYS C 42 33.33 1.95 -33.72
N LYS C 43 33.78 2.25 -32.52
CA LYS C 43 33.70 3.59 -31.93
C LYS C 43 32.29 4.18 -32.04
N GLU C 44 31.30 3.41 -31.60
CA GLU C 44 29.90 3.80 -31.73
C GLU C 44 29.36 4.60 -30.54
N GLN C 45 29.60 4.14 -29.31
CA GLN C 45 28.99 4.75 -28.12
C GLN C 45 29.98 5.52 -27.24
N PRO C 46 29.86 6.85 -27.12
CA PRO C 46 30.88 7.62 -26.38
C PRO C 46 31.08 7.17 -24.95
N SER C 47 29.99 6.93 -24.23
CA SER C 47 30.07 6.51 -22.84
C SER C 47 30.66 5.14 -22.69
N HIS C 48 30.86 4.42 -23.79
CA HIS C 48 31.75 3.27 -23.78
C HIS C 48 33.16 3.66 -24.20
N TYR C 49 33.33 4.09 -25.45
CA TYR C 49 34.65 4.02 -26.05
C TYR C 49 35.64 5.01 -25.43
N LYS C 50 35.18 6.12 -24.88
CA LYS C 50 36.10 7.03 -24.22
C LYS C 50 36.76 6.39 -23.01
N TYR C 51 36.08 5.46 -22.36
CA TYR C 51 36.38 5.10 -20.98
C TYR C 51 36.92 3.69 -20.83
N HIS C 52 36.60 2.80 -21.77
CA HIS C 52 36.89 1.38 -21.59
C HIS C 52 38.33 1.14 -21.16
N GLU C 53 39.28 1.71 -21.90
CA GLU C 53 40.67 1.38 -21.66
C GLU C 53 41.18 1.90 -20.32
N LYS C 54 40.62 3.00 -19.82
CA LYS C 54 40.96 3.43 -18.46
C LYS C 54 40.48 2.44 -17.41
N HIS C 55 39.18 2.13 -17.42
CA HIS C 55 38.60 1.35 -16.34
C HIS C 55 38.95 -0.13 -16.39
N TYR C 56 39.44 -0.61 -17.53
CA TYR C 56 39.63 -2.02 -17.83
C TYR C 56 40.01 -2.91 -16.64
N ALA C 57 41.16 -2.66 -16.00
CA ALA C 57 41.62 -3.58 -14.96
C ALA C 57 40.68 -3.63 -13.78
N ASN C 58 40.13 -2.48 -13.38
CA ASN C 58 39.16 -2.48 -12.29
C ASN C 58 37.87 -3.18 -12.67
N ALA C 59 37.47 -3.11 -13.93
CA ALA C 59 36.29 -3.85 -14.38
C ALA C 59 36.49 -5.36 -14.26
N ALA C 60 37.71 -5.85 -14.55
CA ALA C 60 37.96 -7.28 -14.41
C ALA C 60 37.86 -7.75 -12.96
N ILE C 61 38.36 -6.96 -12.01
CA ILE C 61 38.23 -7.31 -10.60
C ILE C 61 36.78 -7.15 -10.13
N PHE C 62 36.10 -6.12 -10.62
CA PHE C 62 34.68 -5.97 -10.34
C PHE C 62 33.88 -7.16 -10.85
N ALA C 63 34.26 -7.69 -12.01
CA ALA C 63 33.57 -8.86 -12.54
C ALA C 63 33.58 -10.02 -11.55
N ASP C 64 34.66 -10.19 -10.80
CA ASP C 64 34.73 -11.24 -9.79
C ASP C 64 34.11 -10.87 -8.45
N SER C 65 33.65 -9.64 -8.27
CA SER C 65 33.18 -9.20 -6.95
C SER C 65 31.91 -9.90 -6.52
N LYS C 66 31.79 -10.10 -5.21
CA LYS C 66 30.59 -10.58 -4.56
C LYS C 66 29.63 -9.47 -4.09
N ASN C 67 29.97 -8.20 -4.31
CA ASN C 67 29.27 -7.08 -3.68
C ASN C 67 28.57 -6.18 -4.69
N GLN C 68 28.45 -6.62 -5.93
CA GLN C 68 28.38 -5.69 -7.06
C GLN C 68 27.33 -4.60 -6.90
N LYS C 69 26.11 -4.95 -6.50
CA LYS C 69 25.06 -3.93 -6.42
C LYS C 69 25.31 -2.88 -5.34
N THR C 70 26.00 -3.23 -4.25
CA THR C 70 26.28 -2.23 -3.22
C THR C 70 27.26 -1.18 -3.74
N ILE C 71 28.23 -1.62 -4.54
CA ILE C 71 29.19 -0.69 -5.13
C ILE C 71 28.48 0.30 -6.03
N CYS C 72 27.60 -0.22 -6.91
CA CYS C 72 26.81 0.65 -7.77
C CYS C 72 25.88 1.55 -6.96
N GLN C 73 25.36 1.05 -5.86
CA GLN C 73 24.43 1.87 -5.08
C GLN C 73 25.14 3.12 -4.55
N GLN C 74 26.30 2.95 -3.95
CA GLN C 74 27.07 4.10 -3.49
C GLN C 74 27.43 5.03 -4.63
N ALA C 75 27.77 4.49 -5.78
CA ALA C 75 28.13 5.32 -6.93
C ALA C 75 26.95 6.17 -7.39
N VAL C 76 25.79 5.56 -7.57
CA VAL C 76 24.62 6.31 -8.00
C VAL C 76 24.21 7.34 -6.94
N ASP C 77 24.38 7.00 -5.66
CA ASP C 77 24.09 7.97 -4.62
C ASP C 77 24.90 9.25 -4.79
N THR C 78 26.17 9.11 -5.17
CA THR C 78 27.03 10.27 -5.28
C THR C 78 26.58 11.18 -6.41
N VAL C 79 26.21 10.60 -7.54
CA VAL C 79 25.65 11.38 -8.65
C VAL C 79 24.34 12.03 -8.27
N LEU C 80 23.47 11.31 -7.56
CA LEU C 80 22.25 11.91 -7.06
C LEU C 80 22.52 13.02 -6.05
N ALA C 81 23.46 12.79 -5.13
CA ALA C 81 23.76 13.83 -4.15
C ALA C 81 24.25 15.11 -4.83
N LYS C 82 24.99 14.95 -5.91
CA LYS C 82 25.47 16.11 -6.66
C LYS C 82 24.32 16.98 -7.14
N LYS C 83 23.28 16.38 -7.70
CA LYS C 83 22.13 17.15 -8.18
C LYS C 83 21.44 17.92 -7.07
N ARG C 84 21.26 17.31 -5.90
CA ARG C 84 20.58 18.04 -4.84
C ARG C 84 21.40 19.23 -4.35
N VAL C 85 22.70 19.06 -4.16
CA VAL C 85 23.55 20.19 -3.79
C VAL C 85 23.39 21.32 -4.79
N ASP C 86 23.51 21.02 -6.08
CA ASP C 86 23.40 22.04 -7.11
C ASP C 86 22.04 22.71 -7.12
N SER C 87 20.97 21.95 -6.93
CA SER C 87 19.63 22.52 -6.97
C SER C 87 19.37 23.52 -5.84
N LEU C 88 20.13 23.48 -4.75
CA LEU C 88 20.09 24.62 -3.83
C LEU C 88 21.02 25.74 -4.26
N GLN C 89 22.27 25.43 -4.54
CA GLN C 89 23.27 26.48 -4.57
C GLN C 89 23.31 27.29 -5.87
N LEU C 90 22.91 26.74 -7.00
CA LEU C 90 23.07 27.45 -8.26
C LEU C 90 21.96 28.49 -8.44
N THR C 91 22.30 29.59 -9.11
CA THR C 91 21.26 30.45 -9.66
C THR C 91 20.58 29.78 -10.85
N ARG C 92 19.33 30.16 -11.08
CA ARG C 92 18.61 29.72 -12.27
C ARG C 92 19.34 30.12 -13.55
N GLU C 93 20.11 31.20 -13.52
CA GLU C 93 20.93 31.55 -14.68
C GLU C 93 22.06 30.54 -14.92
N GLN C 94 22.77 30.13 -13.87
CA GLN C 94 23.79 29.11 -14.05
C GLN C 94 23.18 27.79 -14.51
N MET C 95 22.02 27.42 -13.97
CA MET C 95 21.35 26.21 -14.45
C MET C 95 21.15 26.26 -15.95
N LEU C 96 20.59 27.36 -16.44
CA LEU C 96 20.29 27.46 -17.86
C LEU C 96 21.59 27.42 -18.66
N THR C 97 22.60 28.12 -18.18
CA THR C 97 23.91 28.09 -18.82
C THR C 97 24.46 26.67 -18.89
N ASN C 98 24.30 25.89 -17.82
CA ASN C 98 24.71 24.49 -17.86
C ASN C 98 23.91 23.70 -18.88
N ARG C 99 22.59 23.88 -18.90
CA ARG C 99 21.77 23.12 -19.84
C ARG C 99 22.21 23.40 -21.27
N PHE C 100 22.45 24.66 -21.60
CA PHE C 100 22.96 25.01 -22.91
C PHE C 100 24.28 24.30 -23.22
N ASN C 101 25.20 24.26 -22.26
CA ASN C 101 26.48 23.61 -22.48
C ASN C 101 26.33 22.17 -22.94
N ASP C 102 25.42 21.44 -22.32
CA ASP C 102 25.26 20.02 -22.65
C ASP C 102 24.68 19.84 -24.05
N LEU C 103 23.67 20.63 -24.39
CA LEU C 103 23.13 20.58 -25.74
C LEU C 103 24.19 20.93 -26.76
N LEU C 104 25.01 21.93 -26.45
CA LEU C 104 26.08 22.34 -27.34
C LEU C 104 27.12 21.25 -27.56
N ASP C 105 27.39 20.42 -26.56
CA ASP C 105 28.23 19.25 -26.80
C ASP C 105 27.60 18.29 -27.80
N ARG C 106 26.30 18.03 -27.66
CA ARG C 106 25.63 17.18 -28.64
C ARG C 106 25.57 17.83 -30.02
N MET C 107 25.49 19.16 -30.07
CA MET C 107 25.57 19.81 -31.37
C MET C 107 26.96 19.65 -31.98
N ASP C 108 28.00 19.84 -31.19
CA ASP C 108 29.34 19.55 -31.68
C ASP C 108 29.46 18.12 -32.18
N ILE C 109 28.88 17.16 -31.47
CA ILE C 109 28.97 15.76 -31.89
C ILE C 109 28.13 15.52 -33.14
N MET C 110 26.89 15.99 -33.14
CA MET C 110 25.98 15.66 -34.25
C MET C 110 26.54 16.12 -35.58
N PHE C 111 26.93 17.36 -35.67
CA PHE C 111 27.43 17.92 -36.92
C PHE C 111 28.91 17.65 -37.13
N GLY C 112 29.51 16.81 -36.30
CA GLY C 112 30.89 16.43 -36.43
C GLY C 112 31.14 15.44 -37.56
N SER C 113 32.35 14.88 -37.54
CA SER C 113 32.76 13.80 -38.43
C SER C 113 31.98 12.51 -38.18
N THR C 114 31.14 12.46 -37.15
CA THR C 114 30.05 11.49 -37.13
C THR C 114 29.23 11.54 -38.39
N GLY C 115 29.25 12.67 -39.11
CA GLY C 115 28.43 12.89 -40.29
C GLY C 115 26.94 12.84 -39.99
N SER C 116 26.59 12.73 -38.72
CA SER C 116 25.32 12.12 -38.34
C SER C 116 24.13 13.02 -38.62
N ALA C 117 24.34 14.27 -39.03
CA ALA C 117 23.23 15.16 -39.33
C ALA C 117 23.59 16.13 -40.45
N ASP C 118 22.57 16.58 -41.15
CA ASP C 118 22.69 17.65 -42.14
C ASP C 118 22.15 18.95 -41.54
N ILE C 119 23.06 19.90 -41.32
CA ILE C 119 22.68 21.22 -40.81
C ILE C 119 21.68 21.92 -41.73
N GLU C 120 21.68 21.60 -43.02
CA GLU C 120 20.69 22.18 -43.92
C GLU C 120 19.29 21.71 -43.58
N GLU C 121 19.14 20.45 -43.20
CA GLU C 121 17.84 19.99 -42.73
C GLU C 121 17.44 20.72 -41.46
N TRP C 122 18.35 20.78 -40.49
CA TRP C 122 18.02 21.44 -39.23
C TRP C 122 17.73 22.93 -39.43
N MET C 123 18.48 23.59 -40.31
CA MET C 123 18.22 24.99 -40.60
C MET C 123 16.91 25.22 -41.31
N ALA C 124 16.47 24.29 -42.15
CA ALA C 124 15.13 24.40 -42.70
C ALA C 124 14.09 24.46 -41.59
N GLY C 125 14.28 23.66 -40.53
CA GLY C 125 13.37 23.69 -39.41
C GLY C 125 13.29 25.06 -38.74
N VAL C 126 14.43 25.73 -38.63
CA VAL C 126 14.44 27.09 -38.07
C VAL C 126 13.60 28.02 -38.92
N ALA C 127 13.69 27.88 -40.25
CA ALA C 127 12.87 28.71 -41.12
C ALA C 127 11.39 28.43 -40.91
N TRP C 128 11.04 27.15 -40.74
CA TRP C 128 9.64 26.80 -40.49
C TRP C 128 9.16 27.37 -39.17
N LEU C 129 9.93 27.16 -38.11
CA LEU C 129 9.57 27.70 -36.80
C LEU C 129 9.48 29.21 -36.81
N HIS C 130 10.48 29.88 -37.38
CA HIS C 130 10.44 31.33 -37.38
C HIS C 130 9.24 31.86 -38.17
N CYS C 131 8.74 31.09 -39.11
CA CYS C 131 7.55 31.47 -39.86
C CYS C 131 6.27 31.32 -39.06
N LEU C 132 6.25 30.47 -38.03
CA LEU C 132 4.99 30.10 -37.38
C LEU C 132 4.33 31.27 -36.67
N LEU C 133 5.09 32.07 -35.92
CA LEU C 133 4.54 33.21 -35.22
C LEU C 133 5.28 34.50 -35.57
N PRO C 134 4.62 35.64 -35.49
CA PRO C 134 5.36 36.91 -35.50
C PRO C 134 6.47 36.91 -34.46
N LYS C 135 7.60 37.50 -34.84
CA LYS C 135 8.64 37.88 -33.89
C LYS C 135 9.16 36.68 -33.08
N MET C 136 9.11 35.50 -33.68
CA MET C 136 9.32 34.24 -32.97
C MET C 136 10.52 34.25 -32.02
N ASP C 137 11.67 34.73 -32.48
CA ASP C 137 12.85 34.68 -31.62
C ASP C 137 12.72 35.56 -30.38
N SER C 138 12.05 36.70 -30.48
CA SER C 138 11.81 37.49 -29.28
C SER C 138 10.91 36.76 -28.31
N VAL C 139 9.97 35.96 -28.80
CA VAL C 139 9.12 35.15 -27.93
C VAL C 139 9.95 34.14 -27.14
N VAL C 140 10.90 33.49 -27.80
CA VAL C 140 11.75 32.54 -27.07
C VAL C 140 12.58 33.26 -26.02
N TYR C 141 13.17 34.40 -26.39
CA TYR C 141 13.96 35.14 -25.42
C TYR C 141 13.13 35.59 -24.24
N ASP C 142 11.92 36.11 -24.48
CA ASP C 142 11.06 36.53 -23.39
C ASP C 142 10.66 35.36 -22.51
N PHE C 143 10.38 34.20 -23.12
CA PHE C 143 10.07 33.01 -22.33
C PHE C 143 11.27 32.55 -21.50
N LEU C 144 12.45 32.48 -22.11
CA LEU C 144 13.63 32.09 -21.35
C LEU C 144 13.87 33.01 -20.16
N LYS C 145 13.77 34.31 -20.37
CA LYS C 145 13.89 35.25 -19.25
C LYS C 145 12.89 34.92 -18.16
N CYS C 146 11.64 34.74 -18.56
CA CYS C 146 10.59 34.44 -17.59
C CYS C 146 10.93 33.23 -16.74
N MET C 147 11.48 32.18 -17.33
CA MET C 147 11.82 30.99 -16.55
C MET C 147 13.02 31.24 -15.64
N VAL C 148 14.02 31.98 -16.11
CA VAL C 148 15.13 32.34 -15.22
C VAL C 148 14.63 33.21 -14.08
N TYR C 149 13.73 34.16 -14.37
CA TYR C 149 13.32 35.12 -13.34
C TYR C 149 12.39 34.50 -12.30
N ASN C 150 11.43 33.68 -12.72
CA ASN C 150 10.57 32.98 -11.77
C ASN C 150 9.88 33.95 -10.81
N ILE C 151 9.30 35.01 -11.37
CA ILE C 151 8.57 36.02 -10.57
C ILE C 151 7.31 35.38 -10.00
N PRO C 152 7.06 35.46 -8.69
CA PRO C 152 5.88 34.78 -8.14
C PRO C 152 4.57 35.22 -8.77
N LYS C 153 3.66 34.26 -8.92
CA LYS C 153 2.36 34.39 -9.59
C LYS C 153 2.43 34.74 -11.07
N LYS C 154 3.41 35.52 -11.49
CA LYS C 154 3.64 35.83 -12.91
C LYS C 154 4.58 34.80 -13.54
N ARG C 155 4.11 33.56 -13.65
CA ARG C 155 5.01 32.46 -13.99
C ARG C 155 4.59 31.60 -15.17
N TYR C 156 3.34 31.64 -15.61
CA TYR C 156 2.82 30.65 -16.54
C TYR C 156 2.31 31.30 -17.82
N TRP C 157 2.52 30.59 -18.94
CA TRP C 157 2.01 31.00 -20.24
C TRP C 157 0.96 30.01 -20.73
N LEU C 158 -0.13 30.53 -21.26
CA LEU C 158 -1.28 29.76 -21.69
C LEU C 158 -1.36 29.74 -23.21
N PHE C 159 -1.36 28.55 -23.80
CA PHE C 159 -1.41 28.40 -25.25
C PHE C 159 -2.82 27.99 -25.65
N LYS C 160 -3.40 28.69 -26.61
CA LYS C 160 -4.78 28.48 -27.02
C LYS C 160 -4.91 28.40 -28.53
N GLY C 161 -6.10 28.00 -28.98
CA GLY C 161 -6.42 27.91 -30.38
C GLY C 161 -6.52 26.49 -30.90
N PRO C 162 -6.96 26.37 -32.16
CA PRO C 162 -7.46 25.08 -32.65
C PRO C 162 -6.46 23.94 -32.52
N ILE C 163 -7.01 22.73 -32.57
CA ILE C 163 -6.19 21.53 -32.72
C ILE C 163 -5.42 21.55 -34.05
N ASP C 164 -4.25 20.93 -34.05
CA ASP C 164 -3.31 20.98 -35.17
C ASP C 164 -2.95 22.43 -35.51
N SER C 165 -2.48 23.14 -34.50
CA SER C 165 -1.90 24.47 -34.65
C SER C 165 -0.49 24.52 -34.08
N GLY C 166 0.10 23.38 -33.79
CA GLY C 166 1.51 23.29 -33.47
C GLY C 166 1.87 23.65 -32.05
N LYS C 167 0.88 23.96 -31.21
CA LYS C 167 1.19 24.35 -29.85
C LYS C 167 1.97 23.28 -29.09
N THR C 168 1.59 22.01 -29.19
CA THR C 168 2.42 21.01 -28.51
C THR C 168 3.77 20.82 -29.21
N THR C 169 3.84 20.97 -30.53
CA THR C 169 5.14 20.99 -31.19
C THR C 169 6.05 22.07 -30.60
N LEU C 170 5.53 23.28 -30.42
CA LEU C 170 6.33 24.34 -29.82
C LEU C 170 6.65 24.02 -28.37
N ALA C 171 5.70 23.48 -27.63
CA ALA C 171 5.96 23.19 -26.23
C ALA C 171 7.09 22.19 -26.09
N ALA C 172 7.10 21.15 -26.93
CA ALA C 172 8.15 20.17 -26.88
C ALA C 172 9.52 20.79 -27.06
N ALA C 173 9.63 21.73 -28.00
CA ALA C 173 10.92 22.36 -28.28
C ALA C 173 11.43 23.14 -27.08
N LEU C 174 10.56 23.93 -26.45
CA LEU C 174 10.96 24.62 -25.23
C LEU C 174 11.32 23.64 -24.13
N LEU C 175 10.54 22.58 -23.98
CA LEU C 175 10.80 21.63 -22.91
C LEU C 175 12.14 20.92 -23.12
N GLU C 176 12.49 20.63 -24.37
CA GLU C 176 13.81 20.06 -24.62
C GLU C 176 14.90 21.11 -24.46
N LEU C 177 14.61 22.36 -24.77
CA LEU C 177 15.61 23.40 -24.62
C LEU C 177 16.00 23.54 -23.17
N CYS C 178 15.03 23.71 -22.30
CA CYS C 178 15.25 23.65 -20.86
C CYS C 178 15.42 22.21 -20.43
N GLY C 179 15.60 22.01 -19.13
CA GLY C 179 15.20 20.76 -18.52
C GLY C 179 13.73 20.77 -18.17
N GLY C 180 13.15 19.59 -18.02
CA GLY C 180 11.79 19.50 -17.52
C GLY C 180 11.07 18.29 -18.07
N LYS C 181 9.85 18.10 -17.57
CA LYS C 181 8.99 17.00 -18.03
C LYS C 181 7.54 17.45 -18.08
N ALA C 182 6.73 16.70 -18.81
CA ALA C 182 5.32 16.98 -18.98
C ALA C 182 4.47 16.24 -17.95
N LEU C 183 3.24 16.72 -17.76
CA LEU C 183 2.27 16.12 -16.86
C LEU C 183 0.91 16.08 -17.55
N ASN C 184 0.10 15.07 -17.25
CA ASN C 184 -1.26 15.00 -17.74
C ASN C 184 -2.24 15.03 -16.57
N VAL C 185 -3.07 16.07 -16.52
CA VAL C 185 -3.83 16.42 -15.33
C VAL C 185 -5.32 16.14 -15.44
N ASN C 186 -5.79 15.63 -16.56
CA ASN C 186 -7.19 15.24 -16.69
C ASN C 186 -7.56 13.95 -15.86
N LEU C 187 -6.61 13.51 -15.05
CA LEU C 187 -6.65 12.24 -14.33
C LEU C 187 -7.69 12.19 -13.20
N PRO C 188 -7.94 10.99 -12.67
CA PRO C 188 -8.64 10.89 -11.39
C PRO C 188 -7.87 11.61 -10.31
N LEU C 189 -8.59 12.35 -9.49
CA LEU C 189 -7.93 13.22 -8.52
C LEU C 189 -7.01 12.45 -7.58
N ASP C 190 -7.42 11.27 -7.13
CA ASP C 190 -6.59 10.55 -6.16
C ASP C 190 -5.27 10.08 -6.76
N ARG C 191 -5.27 9.67 -8.02
CA ARG C 191 -4.00 9.33 -8.68
C ARG C 191 -3.09 10.54 -8.77
N LEU C 192 -3.66 11.74 -8.80
CA LEU C 192 -2.89 12.94 -9.13
C LEU C 192 -1.73 13.17 -8.18
N ASN C 193 -1.84 12.66 -6.96
CA ASN C 193 -0.74 12.74 -5.99
C ASN C 193 0.59 12.28 -6.57
N PHE C 194 0.60 11.12 -7.22
CA PHE C 194 1.84 10.64 -7.82
C PHE C 194 2.16 11.29 -9.16
N GLU C 195 1.15 11.78 -9.90
CA GLU C 195 1.45 12.47 -11.14
C GLU C 195 2.35 13.67 -10.90
N LEU C 196 2.02 14.50 -9.92
CA LEU C 196 2.83 15.67 -9.62
C LEU C 196 4.20 15.32 -9.05
N GLY C 197 4.37 14.12 -8.48
CA GLY C 197 5.67 13.72 -8.01
C GLY C 197 6.76 13.80 -9.06
N VAL C 198 6.38 13.71 -10.34
CA VAL C 198 7.36 13.81 -11.42
C VAL C 198 8.06 15.16 -11.47
N ALA C 199 7.38 16.22 -11.03
CA ALA C 199 7.91 17.57 -11.10
C ALA C 199 9.12 17.80 -10.20
N ILE C 200 9.38 16.90 -9.26
CA ILE C 200 10.38 17.13 -8.23
C ILE C 200 11.75 17.43 -8.82
N ASP C 201 12.37 18.52 -8.34
CA ASP C 201 13.70 19.03 -8.72
C ASP C 201 13.88 19.44 -10.18
N GLN C 202 12.83 19.53 -10.98
CA GLN C 202 13.02 19.87 -12.39
C GLN C 202 12.91 21.38 -12.62
N PHE C 203 13.27 21.82 -13.83
CA PHE C 203 13.31 23.24 -14.16
C PHE C 203 11.98 23.77 -14.75
N LEU C 204 11.50 23.17 -15.83
CA LEU C 204 10.19 23.49 -16.38
C LEU C 204 9.17 22.43 -16.02
N VAL C 205 7.89 22.76 -16.23
CA VAL C 205 6.87 21.76 -16.48
C VAL C 205 5.98 22.21 -17.62
N VAL C 206 5.43 21.24 -18.33
CA VAL C 206 4.39 21.48 -19.33
C VAL C 206 3.18 20.66 -18.91
N PHE C 207 2.05 21.32 -18.72
CA PHE C 207 0.78 20.63 -18.58
C PHE C 207 0.24 20.41 -19.98
N GLU C 208 -0.01 19.15 -20.31
CA GLU C 208 -0.38 18.79 -21.66
C GLU C 208 -1.89 18.66 -21.81
N ASP C 209 -2.45 19.47 -22.70
CA ASP C 209 -3.83 19.34 -23.17
C ASP C 209 -4.83 19.15 -22.03
N VAL C 210 -4.99 20.21 -21.26
CA VAL C 210 -6.02 20.23 -20.23
C VAL C 210 -7.39 20.33 -20.87
N LYS C 211 -8.29 19.44 -20.47
CA LYS C 211 -9.67 19.44 -20.94
C LYS C 211 -10.56 20.21 -19.96
N GLY C 212 -11.39 21.10 -20.49
CA GLY C 212 -12.39 21.79 -19.70
C GLY C 212 -13.81 21.31 -19.94
N THR C 213 -14.76 22.22 -19.78
CA THR C 213 -16.16 21.96 -20.09
C THR C 213 -16.79 23.24 -20.63
N GLY C 214 -17.94 23.10 -21.29
CA GLY C 214 -18.50 24.14 -22.14
C GLY C 214 -18.02 24.06 -23.57
N GLY C 215 -16.75 23.68 -23.76
CA GLY C 215 -16.19 23.49 -25.09
C GLY C 215 -16.84 22.36 -25.86
N GLU C 216 -17.49 21.42 -25.18
CA GLU C 216 -18.27 20.38 -25.85
C GLU C 216 -19.42 20.95 -26.68
N SER C 217 -19.72 22.24 -26.55
CA SER C 217 -20.47 22.93 -27.58
C SER C 217 -19.85 22.73 -28.96
N ARG C 218 -18.53 22.86 -29.06
CA ARG C 218 -17.80 22.49 -30.26
C ARG C 218 -17.55 20.98 -30.35
N ASP C 219 -18.05 20.22 -29.39
CA ASP C 219 -17.49 18.93 -29.02
C ASP C 219 -15.97 19.00 -28.82
N LEU C 220 -15.52 19.97 -28.06
CA LEU C 220 -14.29 19.74 -27.34
C LEU C 220 -14.62 18.69 -26.27
N PRO C 221 -14.07 17.48 -26.34
CA PRO C 221 -14.46 16.44 -25.38
C PRO C 221 -14.25 16.90 -23.95
N SER C 222 -15.28 16.70 -23.12
CA SER C 222 -15.27 17.25 -21.77
C SER C 222 -14.29 16.50 -20.87
N GLY C 223 -13.72 17.24 -19.92
CA GLY C 223 -12.86 16.65 -18.90
C GLY C 223 -12.68 17.61 -17.75
N GLN C 224 -11.85 17.18 -16.79
CA GLN C 224 -11.74 17.86 -15.50
C GLN C 224 -10.36 18.47 -15.22
N GLY C 225 -9.46 18.47 -16.19
CA GLY C 225 -8.17 19.11 -15.98
C GLY C 225 -8.28 20.54 -15.50
N ILE C 226 -9.22 21.31 -16.06
CA ILE C 226 -9.42 22.69 -15.64
C ILE C 226 -9.71 22.76 -14.14
N ASN C 227 -10.68 21.97 -13.69
CA ASN C 227 -11.03 21.99 -12.28
C ASN C 227 -9.91 21.44 -11.40
N ASN C 228 -9.20 20.42 -11.88
CA ASN C 228 -8.03 19.95 -11.15
C ASN C 228 -6.99 21.05 -11.02
N LEU C 229 -6.69 21.74 -12.12
CA LEU C 229 -5.71 22.81 -12.05
C LEU C 229 -6.09 23.84 -11.01
N ASP C 230 -7.37 24.19 -10.96
CA ASP C 230 -7.78 25.23 -10.02
C ASP C 230 -7.65 24.80 -8.57
N ASN C 231 -7.53 23.50 -8.27
CA ASN C 231 -7.12 23.08 -6.94
C ASN C 231 -5.63 23.25 -6.68
N LEU C 232 -4.80 23.26 -7.73
CA LEU C 232 -3.37 23.39 -7.59
C LEU C 232 -2.92 24.85 -7.65
N ARG C 233 -3.83 25.74 -7.24
CA ARG C 233 -3.66 27.18 -7.37
C ARG C 233 -2.32 27.64 -6.80
N ASP C 234 -1.96 27.16 -5.62
CA ASP C 234 -0.70 27.51 -4.98
C ASP C 234 0.52 26.91 -5.67
N TYR C 235 0.34 25.83 -6.41
CA TYR C 235 1.44 25.31 -7.20
C TYR C 235 1.79 26.27 -8.33
N LEU C 236 0.78 26.80 -9.00
CA LEU C 236 1.05 27.77 -10.05
C LEU C 236 1.71 29.02 -9.50
N ASP C 237 1.20 29.53 -8.38
CA ASP C 237 1.71 30.79 -7.84
C ASP C 237 3.18 30.73 -7.49
N GLY C 238 3.69 29.57 -7.12
CA GLY C 238 5.09 29.48 -6.79
C GLY C 238 5.50 30.37 -5.64
N SER C 239 4.55 30.81 -4.83
CA SER C 239 4.87 31.75 -3.77
C SER C 239 5.51 31.07 -2.57
N VAL C 240 5.08 29.85 -2.22
CA VAL C 240 5.59 29.13 -1.05
C VAL C 240 5.87 27.68 -1.40
N LYS C 241 6.68 27.03 -0.58
CA LYS C 241 7.13 25.66 -0.84
C LYS C 241 5.98 24.66 -0.67
N VAL C 242 5.63 23.97 -1.75
CA VAL C 242 4.60 22.92 -1.70
C VAL C 242 5.21 21.58 -1.34
N ASN C 243 4.35 20.60 -1.06
CA ASN C 243 4.74 19.28 -0.59
C ASN C 243 4.54 18.28 -1.71
N LEU C 244 5.61 17.57 -2.09
CA LEU C 244 5.57 16.69 -3.25
C LEU C 244 5.99 15.27 -2.88
N GLU C 245 5.38 14.29 -3.55
CA GLU C 245 5.35 12.91 -3.10
C GLU C 245 5.62 11.92 -4.22
N LYS C 246 6.39 10.87 -3.90
CA LYS C 246 6.61 9.74 -4.81
C LYS C 246 6.26 8.45 -4.08
N LYS C 247 5.98 7.40 -4.84
CA LYS C 247 5.62 6.12 -4.22
C LYS C 247 6.68 5.66 -3.24
N HIS C 248 6.24 5.25 -2.06
CA HIS C 248 7.12 4.83 -0.95
C HIS C 248 8.09 5.91 -0.47
N LEU C 249 7.85 7.20 -0.71
CA LEU C 249 8.78 8.23 -0.27
C LEU C 249 8.10 9.32 0.56
N ASN C 250 8.84 9.81 1.55
CA ASN C 250 8.39 10.94 2.36
C ASN C 250 8.50 12.24 1.59
N LYS C 251 7.54 13.14 1.82
CA LYS C 251 7.41 14.30 0.95
C LYS C 251 8.63 15.20 1.05
N ARG C 252 9.05 15.73 -0.08
CA ARG C 252 10.02 16.82 -0.11
C ARG C 252 9.31 18.13 -0.41
N THR C 253 9.69 19.18 0.31
CA THR C 253 9.00 20.45 0.27
C THR C 253 9.78 21.42 -0.61
N GLN C 254 9.11 22.00 -1.59
CA GLN C 254 9.83 22.55 -2.73
C GLN C 254 8.96 23.58 -3.45
N ILE C 255 9.61 24.57 -4.08
CA ILE C 255 8.89 25.51 -4.92
C ILE C 255 8.52 24.81 -6.23
N PHE C 256 7.23 24.79 -6.56
CA PHE C 256 6.81 24.12 -7.78
C PHE C 256 7.27 24.91 -9.01
N PRO C 257 7.80 24.24 -10.03
CA PRO C 257 8.39 24.93 -11.22
C PRO C 257 7.42 25.83 -11.97
N PRO C 258 7.96 26.77 -12.77
CA PRO C 258 7.18 27.50 -13.78
C PRO C 258 7.02 26.68 -15.06
N GLY C 259 6.18 27.15 -16.00
CA GLY C 259 5.89 26.31 -17.15
C GLY C 259 4.82 26.82 -18.11
N ILE C 260 4.29 25.88 -18.90
CA ILE C 260 3.36 26.15 -19.99
C ILE C 260 2.11 25.28 -19.85
N VAL C 261 0.95 25.84 -20.21
CA VAL C 261 -0.32 25.12 -20.26
C VAL C 261 -0.87 25.19 -21.68
N THR C 262 -1.23 24.04 -22.24
CA THR C 262 -1.73 23.94 -23.61
C THR C 262 -3.20 23.53 -23.58
N MET C 263 -4.04 24.21 -24.35
CA MET C 263 -5.43 23.78 -24.43
C MET C 263 -6.10 24.28 -25.71
N ASN C 264 -7.23 23.64 -26.02
CA ASN C 264 -8.22 24.16 -26.95
C ASN C 264 -9.09 25.18 -26.24
N GLU C 265 -10.08 25.72 -26.95
CA GLU C 265 -10.79 26.92 -26.53
C GLU C 265 -11.87 26.70 -25.46
N TYR C 266 -11.63 25.85 -24.47
CA TYR C 266 -12.48 25.81 -23.28
C TYR C 266 -12.40 27.14 -22.51
N SER C 267 -13.32 27.32 -21.55
CA SER C 267 -13.28 28.44 -20.64
C SER C 267 -12.22 28.24 -19.55
N VAL C 268 -11.88 29.34 -18.88
CA VAL C 268 -10.99 29.31 -17.70
C VAL C 268 -11.57 30.20 -16.60
N PRO C 269 -11.64 29.72 -15.36
CA PRO C 269 -12.13 30.58 -14.26
C PRO C 269 -11.22 31.76 -13.96
N LYS C 270 -11.84 32.78 -13.35
CA LYS C 270 -11.13 33.96 -12.86
C LYS C 270 -9.81 33.61 -12.19
N THR C 271 -9.88 32.67 -11.25
CA THR C 271 -8.75 32.36 -10.40
C THR C 271 -7.59 31.81 -11.19
N LEU C 272 -7.88 31.01 -12.19
CA LEU C 272 -6.84 30.39 -12.99
C LEU C 272 -6.34 31.36 -14.06
N GLN C 273 -7.25 32.07 -14.71
CA GLN C 273 -6.85 33.12 -15.64
C GLN C 273 -5.92 34.13 -14.98
N ALA C 274 -6.21 34.50 -13.74
CA ALA C 274 -5.37 35.46 -13.03
C ALA C 274 -3.92 35.03 -12.86
N ARG C 275 -3.63 33.76 -13.04
CA ARG C 275 -2.30 33.22 -12.77
C ARG C 275 -1.43 33.03 -14.00
N PHE C 276 -1.90 33.37 -15.19
CA PHE C 276 -1.11 33.34 -16.41
C PHE C 276 -0.63 34.74 -16.77
N VAL C 277 0.66 34.86 -17.07
CA VAL C 277 1.16 36.14 -17.55
C VAL C 277 0.68 36.42 -18.96
N LYS C 278 0.76 35.43 -19.83
CA LYS C 278 0.74 35.67 -21.26
C LYS C 278 -0.04 34.59 -21.96
N GLN C 279 -0.84 34.99 -22.95
CA GLN C 279 -1.71 34.06 -23.67
C GLN C 279 -1.39 34.12 -25.16
N ILE C 280 -1.00 32.99 -25.73
CA ILE C 280 -0.62 32.90 -27.12
C ILE C 280 -1.68 32.08 -27.84
N ASP C 281 -2.37 32.69 -28.80
CA ASP C 281 -3.39 32.02 -29.59
C ASP C 281 -2.82 31.63 -30.96
N PHE C 282 -2.53 30.36 -31.15
CA PHE C 282 -2.04 29.86 -32.42
C PHE C 282 -3.17 29.82 -33.44
N ARG C 283 -2.83 29.91 -34.74
CA ARG C 283 -3.84 29.80 -35.77
C ARG C 283 -3.48 28.88 -36.93
N PRO C 284 -4.43 28.04 -37.36
CA PRO C 284 -4.27 27.30 -38.63
C PRO C 284 -3.91 28.20 -39.81
N LYS C 285 -2.86 27.80 -40.55
CA LYS C 285 -2.33 28.54 -41.68
C LYS C 285 -1.90 27.53 -42.74
N ASP C 286 -2.78 27.27 -43.71
CA ASP C 286 -2.61 26.08 -44.56
C ASP C 286 -1.38 26.12 -45.45
N TYR C 287 -0.83 27.30 -45.75
CA TYR C 287 0.44 27.33 -46.45
C TYR C 287 1.53 26.63 -45.64
N LEU C 288 1.48 26.74 -44.32
CA LEU C 288 2.39 25.96 -43.50
C LEU C 288 2.17 24.47 -43.68
N LYS C 289 0.90 24.05 -43.74
CA LYS C 289 0.57 22.65 -43.95
C LYS C 289 1.11 22.14 -45.29
N HIS C 290 0.81 22.85 -46.37
CA HIS C 290 1.28 22.44 -47.69
C HIS C 290 2.80 22.46 -47.79
N CYS C 291 3.46 23.36 -47.07
CA CYS C 291 4.90 23.29 -46.95
C CYS C 291 5.35 21.98 -46.31
N LEU C 292 4.79 21.65 -45.14
CA LEU C 292 5.20 20.42 -44.47
C LEU C 292 4.95 19.19 -45.32
N GLU C 293 3.83 19.14 -46.04
CA GLU C 293 3.60 18.00 -46.92
C GLU C 293 4.76 17.76 -47.86
N ARG C 294 5.36 18.83 -48.36
CA ARG C 294 6.50 18.74 -49.26
C ARG C 294 7.84 18.83 -48.54
N SER C 295 7.85 18.65 -47.22
CA SER C 295 9.05 18.82 -46.39
C SER C 295 9.11 17.69 -45.36
N GLU C 296 8.91 16.47 -45.85
CA GLU C 296 8.68 15.31 -44.98
C GLU C 296 9.83 15.07 -44.01
N PHE C 297 11.06 15.34 -44.44
CA PHE C 297 12.25 15.08 -43.62
C PHE C 297 12.21 15.72 -42.23
N LEU C 298 11.50 16.85 -42.09
CA LEU C 298 11.38 17.50 -40.78
C LEU C 298 10.83 16.57 -39.70
N LEU C 299 9.63 16.04 -39.92
CA LEU C 299 9.04 15.15 -38.92
C LEU C 299 9.68 13.78 -38.90
N GLU C 300 10.18 13.30 -40.03
CA GLU C 300 10.88 12.02 -40.02
C GLU C 300 12.03 12.02 -39.03
N LYS C 301 12.76 13.13 -38.95
CA LYS C 301 13.91 13.21 -38.06
C LYS C 301 13.57 13.94 -36.75
N ARG C 302 12.29 14.21 -36.52
CA ARG C 302 11.79 14.89 -35.32
C ARG C 302 12.37 16.29 -35.14
N ILE C 303 12.74 16.93 -36.24
CA ILE C 303 13.46 18.20 -36.16
C ILE C 303 12.61 19.28 -35.49
N ILE C 304 11.43 19.59 -36.03
CA ILE C 304 10.71 20.76 -35.53
C ILE C 304 10.16 20.57 -34.12
N GLN C 305 10.14 19.35 -33.60
CA GLN C 305 9.83 19.15 -32.20
C GLN C 305 10.99 19.53 -31.28
N SER C 306 12.21 19.60 -31.78
CA SER C 306 13.40 19.39 -30.97
C SER C 306 14.04 20.69 -30.51
N GLY C 307 14.43 20.72 -29.23
CA GLY C 307 15.11 21.87 -28.67
C GLY C 307 16.38 22.24 -29.39
N ILE C 308 17.04 21.28 -30.03
CA ILE C 308 18.22 21.62 -30.81
C ILE C 308 17.88 22.59 -31.94
N ALA C 309 16.69 22.48 -32.50
CA ALA C 309 16.27 23.42 -33.54
C ALA C 309 16.15 24.84 -33.01
N LEU C 310 15.54 25.02 -31.84
CA LEU C 310 15.43 26.37 -31.28
C LEU C 310 16.80 26.95 -31.01
N LEU C 311 17.73 26.13 -30.55
CA LEU C 311 19.04 26.66 -30.18
C LEU C 311 19.75 27.25 -31.40
N LEU C 312 19.67 26.54 -32.51
CA LEU C 312 20.17 27.08 -33.78
C LEU C 312 19.48 28.39 -34.14
N MET C 313 18.17 28.49 -33.86
CA MET C 313 17.48 29.76 -34.08
C MET C 313 18.06 30.89 -33.22
N LEU C 314 18.22 30.66 -31.92
CA LEU C 314 18.75 31.73 -31.07
C LEU C 314 20.15 32.13 -31.51
N ILE C 315 21.02 31.16 -31.79
CA ILE C 315 22.37 31.49 -32.23
C ILE C 315 22.33 32.32 -33.49
N TRP C 316 21.36 32.08 -34.37
CA TRP C 316 21.15 32.96 -35.50
C TRP C 316 20.73 34.35 -35.07
N TYR C 317 19.53 34.48 -34.49
CA TYR C 317 18.89 35.79 -34.37
C TYR C 317 19.48 36.66 -33.26
N ARG C 318 19.90 36.07 -32.14
CA ARG C 318 20.17 36.85 -30.93
C ARG C 318 21.61 37.36 -30.86
N PRO C 319 21.83 38.56 -30.34
CA PRO C 319 23.20 39.04 -30.12
C PRO C 319 24.02 38.15 -29.20
N VAL C 320 25.33 38.13 -29.45
CA VAL C 320 26.26 37.35 -28.62
C VAL C 320 26.16 37.73 -27.16
N ALA C 321 25.92 39.00 -26.86
CA ALA C 321 25.82 39.45 -25.49
C ALA C 321 24.68 38.79 -24.71
N GLU C 322 23.63 38.32 -25.37
CA GLU C 322 22.45 37.88 -24.63
C GLU C 322 22.65 36.56 -23.89
N PHE C 323 23.70 35.80 -24.22
CA PHE C 323 24.01 34.58 -23.50
C PHE C 323 24.84 34.88 -22.26
N ALA C 324 24.70 34.04 -21.25
CA ALA C 324 25.50 34.20 -20.04
C ALA C 324 26.98 34.20 -20.39
N GLN C 325 27.73 35.03 -19.67
CA GLN C 325 29.05 35.47 -20.13
C GLN C 325 29.97 34.30 -20.46
N SER C 326 29.93 33.23 -19.68
CA SER C 326 30.84 32.10 -19.89
C SER C 326 30.75 31.50 -21.29
N ILE C 327 29.54 31.31 -21.82
CA ILE C 327 29.39 30.56 -23.07
C ILE C 327 29.58 31.43 -24.31
N GLN C 328 29.69 32.74 -24.15
CA GLN C 328 29.88 33.63 -25.28
C GLN C 328 31.05 33.21 -26.18
N SER C 329 32.10 32.62 -25.61
CA SER C 329 33.17 32.04 -26.42
C SER C 329 32.70 30.96 -27.37
N ARG C 330 32.07 29.90 -26.85
CA ARG C 330 31.49 28.87 -27.72
C ARG C 330 30.44 29.44 -28.67
N ILE C 331 29.63 30.38 -28.19
CA ILE C 331 28.58 30.94 -29.04
C ILE C 331 29.17 31.62 -30.26
N VAL C 332 30.24 32.39 -30.06
CA VAL C 332 30.86 33.08 -31.19
C VAL C 332 31.39 32.06 -32.20
N GLU C 333 32.05 31.01 -31.72
CA GLU C 333 32.50 29.95 -32.60
C GLU C 333 31.36 29.32 -33.39
N TRP C 334 30.22 29.08 -32.76
CA TRP C 334 29.08 28.53 -33.51
C TRP C 334 28.48 29.55 -34.47
N LYS C 335 28.42 30.82 -34.10
CA LYS C 335 27.97 31.82 -35.07
C LYS C 335 28.84 31.81 -36.31
N GLU C 336 30.14 31.71 -36.14
CA GLU C 336 31.04 31.62 -37.28
C GLU C 336 30.72 30.40 -38.13
N ARG C 337 30.59 29.24 -37.49
CA ARG C 337 30.28 28.02 -38.24
C ARG C 337 28.98 28.13 -39.03
N LEU C 338 27.95 28.77 -38.47
CA LEU C 338 26.73 28.97 -39.25
C LEU C 338 27.00 29.81 -40.48
N ASP C 339 27.58 30.99 -40.30
CA ASP C 339 27.68 31.91 -41.42
C ASP C 339 28.68 31.42 -42.46
N LYS C 340 29.69 30.67 -42.01
CA LYS C 340 30.60 30.02 -42.94
C LYS C 340 29.86 29.10 -43.90
N GLU C 341 28.77 28.47 -43.44
CA GLU C 341 28.03 27.53 -44.26
C GLU C 341 26.86 28.16 -45.01
N PHE C 342 26.00 28.91 -44.31
CA PHE C 342 24.77 29.45 -44.91
C PHE C 342 24.93 30.93 -45.24
N SER C 343 24.89 31.24 -46.53
CA SER C 343 24.63 32.60 -46.96
C SER C 343 23.18 32.98 -46.66
N LEU C 344 22.96 34.27 -46.41
CA LEU C 344 21.61 34.76 -46.14
C LEU C 344 20.65 34.41 -47.26
N SER C 345 21.14 34.45 -48.51
CA SER C 345 20.36 33.98 -49.65
C SER C 345 19.76 32.60 -49.42
N VAL C 346 20.55 31.68 -48.86
CA VAL C 346 20.04 30.34 -48.58
C VAL C 346 18.88 30.39 -47.61
N TYR C 347 19.02 31.18 -46.55
CA TYR C 347 17.93 31.30 -45.57
C TYR C 347 16.71 31.99 -46.17
N GLN C 348 16.92 33.02 -46.99
CA GLN C 348 15.80 33.64 -47.67
C GLN C 348 15.15 32.67 -48.66
N LYS C 349 15.95 31.88 -49.36
CA LYS C 349 15.40 30.80 -50.17
C LYS C 349 14.47 29.95 -49.32
N MET C 350 14.97 29.48 -48.17
CA MET C 350 14.16 28.62 -47.31
C MET C 350 12.89 29.31 -46.85
N LYS C 351 13.00 30.49 -46.22
CA LYS C 351 11.79 31.16 -45.74
C LYS C 351 10.85 31.50 -46.89
N PHE C 352 11.39 31.82 -48.06
CA PHE C 352 10.53 32.04 -49.21
C PHE C 352 9.74 30.78 -49.53
N ASN C 353 10.42 29.64 -49.72
CA ASN C 353 9.70 28.39 -49.98
C ASN C 353 8.64 28.12 -48.92
N VAL C 354 8.97 28.31 -47.65
CA VAL C 354 7.98 28.08 -46.61
C VAL C 354 6.78 28.99 -46.82
N ALA C 355 7.05 30.27 -47.04
CA ALA C 355 5.97 31.20 -47.28
C ALA C 355 5.17 30.80 -48.52
N MET C 356 5.84 30.29 -49.55
CA MET C 356 5.13 29.83 -50.74
C MET C 356 4.33 28.58 -50.50
N GLY C 357 4.58 27.86 -49.41
CA GLY C 357 4.04 26.53 -49.25
C GLY C 357 4.76 25.47 -50.05
N ILE C 358 5.91 25.81 -50.59
CA ILE C 358 6.74 24.93 -51.41
C ILE C 358 7.66 24.10 -50.51
N GLY C 359 8.03 22.91 -50.97
CA GLY C 359 9.00 22.12 -50.24
C GLY C 359 10.32 22.85 -50.07
N VAL C 360 10.77 22.98 -48.82
CA VAL C 360 11.72 24.05 -48.48
C VAL C 360 13.02 23.90 -49.25
N LEU C 361 13.46 22.68 -49.51
CA LEU C 361 14.84 22.41 -49.89
C LEU C 361 15.09 22.57 -51.39
N ASP C 362 15.17 23.82 -51.84
CA ASP C 362 15.74 24.08 -53.17
C ASP C 362 17.22 23.71 -53.20
N LYS D 1 37.57 -24.94 -3.80
CA LYS D 1 36.49 -25.46 -2.97
C LYS D 1 35.50 -24.35 -2.61
N GLN D 2 35.06 -23.62 -3.63
CA GLN D 2 34.18 -22.48 -3.45
C GLN D 2 33.20 -22.43 -4.60
N VAL D 3 32.05 -21.81 -4.37
CA VAL D 3 31.12 -21.56 -5.45
C VAL D 3 31.69 -20.47 -6.35
N SER D 4 31.75 -20.73 -7.65
CA SER D 4 32.03 -19.67 -8.60
C SER D 4 30.74 -18.93 -8.94
N TRP D 5 30.61 -17.72 -8.40
CA TRP D 5 29.48 -16.86 -8.75
C TRP D 5 29.47 -16.55 -10.23
N LYS D 6 30.65 -16.55 -10.86
CA LYS D 6 30.77 -16.25 -12.27
C LYS D 6 30.12 -17.30 -13.16
N LEU D 7 30.33 -18.58 -12.84
CA LEU D 7 29.70 -19.64 -13.63
C LEU D 7 28.19 -19.59 -13.52
N VAL D 8 27.68 -19.27 -12.33
CA VAL D 8 26.23 -19.12 -12.20
C VAL D 8 25.74 -17.95 -13.05
N THR D 9 26.46 -16.83 -13.00
CA THR D 9 26.06 -15.67 -13.78
C THR D 9 26.13 -15.98 -15.26
N GLU D 10 27.16 -16.71 -15.68
CA GLU D 10 27.27 -17.10 -17.08
C GLU D 10 26.08 -17.95 -17.52
N TYR D 11 25.69 -18.92 -16.70
CA TYR D 11 24.47 -19.67 -17.00
C TYR D 11 23.25 -18.76 -17.11
N ALA D 12 23.09 -17.81 -16.20
CA ALA D 12 21.94 -16.92 -16.28
C ALA D 12 22.00 -16.08 -17.54
N MET D 13 23.15 -15.50 -17.84
CA MET D 13 23.31 -14.74 -19.07
C MET D 13 23.08 -15.63 -20.27
N GLU D 14 23.65 -16.83 -20.22
CA GLU D 14 23.54 -17.78 -21.31
C GLU D 14 22.08 -18.17 -21.57
N THR D 15 21.31 -18.43 -20.52
CA THR D 15 19.90 -18.79 -20.68
C THR D 15 18.97 -17.58 -20.75
N LYS D 16 19.47 -16.38 -20.48
CA LYS D 16 18.66 -15.16 -20.41
C LYS D 16 17.56 -15.22 -19.35
N CYS D 17 17.77 -16.00 -18.30
CA CYS D 17 16.79 -16.05 -17.23
C CYS D 17 16.79 -14.75 -16.45
N ASP D 18 15.62 -14.29 -16.01
CA ASP D 18 15.59 -13.14 -15.12
C ASP D 18 14.57 -13.27 -14.00
N ASP D 19 14.07 -14.47 -13.73
CA ASP D 19 13.36 -14.76 -12.50
C ASP D 19 14.31 -15.53 -11.59
N VAL D 20 14.50 -15.02 -10.39
CA VAL D 20 15.43 -15.65 -9.44
C VAL D 20 15.02 -17.09 -9.13
N LEU D 21 13.73 -17.35 -8.99
CA LEU D 21 13.32 -18.70 -8.59
C LEU D 21 13.45 -19.68 -9.74
N LEU D 22 13.03 -19.28 -10.93
CA LEU D 22 13.28 -20.09 -12.11
C LEU D 22 14.78 -20.32 -12.32
N LEU D 23 15.61 -19.30 -12.14
CA LEU D 23 17.05 -19.52 -12.17
C LEU D 23 17.47 -20.52 -11.10
N LEU D 24 16.99 -20.34 -9.87
CA LEU D 24 17.46 -21.15 -8.76
C LEU D 24 17.19 -22.62 -9.00
N GLY D 25 15.92 -22.95 -9.25
CA GLY D 25 15.55 -24.34 -9.32
C GLY D 25 16.30 -25.08 -10.40
N MET D 26 16.45 -24.43 -11.55
CA MET D 26 17.13 -25.06 -12.68
C MET D 26 18.59 -25.35 -12.38
N TYR D 27 19.29 -24.44 -11.73
CA TYR D 27 20.71 -24.72 -11.45
C TYR D 27 20.86 -25.91 -10.53
N LEU D 28 20.02 -26.01 -9.50
CA LEU D 28 20.13 -27.12 -8.55
C LEU D 28 19.95 -28.47 -9.19
N GLU D 29 19.22 -28.56 -10.31
CA GLU D 29 19.09 -29.85 -10.97
C GLU D 29 20.42 -30.40 -11.45
N PHE D 30 21.39 -29.56 -11.75
CA PHE D 30 22.68 -30.04 -12.24
C PHE D 30 23.52 -30.79 -11.20
N GLN D 31 23.13 -30.79 -9.94
CA GLN D 31 23.99 -31.40 -8.92
C GLN D 31 24.03 -32.91 -9.01
N TYR D 32 23.00 -33.53 -9.56
CA TYR D 32 23.03 -34.96 -9.84
C TYR D 32 23.93 -35.23 -11.02
N SER D 33 24.44 -36.45 -11.12
CA SER D 33 25.35 -36.74 -12.22
C SER D 33 24.63 -36.64 -13.55
N PHE D 34 25.07 -35.69 -14.37
CA PHE D 34 24.58 -35.59 -15.75
C PHE D 34 24.72 -36.90 -16.49
N GLU D 35 25.76 -37.68 -16.14
CA GLU D 35 26.06 -38.90 -16.86
C GLU D 35 24.94 -39.94 -16.81
N MET D 36 24.08 -39.87 -15.81
CA MET D 36 22.88 -40.70 -15.78
C MET D 36 21.61 -39.88 -15.73
N CYS D 37 21.72 -38.57 -15.92
CA CYS D 37 20.56 -37.70 -15.79
C CYS D 37 19.50 -38.05 -16.82
N LEU D 38 18.33 -38.48 -16.33
CA LEU D 38 17.25 -38.83 -17.25
C LEU D 38 16.81 -37.65 -18.09
N LYS D 39 16.88 -36.43 -17.57
CA LYS D 39 16.52 -35.28 -18.39
C LYS D 39 17.50 -35.10 -19.53
N CYS D 40 18.79 -35.21 -19.24
CA CYS D 40 19.76 -35.30 -20.32
C CYS D 40 19.40 -36.42 -21.27
N ILE D 41 19.20 -37.62 -20.73
CA ILE D 41 19.05 -38.81 -21.58
C ILE D 41 17.83 -38.68 -22.48
N LYS D 42 16.71 -38.23 -21.93
CA LYS D 42 15.51 -38.00 -22.74
C LYS D 42 15.61 -36.77 -23.64
N LYS D 43 16.60 -35.91 -23.41
CA LYS D 43 16.76 -34.65 -24.14
C LYS D 43 15.46 -33.84 -24.14
N GLU D 44 15.02 -33.53 -22.93
CA GLU D 44 13.72 -32.89 -22.74
C GLU D 44 13.78 -31.41 -23.10
N GLN D 45 14.68 -30.66 -22.48
CA GLN D 45 14.74 -29.21 -22.64
C GLN D 45 16.17 -28.74 -22.93
N PRO D 46 16.39 -27.95 -23.97
CA PRO D 46 17.76 -27.55 -24.31
C PRO D 46 18.41 -26.79 -23.18
N SER D 47 17.63 -25.91 -22.57
CA SER D 47 18.05 -25.16 -21.39
C SER D 47 18.60 -26.03 -20.28
N HIS D 48 18.22 -27.30 -20.23
CA HIS D 48 18.90 -28.22 -19.32
C HIS D 48 20.07 -28.92 -20.00
N TYR D 49 19.79 -29.71 -21.02
CA TYR D 49 20.74 -30.73 -21.42
C TYR D 49 21.99 -30.14 -22.05
N LYS D 50 21.93 -28.90 -22.55
CA LYS D 50 23.14 -28.27 -23.07
C LYS D 50 24.17 -28.00 -21.99
N TYR D 51 23.75 -27.76 -20.74
CA TYR D 51 24.63 -27.19 -19.74
C TYR D 51 24.89 -28.09 -18.54
N HIS D 52 24.06 -29.10 -18.30
CA HIS D 52 24.18 -29.89 -17.08
C HIS D 52 25.61 -30.37 -16.85
N GLU D 53 26.19 -30.99 -17.86
CA GLU D 53 27.54 -31.53 -17.75
C GLU D 53 28.59 -30.48 -17.43
N LYS D 54 28.41 -29.26 -17.92
CA LYS D 54 29.39 -28.21 -17.67
C LYS D 54 29.34 -27.68 -16.24
N HIS D 55 28.15 -27.35 -15.74
CA HIS D 55 28.02 -26.75 -14.41
C HIS D 55 27.98 -27.78 -13.29
N TYR D 56 27.96 -29.07 -13.60
CA TYR D 56 27.88 -30.12 -12.59
C TYR D 56 28.75 -29.87 -11.36
N ALA D 57 30.05 -29.63 -11.56
CA ALA D 57 30.94 -29.44 -10.41
C ALA D 57 30.56 -28.23 -9.57
N ASN D 58 30.35 -27.09 -10.21
CA ASN D 58 30.00 -25.89 -9.46
C ASN D 58 28.64 -26.03 -8.78
N ALA D 59 27.70 -26.69 -9.45
CA ALA D 59 26.41 -26.98 -8.84
C ALA D 59 26.53 -27.89 -7.62
N ALA D 60 27.48 -28.83 -7.63
CA ALA D 60 27.69 -29.66 -6.46
C ALA D 60 28.10 -28.84 -5.24
N ILE D 61 28.99 -27.86 -5.44
CA ILE D 61 29.34 -26.96 -4.34
C ILE D 61 28.18 -26.03 -4.03
N PHE D 62 27.50 -25.53 -5.06
CA PHE D 62 26.34 -24.69 -4.84
C PHE D 62 25.32 -25.34 -3.92
N ALA D 63 25.06 -26.63 -4.11
CA ALA D 63 24.04 -27.31 -3.31
C ALA D 63 24.30 -27.25 -1.81
N ASP D 64 25.57 -27.18 -1.40
CA ASP D 64 25.90 -27.06 0.01
C ASP D 64 25.95 -25.61 0.51
N SER D 65 25.93 -24.63 -0.36
CA SER D 65 26.09 -23.26 0.08
C SER D 65 24.95 -22.84 1.01
N LYS D 66 25.28 -21.92 1.90
CA LYS D 66 24.31 -21.28 2.77
C LYS D 66 23.82 -19.94 2.22
N ASN D 67 24.25 -19.56 1.02
CA ASN D 67 24.08 -18.22 0.49
C ASN D 67 23.15 -18.20 -0.72
N GLN D 68 22.43 -19.28 -0.97
CA GLN D 68 22.03 -19.61 -2.33
C GLN D 68 21.22 -18.50 -2.99
N LYS D 69 20.19 -17.97 -2.33
CA LYS D 69 19.39 -16.95 -2.99
C LYS D 69 20.19 -15.67 -3.22
N THR D 70 21.13 -15.36 -2.33
CA THR D 70 21.98 -14.19 -2.52
C THR D 70 22.82 -14.30 -3.79
N ILE D 71 23.32 -15.50 -4.09
CA ILE D 71 24.01 -15.70 -5.35
C ILE D 71 23.09 -15.41 -6.53
N CYS D 72 21.88 -15.97 -6.49
CA CYS D 72 20.99 -15.84 -7.63
C CYS D 72 20.55 -14.40 -7.87
N GLN D 73 20.42 -13.61 -6.82
CA GLN D 73 20.02 -12.22 -7.01
C GLN D 73 21.01 -11.46 -7.89
N GLN D 74 22.29 -11.51 -7.53
CA GLN D 74 23.33 -10.88 -8.35
C GLN D 74 23.31 -11.38 -9.79
N ALA D 75 23.07 -12.68 -9.99
CA ALA D 75 22.97 -13.20 -11.34
C ALA D 75 21.81 -12.58 -12.12
N VAL D 76 20.62 -12.54 -11.53
CA VAL D 76 19.47 -11.93 -12.19
C VAL D 76 19.69 -10.44 -12.43
N ASP D 77 20.35 -9.76 -11.49
CA ASP D 77 20.71 -8.37 -11.72
C ASP D 77 21.50 -8.19 -13.01
N THR D 78 22.45 -9.09 -13.25
CA THR D 78 23.27 -9.01 -14.45
C THR D 78 22.43 -9.10 -15.72
N VAL D 79 21.46 -10.00 -15.76
CA VAL D 79 20.61 -10.15 -16.94
C VAL D 79 19.70 -8.93 -17.13
N LEU D 80 19.12 -8.43 -16.04
CA LEU D 80 18.33 -7.21 -16.14
C LEU D 80 19.19 -6.03 -16.56
N ALA D 81 20.42 -5.96 -16.06
CA ALA D 81 21.33 -4.89 -16.45
C ALA D 81 21.63 -4.95 -17.94
N LYS D 82 21.80 -6.14 -18.50
CA LYS D 82 21.95 -6.29 -19.94
C LYS D 82 20.76 -5.73 -20.69
N LYS D 83 19.55 -6.10 -20.29
CA LYS D 83 18.35 -5.53 -20.93
C LYS D 83 18.32 -4.02 -20.84
N ARG D 84 18.67 -3.46 -19.68
CA ARG D 84 18.62 -2.02 -19.49
C ARG D 84 19.61 -1.30 -20.41
N VAL D 85 20.85 -1.80 -20.48
CA VAL D 85 21.81 -1.20 -21.41
C VAL D 85 21.27 -1.28 -22.84
N ASP D 86 20.83 -2.46 -23.24
CA ASP D 86 20.32 -2.64 -24.59
C ASP D 86 19.12 -1.74 -24.83
N SER D 87 18.32 -1.49 -23.80
CA SER D 87 17.11 -0.70 -23.95
C SER D 87 17.37 0.73 -24.37
N LEU D 88 18.58 1.25 -24.20
CA LEU D 88 18.87 2.60 -24.68
C LEU D 88 19.79 2.63 -25.88
N GLN D 89 20.74 1.71 -25.99
CA GLN D 89 21.87 1.88 -26.89
C GLN D 89 21.68 1.28 -28.27
N LEU D 90 20.54 0.66 -28.58
CA LEU D 90 20.35 0.02 -29.87
C LEU D 90 19.36 0.76 -30.75
N THR D 91 19.62 0.75 -32.05
CA THR D 91 18.64 1.17 -33.04
C THR D 91 17.48 0.18 -33.09
N ARG D 92 16.32 0.67 -33.50
CA ARG D 92 15.17 -0.19 -33.66
C ARG D 92 15.42 -1.31 -34.66
N GLU D 93 16.24 -1.06 -35.69
CA GLU D 93 16.60 -2.14 -36.60
C GLU D 93 17.42 -3.22 -35.91
N GLN D 94 18.35 -2.81 -35.04
CA GLN D 94 19.17 -3.79 -34.37
C GLN D 94 18.33 -4.63 -33.42
N MET D 95 17.36 -4.02 -32.77
CA MET D 95 16.44 -4.76 -31.92
C MET D 95 15.75 -5.86 -32.70
N LEU D 96 15.19 -5.52 -33.85
CA LEU D 96 14.48 -6.51 -34.65
C LEU D 96 15.43 -7.60 -35.13
N THR D 97 16.66 -7.22 -35.50
CA THR D 97 17.63 -8.21 -35.94
C THR D 97 17.93 -9.23 -34.84
N ASN D 98 18.07 -8.76 -33.59
CA ASN D 98 18.24 -9.69 -32.47
C ASN D 98 17.03 -10.59 -32.32
N ARG D 99 15.85 -9.99 -32.39
CA ARG D 99 14.61 -10.76 -32.28
C ARG D 99 14.55 -11.86 -33.31
N PHE D 100 14.93 -11.55 -34.55
CA PHE D 100 14.89 -12.53 -35.63
C PHE D 100 15.83 -13.70 -35.37
N ASN D 101 17.03 -13.42 -34.89
CA ASN D 101 17.96 -14.48 -34.55
C ASN D 101 17.37 -15.48 -33.56
N ASP D 102 16.60 -15.01 -32.57
CA ASP D 102 15.97 -15.95 -31.64
C ASP D 102 15.00 -16.87 -32.33
N LEU D 103 14.18 -16.34 -33.22
CA LEU D 103 13.21 -17.19 -33.92
C LEU D 103 13.93 -18.18 -34.82
N LEU D 104 14.96 -17.72 -35.52
CA LEU D 104 15.76 -18.60 -36.35
C LEU D 104 16.39 -19.73 -35.55
N ASP D 105 16.92 -19.42 -34.37
CA ASP D 105 17.44 -20.47 -33.50
C ASP D 105 16.37 -21.50 -33.15
N ARG D 106 15.19 -21.02 -32.77
CA ARG D 106 14.12 -21.94 -32.38
C ARG D 106 13.68 -22.81 -33.54
N MET D 107 13.68 -22.27 -34.76
CA MET D 107 13.42 -23.09 -35.94
C MET D 107 14.45 -24.20 -36.11
N ASP D 108 15.72 -23.91 -35.82
CA ASP D 108 16.75 -24.95 -35.94
C ASP D 108 16.46 -26.15 -35.06
N ILE D 109 15.85 -25.93 -33.90
CA ILE D 109 15.41 -27.05 -33.06
C ILE D 109 14.18 -27.72 -33.64
N MET D 110 13.12 -26.94 -33.83
CA MET D 110 11.83 -27.51 -34.24
C MET D 110 11.98 -28.45 -35.43
N PHE D 111 12.77 -28.04 -36.42
CA PHE D 111 12.94 -28.80 -37.65
C PHE D 111 14.30 -29.47 -37.71
N GLY D 112 14.95 -29.65 -36.56
CA GLY D 112 16.25 -30.28 -36.52
C GLY D 112 16.15 -31.76 -36.85
N SER D 113 17.30 -32.42 -36.70
CA SER D 113 17.29 -33.88 -36.65
C SER D 113 16.50 -34.38 -35.45
N THR D 114 16.59 -33.66 -34.34
CA THR D 114 15.71 -33.81 -33.19
C THR D 114 14.31 -33.26 -33.46
N GLY D 115 14.01 -32.93 -34.72
CA GLY D 115 12.93 -32.04 -35.06
C GLY D 115 11.57 -32.52 -34.58
N SER D 116 11.05 -31.84 -33.56
CA SER D 116 9.73 -32.14 -33.05
C SER D 116 8.62 -31.83 -34.04
N ALA D 117 8.87 -30.97 -35.02
CA ALA D 117 7.81 -30.38 -35.83
C ALA D 117 8.00 -30.75 -37.29
N ASP D 118 6.88 -30.95 -37.99
CA ASP D 118 6.93 -31.26 -39.40
C ASP D 118 7.05 -29.98 -40.22
N ILE D 119 8.24 -29.76 -40.79
CA ILE D 119 8.48 -28.61 -41.64
C ILE D 119 7.48 -28.56 -42.80
N GLU D 120 6.98 -29.71 -43.23
CA GLU D 120 5.93 -29.73 -44.25
C GLU D 120 4.61 -29.19 -43.74
N GLU D 121 4.25 -29.48 -42.51
CA GLU D 121 3.03 -28.89 -41.95
C GLU D 121 3.20 -27.40 -41.75
N TRP D 122 4.38 -26.98 -41.29
CA TRP D 122 4.65 -25.55 -41.16
C TRP D 122 4.68 -24.86 -42.51
N MET D 123 5.10 -25.56 -43.57
CA MET D 123 4.94 -25.03 -44.91
C MET D 123 3.47 -24.93 -45.32
N ALA D 124 2.66 -25.91 -44.96
CA ALA D 124 1.22 -25.75 -45.10
C ALA D 124 0.73 -24.53 -44.32
N GLY D 125 1.30 -24.28 -43.15
CA GLY D 125 1.00 -23.04 -42.43
C GLY D 125 1.25 -21.80 -43.27
N VAL D 126 2.40 -21.72 -43.92
CA VAL D 126 2.71 -20.55 -44.74
C VAL D 126 1.74 -20.40 -45.89
N ALA D 127 1.31 -21.52 -46.49
CA ALA D 127 0.31 -21.44 -47.53
C ALA D 127 -0.99 -20.80 -47.04
N TRP D 128 -1.50 -21.24 -45.90
CA TRP D 128 -2.78 -20.70 -45.43
C TRP D 128 -2.67 -19.23 -45.07
N LEU D 129 -1.56 -18.83 -44.46
CA LEU D 129 -1.36 -17.40 -44.19
C LEU D 129 -1.22 -16.60 -45.48
N HIS D 130 -0.43 -17.08 -46.45
CA HIS D 130 -0.29 -16.31 -47.66
C HIS D 130 -1.61 -16.10 -48.37
N CYS D 131 -2.61 -16.94 -48.12
CA CYS D 131 -3.92 -16.77 -48.71
C CYS D 131 -4.77 -15.71 -48.03
N LEU D 132 -4.45 -15.30 -46.81
CA LEU D 132 -5.40 -14.58 -45.98
C LEU D 132 -5.70 -13.16 -46.48
N LEU D 133 -4.77 -12.51 -47.17
CA LEU D 133 -4.95 -11.12 -47.57
C LEU D 133 -4.44 -10.89 -48.97
N PRO D 134 -4.85 -9.80 -49.61
CA PRO D 134 -4.08 -9.27 -50.74
C PRO D 134 -2.60 -9.11 -50.41
N LYS D 135 -1.75 -9.42 -51.40
CA LYS D 135 -0.38 -8.93 -51.44
C LYS D 135 0.43 -9.24 -50.18
N MET D 136 0.14 -10.37 -49.55
CA MET D 136 0.52 -10.61 -48.16
C MET D 136 2.00 -10.34 -47.87
N ASP D 137 2.91 -10.94 -48.62
CA ASP D 137 4.32 -10.81 -48.21
C ASP D 137 4.85 -9.40 -48.40
N SER D 138 4.34 -8.64 -49.36
CA SER D 138 4.72 -7.23 -49.42
C SER D 138 4.08 -6.44 -48.29
N VAL D 139 2.85 -6.79 -47.94
CA VAL D 139 2.19 -6.19 -46.77
C VAL D 139 3.02 -6.37 -45.50
N VAL D 140 3.57 -7.56 -45.26
CA VAL D 140 4.38 -7.73 -44.05
C VAL D 140 5.61 -6.85 -44.09
N TYR D 141 6.32 -6.83 -45.22
CA TYR D 141 7.54 -6.04 -45.27
C TYR D 141 7.25 -4.57 -45.01
N ASP D 142 6.12 -4.08 -45.53
CA ASP D 142 5.73 -2.71 -45.28
C ASP D 142 5.31 -2.46 -43.83
N PHE D 143 4.62 -3.41 -43.20
CA PHE D 143 4.37 -3.28 -41.77
C PHE D 143 5.64 -3.22 -40.95
N LEU D 144 6.63 -4.04 -41.30
CA LEU D 144 7.86 -4.06 -40.52
C LEU D 144 8.60 -2.74 -40.64
N LYS D 145 8.80 -2.25 -41.86
CA LYS D 145 9.46 -0.97 -42.01
C LYS D 145 8.80 0.07 -41.14
N CYS D 146 7.47 0.11 -41.18
CA CYS D 146 6.71 1.07 -40.39
C CYS D 146 7.06 1.00 -38.91
N MET D 147 7.10 -0.20 -38.33
CA MET D 147 7.47 -0.33 -36.92
C MET D 147 8.93 0.02 -36.67
N VAL D 148 9.82 -0.31 -37.61
CA VAL D 148 11.23 -0.04 -37.41
C VAL D 148 11.50 1.46 -37.51
N TYR D 149 10.89 2.12 -38.50
CA TYR D 149 11.11 3.55 -38.66
C TYR D 149 10.43 4.37 -37.57
N ASN D 150 9.24 3.98 -37.14
CA ASN D 150 8.60 4.62 -35.99
C ASN D 150 8.45 6.13 -36.18
N ILE D 151 8.09 6.54 -37.39
CA ILE D 151 7.94 7.95 -37.75
C ILE D 151 6.71 8.53 -37.05
N PRO D 152 6.81 9.70 -36.41
CA PRO D 152 5.67 10.22 -35.63
C PRO D 152 4.43 10.54 -36.47
N LYS D 153 3.29 10.59 -35.79
CA LYS D 153 1.97 10.52 -36.38
C LYS D 153 1.73 9.21 -37.12
N LYS D 154 2.57 8.94 -38.11
CA LYS D 154 2.33 7.89 -39.09
C LYS D 154 2.74 6.53 -38.57
N ARG D 155 2.23 6.13 -37.41
CA ARG D 155 2.76 4.99 -36.69
C ARG D 155 1.84 3.78 -36.64
N TYR D 156 0.54 3.96 -36.82
CA TYR D 156 -0.43 2.95 -36.41
C TYR D 156 -1.24 2.42 -37.60
N TRP D 157 -1.67 1.17 -37.48
CA TRP D 157 -2.50 0.50 -38.47
C TRP D 157 -3.80 0.04 -37.83
N LEU D 158 -4.86 0.03 -38.60
CA LEU D 158 -6.18 -0.37 -38.14
C LEU D 158 -6.65 -1.62 -38.89
N PHE D 159 -7.03 -2.64 -38.13
CA PHE D 159 -7.60 -3.87 -38.68
C PHE D 159 -9.10 -3.78 -38.49
N LYS D 160 -9.87 -3.96 -39.56
CA LYS D 160 -11.30 -4.18 -39.32
C LYS D 160 -11.92 -5.11 -40.35
N GLY D 161 -13.04 -5.70 -39.95
CA GLY D 161 -13.74 -6.71 -40.70
C GLY D 161 -14.61 -7.53 -39.76
N PRO D 162 -15.38 -8.47 -40.31
CA PRO D 162 -16.33 -9.23 -39.49
C PRO D 162 -15.68 -10.03 -38.38
N ILE D 163 -16.54 -10.46 -37.45
CA ILE D 163 -16.18 -11.48 -36.47
C ILE D 163 -15.71 -12.74 -37.17
N ASP D 164 -14.71 -13.41 -36.59
CA ASP D 164 -14.10 -14.60 -37.19
C ASP D 164 -13.64 -14.34 -38.62
N SER D 165 -12.90 -13.25 -38.80
CA SER D 165 -12.27 -12.96 -40.08
C SER D 165 -10.76 -12.78 -39.96
N GLY D 166 -10.17 -13.25 -38.87
CA GLY D 166 -8.74 -13.45 -38.81
C GLY D 166 -7.95 -12.33 -38.16
N LYS D 167 -8.58 -11.18 -37.91
CA LYS D 167 -7.83 -10.01 -37.45
C LYS D 167 -6.99 -10.29 -36.19
N THR D 168 -7.57 -10.85 -35.13
CA THR D 168 -6.72 -11.13 -33.98
C THR D 168 -5.70 -12.22 -34.25
N THR D 169 -5.98 -13.19 -35.12
CA THR D 169 -4.97 -14.17 -35.49
C THR D 169 -3.73 -13.49 -36.03
N LEU D 170 -3.89 -12.60 -37.01
CA LEU D 170 -2.74 -11.95 -37.62
C LEU D 170 -2.03 -11.08 -36.60
N ALA D 171 -2.80 -10.33 -35.81
CA ALA D 171 -2.22 -9.51 -34.77
C ALA D 171 -1.35 -10.33 -33.84
N ALA D 172 -1.87 -11.46 -33.36
CA ALA D 172 -1.10 -12.31 -32.45
C ALA D 172 0.17 -12.83 -33.08
N ALA D 173 0.13 -13.20 -34.37
CA ALA D 173 1.35 -13.65 -35.04
C ALA D 173 2.34 -12.51 -35.22
N LEU D 174 1.85 -11.32 -35.57
CA LEU D 174 2.75 -10.17 -35.70
C LEU D 174 3.34 -9.81 -34.35
N LEU D 175 2.49 -9.85 -33.32
CA LEU D 175 2.94 -9.60 -31.97
C LEU D 175 4.02 -10.58 -31.54
N GLU D 176 3.85 -11.86 -31.90
CA GLU D 176 4.89 -12.82 -31.59
C GLU D 176 6.13 -12.61 -32.45
N LEU D 177 5.96 -12.22 -33.71
CA LEU D 177 7.12 -12.01 -34.56
C LEU D 177 8.01 -10.91 -33.99
N CYS D 178 7.40 -9.79 -33.59
CA CYS D 178 8.16 -8.68 -33.07
C CYS D 178 8.43 -8.82 -31.58
N GLY D 179 7.56 -9.49 -30.84
CA GLY D 179 7.38 -9.22 -29.43
C GLY D 179 6.59 -7.95 -29.16
N GLY D 180 5.89 -7.92 -28.05
CA GLY D 180 5.00 -6.84 -27.68
C GLY D 180 3.92 -7.38 -26.78
N LYS D 181 3.00 -6.50 -26.39
CA LYS D 181 1.85 -6.95 -25.59
C LYS D 181 0.55 -6.29 -26.02
N ALA D 182 -0.53 -7.02 -25.81
CA ALA D 182 -1.89 -6.57 -26.11
C ALA D 182 -2.47 -5.80 -24.92
N LEU D 183 -3.45 -4.95 -25.22
CA LEU D 183 -4.07 -4.08 -24.23
C LEU D 183 -5.58 -4.08 -24.41
N ASN D 184 -6.30 -3.85 -23.30
CA ASN D 184 -7.76 -3.73 -23.36
C ASN D 184 -8.20 -2.34 -22.90
N VAL D 185 -8.80 -1.58 -23.81
CA VAL D 185 -9.23 -0.21 -23.55
C VAL D 185 -10.66 -0.07 -23.06
N ASN D 186 -11.48 -1.11 -23.15
CA ASN D 186 -12.92 -1.00 -22.94
C ASN D 186 -13.29 -0.99 -21.45
N LEU D 187 -12.87 0.06 -20.76
CA LEU D 187 -12.98 0.15 -19.32
C LEU D 187 -13.49 1.53 -18.92
N PRO D 188 -13.99 1.68 -17.69
CA PRO D 188 -13.96 3.00 -17.05
C PRO D 188 -12.52 3.48 -16.91
N LEU D 189 -12.34 4.80 -16.95
CA LEU D 189 -10.99 5.34 -17.06
C LEU D 189 -10.11 5.09 -15.84
N ASP D 190 -10.68 4.77 -14.68
CA ASP D 190 -9.83 4.57 -13.50
C ASP D 190 -8.86 3.42 -13.67
N ARG D 191 -9.36 2.24 -14.06
CA ARG D 191 -8.48 1.09 -14.27
C ARG D 191 -7.55 1.29 -15.45
N LEU D 192 -7.96 2.09 -16.43
CA LEU D 192 -7.17 2.27 -17.63
C LEU D 192 -5.74 2.70 -17.31
N ASN D 193 -5.55 3.34 -16.17
CA ASN D 193 -4.22 3.79 -15.77
C ASN D 193 -3.20 2.65 -15.70
N PHE D 194 -3.50 1.61 -14.92
CA PHE D 194 -2.58 0.47 -14.84
C PHE D 194 -2.60 -0.41 -16.07
N GLU D 195 -3.67 -0.41 -16.84
CA GLU D 195 -3.67 -1.14 -18.10
C GLU D 195 -2.50 -0.73 -18.98
N LEU D 196 -2.30 0.57 -19.15
CA LEU D 196 -1.24 1.05 -20.00
C LEU D 196 0.15 0.75 -19.45
N GLY D 197 0.27 0.49 -18.15
CA GLY D 197 1.55 0.12 -17.59
C GLY D 197 2.19 -1.06 -18.29
N VAL D 198 1.37 -1.94 -18.86
CA VAL D 198 1.86 -3.09 -19.61
C VAL D 198 2.83 -2.65 -20.70
N ALA D 199 2.59 -1.49 -21.30
CA ALA D 199 3.34 -1.10 -22.47
C ALA D 199 4.80 -0.75 -22.20
N ILE D 200 5.20 -0.59 -20.93
CA ILE D 200 6.55 -0.11 -20.67
C ILE D 200 7.58 -1.05 -21.28
N ASP D 201 8.50 -0.48 -22.04
CA ASP D 201 9.59 -1.18 -22.71
C ASP D 201 9.16 -2.19 -23.77
N GLN D 202 7.92 -2.17 -24.23
CA GLN D 202 7.50 -3.01 -25.34
C GLN D 202 7.88 -2.39 -26.69
N PHE D 203 8.17 -3.25 -27.66
CA PHE D 203 8.39 -2.80 -29.04
C PHE D 203 7.08 -2.50 -29.77
N LEU D 204 6.03 -3.27 -29.52
CA LEU D 204 4.72 -3.06 -30.11
C LEU D 204 3.64 -3.10 -29.04
N VAL D 205 2.51 -2.47 -29.34
CA VAL D 205 1.27 -2.79 -28.64
C VAL D 205 0.19 -3.11 -29.65
N VAL D 206 -0.81 -3.85 -29.18
CA VAL D 206 -2.03 -4.07 -29.92
C VAL D 206 -3.19 -3.66 -29.03
N PHE D 207 -4.05 -2.80 -29.56
CA PHE D 207 -5.33 -2.48 -28.94
C PHE D 207 -6.37 -3.39 -29.56
N GLU D 208 -6.70 -4.46 -28.86
CA GLU D 208 -7.73 -5.36 -29.36
C GLU D 208 -9.12 -4.80 -29.11
N ASP D 209 -10.05 -5.17 -30.00
CA ASP D 209 -11.46 -5.21 -29.70
C ASP D 209 -11.99 -3.87 -29.15
N VAL D 210 -11.63 -2.80 -29.84
CA VAL D 210 -12.05 -1.47 -29.41
C VAL D 210 -13.53 -1.31 -29.73
N LYS D 211 -14.37 -1.26 -28.70
CA LYS D 211 -15.81 -1.07 -28.90
C LYS D 211 -16.15 0.38 -29.24
N GLY D 212 -16.99 0.55 -30.26
CA GLY D 212 -17.58 1.85 -30.53
C GLY D 212 -18.82 2.10 -29.70
N THR D 213 -19.00 3.35 -29.29
CA THR D 213 -20.20 3.75 -28.55
C THR D 213 -21.41 3.78 -29.48
N GLY D 214 -22.49 3.12 -29.07
CA GLY D 214 -23.64 2.97 -29.94
C GLY D 214 -23.43 2.05 -31.13
N GLY D 215 -22.54 1.07 -31.00
CA GLY D 215 -22.35 0.10 -32.08
C GLY D 215 -23.58 -0.68 -32.45
N GLU D 216 -24.59 -0.70 -31.59
CA GLU D 216 -25.88 -1.31 -31.93
C GLU D 216 -26.58 -0.59 -33.08
N SER D 217 -26.06 0.56 -33.51
CA SER D 217 -26.33 1.07 -34.85
C SER D 217 -26.17 -0.02 -35.92
N ARG D 218 -25.05 -0.74 -35.87
CA ARG D 218 -24.87 -1.90 -36.75
C ARG D 218 -25.59 -3.13 -36.20
N ASP D 219 -26.08 -3.05 -34.97
CA ASP D 219 -26.36 -4.17 -34.09
C ASP D 219 -25.10 -4.88 -33.59
N LEU D 220 -24.00 -4.14 -33.49
CA LEU D 220 -22.86 -4.58 -32.68
C LEU D 220 -23.10 -4.19 -31.22
N PRO D 221 -22.41 -4.85 -30.28
CA PRO D 221 -22.51 -4.42 -28.88
C PRO D 221 -21.82 -3.09 -28.63
N SER D 222 -22.44 -2.26 -27.80
CA SER D 222 -21.89 -0.96 -27.43
C SER D 222 -20.78 -1.05 -26.37
N GLY D 223 -19.88 -0.08 -26.39
CA GLY D 223 -18.89 0.08 -25.34
C GLY D 223 -18.08 1.33 -25.54
N GLN D 224 -17.41 1.76 -24.47
CA GLN D 224 -16.70 3.04 -24.43
C GLN D 224 -15.30 3.00 -25.01
N GLY D 225 -14.91 1.93 -25.69
CA GLY D 225 -13.55 1.84 -26.20
C GLY D 225 -13.12 3.05 -27.01
N ILE D 226 -13.90 3.40 -28.03
CA ILE D 226 -13.53 4.52 -28.90
C ILE D 226 -13.44 5.81 -28.10
N ASN D 227 -14.41 6.08 -27.23
CA ASN D 227 -14.41 7.32 -26.48
C ASN D 227 -13.27 7.36 -25.47
N ASN D 228 -12.92 6.21 -24.90
CA ASN D 228 -11.72 6.11 -24.09
C ASN D 228 -10.46 6.38 -24.90
N LEU D 229 -10.39 5.89 -26.14
CA LEU D 229 -9.21 6.11 -26.95
C LEU D 229 -8.97 7.58 -27.24
N ASP D 230 -9.97 8.27 -27.76
CA ASP D 230 -9.63 9.48 -28.50
C ASP D 230 -9.18 10.62 -27.60
N ASN D 231 -9.22 10.41 -26.29
CA ASN D 231 -8.50 11.28 -25.37
C ASN D 231 -7.00 11.28 -25.64
N LEU D 232 -6.47 10.15 -26.13
CA LEU D 232 -5.07 9.81 -26.01
C LEU D 232 -4.25 10.17 -27.25
N ARG D 233 -4.62 11.25 -27.94
CA ARG D 233 -4.09 11.51 -29.27
C ARG D 233 -2.57 11.61 -29.27
N ASP D 234 -2.00 12.14 -28.19
CA ASP D 234 -0.56 12.13 -27.98
C ASP D 234 0.03 10.72 -28.08
N TYR D 235 -0.61 9.74 -27.44
CA TYR D 235 -0.02 8.41 -27.34
C TYR D 235 0.19 7.78 -28.71
N LEU D 236 -0.81 7.85 -29.60
CA LEU D 236 -0.62 7.27 -30.92
C LEU D 236 0.42 8.04 -31.72
N ASP D 237 0.27 9.36 -31.80
CA ASP D 237 1.11 10.12 -32.73
C ASP D 237 2.57 10.13 -32.30
N GLY D 238 2.84 9.95 -31.01
CA GLY D 238 4.16 9.56 -30.56
C GLY D 238 5.24 10.59 -30.83
N SER D 239 4.86 11.84 -31.08
CA SER D 239 5.87 12.89 -31.19
C SER D 239 6.54 13.18 -29.85
N VAL D 240 5.87 12.90 -28.74
CA VAL D 240 6.31 13.38 -27.44
C VAL D 240 6.23 12.25 -26.41
N LYS D 241 7.01 12.40 -25.34
CA LYS D 241 7.02 11.39 -24.29
C LYS D 241 5.71 11.39 -23.53
N VAL D 242 5.33 10.22 -23.02
CA VAL D 242 4.18 10.06 -22.13
C VAL D 242 4.62 9.42 -20.83
N ASN D 243 3.94 9.79 -19.75
CA ASN D 243 4.17 9.18 -18.44
C ASN D 243 3.51 7.80 -18.39
N LEU D 244 4.22 6.80 -17.87
CA LEU D 244 3.70 5.44 -17.81
C LEU D 244 4.02 4.80 -16.46
N GLU D 245 3.10 3.95 -16.00
CA GLU D 245 3.01 3.52 -14.61
C GLU D 245 2.69 2.04 -14.46
N LYS D 246 3.35 1.36 -13.53
CA LYS D 246 2.96 0.02 -13.11
C LYS D 246 2.69 0.00 -11.60
N LYS D 247 1.85 -0.95 -11.17
CA LYS D 247 1.57 -1.14 -9.76
C LYS D 247 2.84 -1.28 -8.93
N HIS D 248 2.91 -0.54 -7.83
CA HIS D 248 4.08 -0.42 -6.96
C HIS D 248 5.34 0.17 -7.60
N LEU D 249 5.31 0.67 -8.84
CA LEU D 249 6.50 1.26 -9.42
C LEU D 249 6.33 2.76 -9.62
N ASN D 250 7.44 3.49 -9.41
CA ASN D 250 7.52 4.88 -9.81
C ASN D 250 7.35 5.02 -11.31
N LYS D 251 6.79 6.14 -11.71
CA LYS D 251 6.52 6.33 -13.13
C LYS D 251 7.83 6.36 -13.91
N ARG D 252 7.70 6.07 -15.19
CA ARG D 252 8.75 6.24 -16.18
C ARG D 252 8.17 7.04 -17.33
N THR D 253 9.03 7.51 -18.23
CA THR D 253 8.56 8.28 -19.37
C THR D 253 9.26 7.81 -20.63
N GLN D 254 8.49 7.61 -21.69
CA GLN D 254 9.03 7.23 -22.98
C GLN D 254 7.98 7.52 -24.03
N ILE D 255 8.39 7.45 -25.29
CA ILE D 255 7.42 7.42 -26.37
C ILE D 255 6.61 6.13 -26.28
N PHE D 256 5.32 6.24 -26.44
CA PHE D 256 4.48 5.06 -26.47
C PHE D 256 4.70 4.31 -27.78
N PRO D 257 4.87 2.99 -27.75
CA PRO D 257 5.30 2.26 -28.94
C PRO D 257 4.24 2.26 -30.02
N PRO D 258 4.62 1.92 -31.25
CA PRO D 258 3.64 1.80 -32.34
C PRO D 258 2.82 0.53 -32.20
N GLY D 259 1.84 0.28 -33.06
CA GLY D 259 1.00 -0.89 -32.84
C GLY D 259 -0.16 -0.99 -33.80
N ILE D 260 -1.13 -1.81 -33.40
CA ILE D 260 -2.32 -2.09 -34.18
C ILE D 260 -3.57 -1.84 -33.34
N VAL D 261 -4.62 -1.37 -34.01
CA VAL D 261 -5.96 -1.31 -33.44
C VAL D 261 -6.84 -2.25 -34.25
N THR D 262 -7.73 -2.97 -33.57
CA THR D 262 -8.64 -3.87 -34.25
C THR D 262 -10.08 -3.58 -33.85
N MET D 263 -11.00 -3.80 -34.78
CA MET D 263 -12.42 -3.65 -34.49
C MET D 263 -13.25 -4.32 -35.56
N ASN D 264 -14.51 -4.57 -35.24
CA ASN D 264 -15.52 -4.82 -36.25
C ASN D 264 -16.01 -3.47 -36.82
N GLU D 265 -17.13 -3.48 -37.53
CA GLU D 265 -17.55 -2.35 -38.36
C GLU D 265 -18.09 -1.12 -37.63
N TYR D 266 -17.57 -0.80 -36.45
CA TYR D 266 -17.98 0.40 -35.71
C TYR D 266 -17.66 1.70 -36.45
N SER D 267 -18.29 2.78 -35.97
CA SER D 267 -17.96 4.14 -36.43
C SER D 267 -16.54 4.53 -36.02
N VAL D 268 -15.91 5.33 -36.88
CA VAL D 268 -14.63 5.95 -36.58
C VAL D 268 -14.71 7.46 -36.82
N PRO D 269 -14.48 8.29 -35.80
CA PRO D 269 -14.26 9.73 -36.06
C PRO D 269 -13.08 9.98 -36.98
N LYS D 270 -13.14 11.08 -37.72
CA LYS D 270 -11.95 11.54 -38.45
C LYS D 270 -10.82 11.88 -37.50
N THR D 271 -11.15 12.39 -36.31
CA THR D 271 -10.15 12.58 -35.27
C THR D 271 -9.36 11.30 -35.01
N LEU D 272 -10.03 10.16 -35.11
CA LEU D 272 -9.34 8.88 -35.05
C LEU D 272 -8.77 8.43 -36.41
N GLN D 273 -9.50 8.62 -37.50
CA GLN D 273 -9.02 8.11 -38.79
C GLN D 273 -7.70 8.73 -39.18
N ALA D 274 -7.51 10.02 -38.92
CA ALA D 274 -6.25 10.68 -39.24
C ALA D 274 -5.08 10.16 -38.42
N ARG D 275 -5.32 9.32 -37.41
CA ARG D 275 -4.25 8.68 -36.67
C ARG D 275 -3.59 7.51 -37.41
N PHE D 276 -4.22 6.97 -38.45
CA PHE D 276 -3.80 5.71 -39.05
C PHE D 276 -3.11 5.83 -40.39
N VAL D 277 -2.03 5.07 -40.54
CA VAL D 277 -1.30 4.98 -41.80
C VAL D 277 -2.07 4.17 -42.81
N LYS D 278 -2.58 3.02 -42.38
CA LYS D 278 -3.30 2.12 -43.27
C LYS D 278 -4.38 1.41 -42.49
N GLN D 279 -5.48 1.16 -43.19
CA GLN D 279 -6.57 0.35 -42.71
C GLN D 279 -6.64 -0.89 -43.58
N ILE D 280 -6.61 -2.05 -42.96
CA ILE D 280 -6.68 -3.32 -43.68
C ILE D 280 -8.04 -3.94 -43.44
N ASP D 281 -8.70 -4.31 -44.52
CA ASP D 281 -10.00 -4.95 -44.47
C ASP D 281 -9.84 -6.45 -44.62
N PHE D 282 -10.38 -7.19 -43.68
CA PHE D 282 -10.47 -8.63 -43.77
C PHE D 282 -11.86 -9.02 -44.26
N ARG D 283 -11.94 -10.22 -44.84
CA ARG D 283 -13.22 -10.79 -45.20
C ARG D 283 -13.24 -12.26 -44.82
N PRO D 284 -14.38 -12.77 -44.33
CA PRO D 284 -14.52 -14.21 -44.23
C PRO D 284 -14.58 -14.80 -45.63
N LYS D 285 -13.72 -15.78 -45.89
CA LYS D 285 -13.69 -16.49 -47.16
C LYS D 285 -13.86 -17.97 -46.90
N ASP D 286 -14.95 -18.53 -47.43
CA ASP D 286 -15.44 -19.80 -46.94
C ASP D 286 -14.52 -20.95 -47.31
N TYR D 287 -13.74 -20.84 -48.39
CA TYR D 287 -12.79 -21.89 -48.68
C TYR D 287 -11.72 -22.02 -47.60
N LEU D 288 -11.32 -20.93 -46.96
CA LEU D 288 -10.41 -21.07 -45.82
C LEU D 288 -11.08 -21.81 -44.68
N LYS D 289 -12.34 -21.50 -44.40
CA LYS D 289 -13.08 -22.23 -43.38
C LYS D 289 -13.09 -23.73 -43.67
N HIS D 290 -13.52 -24.10 -44.88
CA HIS D 290 -13.53 -25.51 -45.26
C HIS D 290 -12.14 -26.11 -45.34
N CYS D 291 -11.11 -25.30 -45.57
CA CYS D 291 -9.76 -25.83 -45.54
C CYS D 291 -9.31 -26.14 -44.13
N LEU D 292 -9.53 -25.22 -43.20
CA LEU D 292 -9.27 -25.53 -41.79
C LEU D 292 -10.06 -26.74 -41.36
N GLU D 293 -11.33 -26.80 -41.73
CA GLU D 293 -12.18 -27.96 -41.47
C GLU D 293 -11.70 -29.25 -42.12
N ARG D 294 -10.63 -29.19 -42.90
CA ARG D 294 -10.03 -30.38 -43.47
C ARG D 294 -8.51 -30.41 -43.27
N SER D 295 -7.98 -29.53 -42.41
CA SER D 295 -6.54 -29.37 -42.27
C SER D 295 -6.21 -29.04 -40.81
N GLU D 296 -6.98 -29.59 -39.88
CA GLU D 296 -7.03 -29.07 -38.53
C GLU D 296 -5.69 -29.12 -37.80
N PHE D 297 -4.75 -29.94 -38.25
CA PHE D 297 -3.41 -29.87 -37.69
C PHE D 297 -2.87 -28.45 -37.67
N LEU D 298 -3.28 -27.62 -38.64
CA LEU D 298 -3.02 -26.19 -38.61
C LEU D 298 -3.44 -25.56 -37.29
N LEU D 299 -4.70 -25.73 -36.92
CA LEU D 299 -5.21 -25.14 -35.70
C LEU D 299 -4.66 -25.84 -34.46
N GLU D 300 -4.68 -27.17 -34.48
CA GLU D 300 -4.37 -27.91 -33.27
C GLU D 300 -2.93 -27.71 -32.86
N LYS D 301 -2.01 -27.63 -33.80
CA LYS D 301 -0.63 -27.31 -33.47
C LYS D 301 -0.37 -25.82 -33.40
N ARG D 302 -1.43 -25.00 -33.48
CA ARG D 302 -1.33 -23.55 -33.42
C ARG D 302 -0.45 -22.95 -34.51
N ILE D 303 -0.31 -23.61 -35.65
CA ILE D 303 0.65 -23.17 -36.65
C ILE D 303 0.35 -21.75 -37.12
N ILE D 304 -0.86 -21.52 -37.61
CA ILE D 304 -1.20 -20.21 -38.19
C ILE D 304 -1.30 -19.11 -37.15
N GLN D 305 -1.13 -19.43 -35.88
CA GLN D 305 -1.04 -18.38 -34.86
C GLN D 305 0.35 -17.75 -34.76
N SER D 306 1.39 -18.41 -35.26
CA SER D 306 2.72 -18.26 -34.70
C SER D 306 3.64 -17.41 -35.57
N GLY D 307 4.48 -16.61 -34.91
CA GLY D 307 5.36 -15.69 -35.61
C GLY D 307 6.34 -16.39 -36.52
N ILE D 308 6.70 -17.62 -36.16
CA ILE D 308 7.53 -18.46 -37.01
C ILE D 308 6.96 -18.59 -38.42
N ALA D 309 5.64 -18.67 -38.52
CA ALA D 309 5.01 -18.76 -39.84
C ALA D 309 5.16 -17.48 -40.66
N LEU D 310 5.12 -16.31 -40.01
CA LEU D 310 5.42 -15.07 -40.74
C LEU D 310 6.89 -14.93 -41.05
N LEU D 311 7.76 -15.43 -40.17
CA LEU D 311 9.18 -15.45 -40.49
C LEU D 311 9.44 -16.34 -41.69
N LEU D 312 8.89 -17.54 -41.69
CA LEU D 312 9.06 -18.44 -42.83
C LEU D 312 8.56 -17.78 -44.10
N MET D 313 7.41 -17.12 -44.02
CA MET D 313 6.86 -16.44 -45.18
C MET D 313 7.82 -15.41 -45.73
N LEU D 314 8.44 -14.62 -44.86
CA LEU D 314 9.47 -13.68 -45.30
C LEU D 314 10.68 -14.40 -45.89
N ILE D 315 11.17 -15.44 -45.23
CA ILE D 315 12.35 -16.14 -45.74
C ILE D 315 12.09 -16.67 -47.14
N TRP D 316 10.93 -17.27 -47.36
CA TRP D 316 10.67 -17.85 -48.67
C TRP D 316 10.54 -16.78 -49.74
N TYR D 317 9.83 -15.70 -49.45
CA TYR D 317 9.53 -14.71 -50.48
C TYR D 317 10.56 -13.58 -50.65
N ARG D 318 11.16 -13.07 -49.57
CA ARG D 318 11.85 -11.78 -49.71
C ARG D 318 13.26 -11.90 -50.28
N PRO D 319 13.73 -10.88 -51.01
CA PRO D 319 15.15 -10.79 -51.38
C PRO D 319 16.10 -10.69 -50.19
N VAL D 320 17.26 -11.35 -50.33
CA VAL D 320 18.21 -11.46 -49.23
C VAL D 320 18.67 -10.08 -48.75
N ALA D 321 18.89 -9.15 -49.68
CA ALA D 321 19.33 -7.82 -49.31
C ALA D 321 18.38 -7.08 -48.37
N GLU D 322 17.15 -7.55 -48.20
CA GLU D 322 16.21 -6.91 -47.30
C GLU D 322 16.46 -7.23 -45.83
N PHE D 323 17.18 -8.30 -45.53
CA PHE D 323 17.62 -8.54 -44.16
C PHE D 323 18.92 -7.79 -43.88
N ALA D 324 19.27 -7.68 -42.60
CA ALA D 324 20.53 -7.09 -42.20
C ALA D 324 21.71 -7.98 -42.52
N GLN D 325 22.85 -7.34 -42.81
CA GLN D 325 24.09 -8.07 -43.09
C GLN D 325 24.43 -9.06 -41.99
N SER D 326 24.09 -8.72 -40.75
CA SER D 326 24.27 -9.65 -39.63
C SER D 326 23.68 -11.03 -39.88
N ILE D 327 22.49 -11.11 -40.47
CA ILE D 327 21.78 -12.39 -40.59
C ILE D 327 21.63 -12.88 -42.01
N GLN D 328 21.99 -12.08 -43.01
CA GLN D 328 21.86 -12.50 -44.40
C GLN D 328 22.45 -13.89 -44.64
N SER D 329 23.57 -14.20 -44.00
CA SER D 329 24.13 -15.55 -44.09
C SER D 329 23.16 -16.63 -43.62
N ARG D 330 22.55 -16.47 -42.44
CA ARG D 330 21.61 -17.48 -41.97
C ARG D 330 20.41 -17.60 -42.88
N ILE D 331 19.93 -16.47 -43.40
CA ILE D 331 18.79 -16.48 -44.30
C ILE D 331 19.10 -17.34 -45.51
N VAL D 332 20.30 -17.17 -46.06
CA VAL D 332 20.73 -17.99 -47.19
C VAL D 332 20.73 -19.47 -46.85
N GLU D 333 21.27 -19.83 -45.69
CA GLU D 333 21.28 -21.24 -45.30
C GLU D 333 19.88 -21.80 -45.15
N TRP D 334 18.96 -21.04 -44.56
CA TRP D 334 17.58 -21.48 -44.49
C TRP D 334 16.93 -21.49 -45.86
N LYS D 335 17.16 -20.47 -46.68
CA LYS D 335 16.63 -20.50 -48.04
C LYS D 335 17.13 -21.73 -48.78
N GLU D 336 18.40 -22.04 -48.65
CA GLU D 336 18.96 -23.23 -49.28
C GLU D 336 18.22 -24.48 -48.82
N ARG D 337 18.05 -24.65 -47.52
CA ARG D 337 17.31 -25.79 -47.02
C ARG D 337 15.92 -25.88 -47.63
N LEU D 338 15.14 -24.80 -47.56
CA LEU D 338 13.77 -24.86 -48.07
C LEU D 338 13.74 -25.04 -49.57
N ASP D 339 14.63 -24.38 -50.31
CA ASP D 339 14.66 -24.56 -51.76
C ASP D 339 15.06 -25.97 -52.13
N LYS D 340 15.87 -26.62 -51.30
CA LYS D 340 16.13 -28.04 -51.48
C LYS D 340 14.90 -28.87 -51.15
N GLU D 341 14.30 -28.64 -49.99
CA GLU D 341 13.23 -29.51 -49.54
C GLU D 341 11.91 -29.30 -50.28
N PHE D 342 11.70 -28.14 -50.91
CA PHE D 342 10.43 -27.88 -51.59
C PHE D 342 10.65 -27.23 -52.94
N SER D 343 9.91 -27.70 -53.92
CA SER D 343 9.83 -27.06 -55.22
C SER D 343 8.85 -25.91 -55.21
N LEU D 344 9.08 -24.95 -56.12
CA LEU D 344 8.16 -23.84 -56.28
C LEU D 344 6.78 -24.33 -56.71
N SER D 345 6.75 -25.32 -57.59
CA SER D 345 5.48 -25.94 -57.99
C SER D 345 4.73 -26.52 -56.80
N VAL D 346 5.44 -27.12 -55.85
CA VAL D 346 4.78 -27.77 -54.73
C VAL D 346 4.10 -26.75 -53.83
N TYR D 347 4.82 -25.70 -53.47
CA TYR D 347 4.22 -24.65 -52.69
C TYR D 347 3.18 -23.88 -53.50
N GLN D 348 3.44 -23.66 -54.80
CA GLN D 348 2.41 -23.12 -55.68
C GLN D 348 1.15 -23.98 -55.68
N LYS D 349 1.33 -25.30 -55.72
CA LYS D 349 0.19 -26.21 -55.64
C LYS D 349 -0.60 -26.02 -54.36
N MET D 350 0.09 -25.94 -53.22
CA MET D 350 -0.63 -25.71 -51.97
C MET D 350 -1.49 -24.45 -52.03
N LYS D 351 -0.96 -23.36 -52.58
CA LYS D 351 -1.76 -22.13 -52.68
C LYS D 351 -2.99 -22.36 -53.57
N PHE D 352 -2.77 -22.98 -54.72
CA PHE D 352 -3.88 -23.38 -55.58
C PHE D 352 -4.86 -24.28 -54.83
N ASN D 353 -4.34 -25.26 -54.08
CA ASN D 353 -5.21 -26.20 -53.40
C ASN D 353 -6.01 -25.53 -52.28
N VAL D 354 -5.40 -24.61 -51.55
CA VAL D 354 -6.17 -23.81 -50.60
C VAL D 354 -7.24 -23.01 -51.30
N ALA D 355 -6.97 -22.55 -52.52
CA ALA D 355 -8.01 -21.90 -53.30
C ALA D 355 -9.20 -22.83 -53.57
N MET D 356 -9.01 -24.14 -53.48
CA MET D 356 -10.11 -25.09 -53.61
C MET D 356 -10.84 -25.37 -52.30
N GLY D 357 -10.38 -24.84 -51.18
CA GLY D 357 -10.98 -25.14 -49.90
C GLY D 357 -10.82 -26.57 -49.46
N ILE D 358 -10.23 -27.41 -50.30
CA ILE D 358 -9.83 -28.76 -49.94
C ILE D 358 -8.67 -28.71 -48.94
N GLY D 359 -8.48 -29.79 -48.22
CA GLY D 359 -7.39 -29.85 -47.25
C GLY D 359 -6.04 -29.64 -47.90
N VAL D 360 -5.13 -29.02 -47.15
CA VAL D 360 -3.90 -28.48 -47.72
C VAL D 360 -3.03 -29.57 -48.35
N LEU D 361 -2.83 -30.67 -47.64
CA LEU D 361 -1.63 -31.48 -47.87
C LEU D 361 -1.80 -32.67 -48.83
N ASP D 362 -2.98 -32.91 -49.39
CA ASP D 362 -3.07 -33.99 -50.38
C ASP D 362 -2.27 -33.66 -51.63
N LYS E 1 29.30 -31.13 16.35
CA LYS E 1 29.47 -30.46 15.06
C LYS E 1 28.20 -29.73 14.62
N GLN E 2 28.34 -28.94 13.57
CA GLN E 2 27.28 -28.06 13.10
C GLN E 2 26.14 -28.78 12.38
N VAL E 3 25.04 -28.03 12.24
CA VAL E 3 23.88 -28.46 11.48
C VAL E 3 24.27 -28.76 10.05
N SER E 4 23.50 -29.63 9.40
CA SER E 4 23.48 -29.68 7.94
C SER E 4 22.18 -29.07 7.43
N TRP E 5 22.30 -27.99 6.65
CA TRP E 5 21.15 -27.37 6.03
C TRP E 5 20.54 -28.26 4.95
N LYS E 6 21.33 -29.20 4.45
CA LYS E 6 20.91 -30.09 3.38
C LYS E 6 19.79 -31.03 3.84
N LEU E 7 19.94 -31.61 5.02
CA LEU E 7 18.92 -32.50 5.55
C LEU E 7 17.61 -31.77 5.78
N VAL E 8 17.66 -30.49 6.14
CA VAL E 8 16.43 -29.71 6.27
C VAL E 8 15.79 -29.51 4.91
N THR E 9 16.60 -29.13 3.91
CA THR E 9 16.04 -28.90 2.59
C THR E 9 15.46 -30.17 2.01
N GLU E 10 16.10 -31.30 2.28
CA GLU E 10 15.59 -32.58 1.81
C GLU E 10 14.23 -32.90 2.41
N TYR E 11 14.07 -32.69 3.72
CA TYR E 11 12.77 -32.87 4.34
C TYR E 11 11.71 -31.93 3.75
N ALA E 12 12.08 -30.68 3.46
CA ALA E 12 11.12 -29.77 2.85
C ALA E 12 10.64 -30.26 1.50
N MET E 13 11.55 -30.77 0.68
CA MET E 13 11.16 -31.38 -0.58
C MET E 13 10.26 -32.58 -0.34
N GLU E 14 10.69 -33.48 0.55
CA GLU E 14 9.93 -34.68 0.85
C GLU E 14 8.50 -34.38 1.26
N THR E 15 8.33 -33.46 2.20
CA THR E 15 6.99 -33.05 2.61
C THR E 15 6.30 -32.14 1.62
N LYS E 16 7.02 -31.62 0.62
CA LYS E 16 6.56 -30.50 -0.18
C LYS E 16 6.06 -29.35 0.69
N CYS E 17 6.68 -29.15 1.84
CA CYS E 17 6.29 -28.03 2.69
C CYS E 17 6.85 -26.74 2.11
N ASP E 18 6.05 -25.67 2.14
CA ASP E 18 6.55 -24.38 1.69
C ASP E 18 6.00 -23.20 2.51
N ASP E 19 5.75 -23.40 3.80
CA ASP E 19 5.64 -22.30 4.75
C ASP E 19 6.76 -22.37 5.78
N VAL E 20 7.40 -21.23 6.01
CA VAL E 20 8.58 -21.19 6.89
C VAL E 20 8.22 -21.63 8.30
N LEU E 21 7.14 -21.08 8.83
CA LEU E 21 6.76 -21.37 10.21
C LEU E 21 6.38 -22.82 10.37
N LEU E 22 5.56 -23.32 9.46
CA LEU E 22 5.15 -24.72 9.48
C LEU E 22 6.35 -25.64 9.41
N LEU E 23 7.28 -25.42 8.48
CA LEU E 23 8.45 -26.27 8.40
C LEU E 23 9.27 -26.22 9.69
N LEU E 24 9.49 -25.02 10.23
CA LEU E 24 10.21 -24.89 11.48
C LEU E 24 9.56 -25.75 12.56
N GLY E 25 8.25 -25.60 12.72
CA GLY E 25 7.55 -26.35 13.74
C GLY E 25 7.72 -27.85 13.58
N MET E 26 7.51 -28.35 12.37
CA MET E 26 7.69 -29.77 12.10
C MET E 26 9.07 -30.26 12.51
N TYR E 27 10.12 -29.60 12.03
CA TYR E 27 11.45 -30.17 12.19
C TYR E 27 11.89 -30.18 13.65
N LEU E 28 11.43 -29.23 14.45
CA LEU E 28 11.73 -29.25 15.87
C LEU E 28 11.13 -30.45 16.60
N GLU E 29 10.05 -31.03 16.09
CA GLU E 29 9.51 -32.23 16.71
C GLU E 29 10.51 -33.38 16.71
N PHE E 30 11.40 -33.44 15.74
CA PHE E 30 12.34 -34.55 15.65
C PHE E 30 13.44 -34.47 16.70
N GLN E 31 13.46 -33.45 17.54
CA GLN E 31 14.46 -33.36 18.62
C GLN E 31 14.46 -34.57 19.53
N TYR E 32 13.29 -35.02 19.95
CA TYR E 32 13.24 -36.05 20.96
C TYR E 32 13.61 -37.39 20.36
N SER E 33 13.82 -38.39 21.22
CA SER E 33 14.02 -39.73 20.72
C SER E 33 12.76 -40.20 20.00
N PHE E 34 12.89 -40.53 18.72
CA PHE E 34 11.78 -41.15 18.03
C PHE E 34 11.39 -42.45 18.72
N GLU E 35 12.36 -43.08 19.37
CA GLU E 35 12.16 -44.31 20.11
C GLU E 35 11.03 -44.22 21.13
N MET E 36 10.74 -43.04 21.64
CA MET E 36 9.58 -42.87 22.50
C MET E 36 8.64 -41.79 21.97
N CYS E 37 8.85 -41.33 20.75
CA CYS E 37 8.00 -40.28 20.21
C CYS E 37 6.59 -40.81 20.04
N LEU E 38 5.67 -40.27 20.84
CA LEU E 38 4.30 -40.77 20.85
C LEU E 38 3.61 -40.58 19.50
N LYS E 39 3.94 -39.52 18.76
CA LYS E 39 3.44 -39.39 17.40
C LYS E 39 3.94 -40.53 16.51
N CYS E 40 5.24 -40.84 16.60
CA CYS E 40 5.74 -42.02 15.91
C CYS E 40 4.98 -43.27 16.31
N ILE E 41 4.60 -43.36 17.58
CA ILE E 41 4.01 -44.59 18.09
C ILE E 41 2.54 -44.71 17.69
N LYS E 42 1.75 -43.65 17.86
CA LYS E 42 0.34 -43.72 17.47
C LYS E 42 0.12 -43.48 15.97
N LYS E 43 1.17 -43.14 15.23
CA LYS E 43 1.16 -43.12 13.76
C LYS E 43 0.01 -42.32 13.17
N GLU E 44 -0.18 -41.11 13.67
CA GLU E 44 -1.17 -40.22 13.08
C GLU E 44 -0.66 -39.59 11.77
N GLN E 45 0.49 -38.93 11.79
CA GLN E 45 0.91 -38.12 10.65
C GLN E 45 2.12 -38.67 9.94
N PRO E 46 1.98 -39.08 8.67
CA PRO E 46 3.14 -39.65 7.97
C PRO E 46 4.26 -38.67 7.80
N SER E 47 3.93 -37.41 7.53
CA SER E 47 4.91 -36.34 7.47
C SER E 47 5.81 -36.33 8.70
N HIS E 48 5.33 -36.86 9.82
CA HIS E 48 6.17 -37.02 10.99
C HIS E 48 6.83 -38.40 10.99
N TYR E 49 6.03 -39.44 11.12
CA TYR E 49 6.58 -40.74 11.51
C TYR E 49 7.40 -41.34 10.37
N LYS E 50 7.17 -40.91 9.14
CA LYS E 50 8.00 -41.34 8.03
C LYS E 50 9.43 -40.84 8.12
N TYR E 51 9.74 -39.89 9.02
CA TYR E 51 11.03 -39.22 8.96
C TYR E 51 11.70 -38.99 10.31
N HIS E 52 10.97 -39.02 11.43
CA HIS E 52 11.59 -38.69 12.71
C HIS E 52 12.82 -39.54 12.97
N GLU E 53 12.68 -40.86 12.84
CA GLU E 53 13.81 -41.76 13.10
C GLU E 53 15.02 -41.44 12.25
N LYS E 54 14.81 -40.92 11.05
CA LYS E 54 15.90 -40.51 10.18
C LYS E 54 16.56 -39.22 10.66
N HIS E 55 15.79 -38.16 10.81
CA HIS E 55 16.35 -36.82 11.02
C HIS E 55 16.81 -36.58 12.47
N TYR E 56 16.46 -37.46 13.39
CA TYR E 56 16.73 -37.29 14.81
C TYR E 56 18.04 -36.58 15.17
N ALA E 57 19.17 -37.09 14.69
CA ALA E 57 20.46 -36.51 15.06
C ALA E 57 20.59 -35.06 14.59
N ASN E 58 20.17 -34.77 13.37
CA ASN E 58 20.26 -33.40 12.87
C ASN E 58 19.35 -32.47 13.67
N ALA E 59 18.15 -32.93 14.03
CA ALA E 59 17.22 -32.10 14.77
C ALA E 59 17.80 -31.68 16.11
N ALA E 60 18.53 -32.57 16.77
CA ALA E 60 19.15 -32.20 18.05
C ALA E 60 20.10 -31.02 17.88
N ILE E 61 20.97 -31.08 16.88
CA ILE E 61 21.94 -30.01 16.64
C ILE E 61 21.23 -28.77 16.12
N PHE E 62 20.24 -28.95 15.24
CA PHE E 62 19.44 -27.83 14.76
C PHE E 62 18.75 -27.09 15.90
N ALA E 63 18.24 -27.83 16.88
CA ALA E 63 17.51 -27.18 17.96
C ALA E 63 18.38 -26.26 18.80
N ASP E 64 19.70 -26.40 18.76
CA ASP E 64 20.60 -25.45 19.42
C ASP E 64 21.18 -24.39 18.49
N SER E 65 20.90 -24.43 17.20
CA SER E 65 21.40 -23.39 16.30
C SER E 65 20.82 -22.03 16.67
N LYS E 66 21.57 -20.99 16.35
CA LYS E 66 21.12 -19.61 16.50
C LYS E 66 20.54 -18.99 15.23
N ASN E 67 20.49 -19.71 14.12
CA ASN E 67 20.16 -19.15 12.81
C ASN E 67 18.83 -19.67 12.29
N GLN E 68 18.01 -20.23 13.17
CA GLN E 68 17.06 -21.26 12.77
C GLN E 68 16.16 -20.83 11.61
N LYS E 69 15.61 -19.62 11.67
CA LYS E 69 14.71 -19.18 10.61
C LYS E 69 15.42 -19.06 9.26
N THR E 70 16.68 -18.64 9.26
CA THR E 70 17.41 -18.55 8.01
C THR E 70 17.59 -19.92 7.35
N ILE E 71 17.83 -20.95 8.15
CA ILE E 71 17.89 -22.32 7.62
C ILE E 71 16.57 -22.70 6.96
N CYS E 72 15.46 -22.52 7.67
CA CYS E 72 14.16 -22.88 7.12
C CYS E 72 13.75 -22.01 5.94
N GLN E 73 14.23 -20.77 5.88
CA GLN E 73 13.88 -19.94 4.72
C GLN E 73 14.45 -20.53 3.45
N GLN E 74 15.73 -20.89 3.46
CA GLN E 74 16.35 -21.45 2.26
C GLN E 74 15.67 -22.75 1.84
N ALA E 75 15.21 -23.55 2.80
CA ALA E 75 14.51 -24.78 2.47
C ALA E 75 13.20 -24.52 1.73
N VAL E 76 12.43 -23.54 2.19
CA VAL E 76 11.17 -23.20 1.53
C VAL E 76 11.44 -22.68 0.12
N ASP E 77 12.50 -21.89 -0.05
CA ASP E 77 12.84 -21.40 -1.36
C ASP E 77 13.06 -22.52 -2.37
N THR E 78 13.64 -23.63 -1.92
CA THR E 78 13.83 -24.78 -2.79
C THR E 78 12.50 -25.35 -3.26
N VAL E 79 11.54 -25.49 -2.36
CA VAL E 79 10.23 -26.03 -2.72
C VAL E 79 9.48 -25.07 -3.64
N LEU E 80 9.57 -23.77 -3.38
CA LEU E 80 8.93 -22.81 -4.27
C LEU E 80 9.61 -22.74 -5.63
N ALA E 81 10.93 -22.84 -5.68
CA ALA E 81 11.60 -22.85 -6.97
C ALA E 81 11.14 -24.03 -7.81
N LYS E 82 11.09 -25.20 -7.18
CA LYS E 82 10.63 -26.41 -7.84
C LYS E 82 9.27 -26.21 -8.51
N LYS E 83 8.33 -25.60 -7.80
CA LYS E 83 6.99 -25.38 -8.33
C LYS E 83 7.00 -24.51 -9.59
N ARG E 84 7.70 -23.39 -9.57
CA ARG E 84 7.77 -22.57 -10.78
C ARG E 84 8.46 -23.28 -11.94
N VAL E 85 9.56 -23.98 -11.67
CA VAL E 85 10.20 -24.72 -12.75
C VAL E 85 9.21 -25.70 -13.38
N ASP E 86 8.56 -26.50 -12.53
CA ASP E 86 7.64 -27.51 -13.04
C ASP E 86 6.48 -26.89 -13.81
N SER E 87 5.88 -25.85 -13.25
CA SER E 87 4.78 -25.16 -13.93
C SER E 87 5.16 -24.72 -15.34
N LEU E 88 6.43 -24.41 -15.57
CA LEU E 88 6.87 -23.93 -16.88
C LEU E 88 7.35 -25.02 -17.81
N GLN E 89 7.52 -26.28 -17.37
CA GLN E 89 8.15 -27.27 -18.23
C GLN E 89 7.44 -28.63 -18.31
N LEU E 90 6.62 -29.01 -17.33
CA LEU E 90 5.97 -30.32 -17.40
C LEU E 90 4.93 -30.37 -18.51
N THR E 91 4.83 -31.53 -19.14
CA THR E 91 3.72 -31.76 -20.05
C THR E 91 2.43 -31.88 -19.25
N ARG E 92 1.31 -31.59 -19.90
CA ARG E 92 0.03 -31.75 -19.23
C ARG E 92 -0.22 -33.16 -18.73
N GLU E 93 0.31 -34.18 -19.42
CA GLU E 93 0.09 -35.54 -18.90
C GLU E 93 0.90 -35.82 -17.65
N GLN E 94 2.13 -35.32 -17.57
CA GLN E 94 2.90 -35.51 -16.36
C GLN E 94 2.19 -34.86 -15.17
N MET E 95 1.56 -33.70 -15.39
CA MET E 95 0.83 -33.05 -14.32
C MET E 95 -0.27 -33.96 -13.78
N LEU E 96 -1.08 -34.51 -14.67
CA LEU E 96 -2.15 -35.38 -14.21
C LEU E 96 -1.58 -36.65 -13.57
N THR E 97 -0.47 -37.16 -14.10
CA THR E 97 0.17 -38.31 -13.49
C THR E 97 0.57 -38.01 -12.05
N ASN E 98 1.23 -36.88 -11.82
CA ASN E 98 1.66 -36.50 -10.48
C ASN E 98 0.45 -36.41 -9.55
N ARG E 99 -0.59 -35.75 -10.02
CA ARG E 99 -1.83 -35.63 -9.26
C ARG E 99 -2.39 -36.99 -8.88
N PHE E 100 -2.49 -37.91 -9.85
CA PHE E 100 -2.98 -39.25 -9.54
C PHE E 100 -2.10 -39.94 -8.53
N ASN E 101 -0.79 -39.81 -8.70
CA ASN E 101 0.16 -40.52 -7.85
C ASN E 101 -0.04 -40.18 -6.38
N ASP E 102 -0.34 -38.92 -6.07
CA ASP E 102 -0.53 -38.57 -4.66
C ASP E 102 -1.95 -38.85 -4.18
N LEU E 103 -2.95 -38.85 -5.06
CA LEU E 103 -4.25 -39.39 -4.67
C LEU E 103 -4.13 -40.86 -4.27
N LEU E 104 -3.32 -41.61 -5.02
CA LEU E 104 -3.05 -42.99 -4.66
C LEU E 104 -2.38 -43.12 -3.29
N ASP E 105 -1.50 -42.19 -2.95
CA ASP E 105 -0.95 -42.17 -1.59
C ASP E 105 -2.04 -41.99 -0.54
N ARG E 106 -2.91 -41.00 -0.74
CA ARG E 106 -3.99 -40.78 0.22
C ARG E 106 -4.87 -42.01 0.35
N MET E 107 -5.13 -42.69 -0.76
CA MET E 107 -5.94 -43.89 -0.73
C MET E 107 -5.24 -45.04 -0.01
N ASP E 108 -3.94 -45.20 -0.21
CA ASP E 108 -3.23 -46.20 0.57
C ASP E 108 -3.42 -45.97 2.06
N ILE E 109 -3.45 -44.70 2.48
CA ILE E 109 -3.73 -44.40 3.88
C ILE E 109 -5.18 -44.74 4.23
N MET E 110 -6.11 -44.15 3.49
CA MET E 110 -7.52 -44.19 3.88
C MET E 110 -8.02 -45.61 4.05
N PHE E 111 -7.45 -46.56 3.32
CA PHE E 111 -7.87 -47.95 3.38
C PHE E 111 -6.76 -48.87 3.88
N GLY E 112 -5.75 -48.30 4.52
CA GLY E 112 -4.76 -49.12 5.21
C GLY E 112 -5.37 -49.90 6.36
N SER E 113 -4.52 -50.58 7.12
CA SER E 113 -4.98 -51.23 8.34
C SER E 113 -5.53 -50.21 9.33
N THR E 114 -5.02 -48.99 9.31
CA THR E 114 -5.54 -47.89 10.09
C THR E 114 -6.63 -47.13 9.34
N GLY E 115 -7.08 -47.65 8.21
CA GLY E 115 -8.05 -46.98 7.38
C GLY E 115 -9.35 -46.70 8.12
N SER E 116 -9.65 -45.42 8.25
CA SER E 116 -10.81 -44.96 9.00
C SER E 116 -12.09 -44.98 8.18
N ALA E 117 -12.03 -45.34 6.90
CA ALA E 117 -13.21 -45.64 6.12
C ALA E 117 -13.06 -47.02 5.50
N ASP E 118 -14.19 -47.68 5.30
CA ASP E 118 -14.20 -48.98 4.66
C ASP E 118 -14.20 -48.82 3.15
N ILE E 119 -13.33 -49.59 2.49
CA ILE E 119 -13.41 -49.73 1.05
C ILE E 119 -14.81 -50.13 0.60
N GLU E 120 -15.52 -50.89 1.42
CA GLU E 120 -16.91 -51.20 1.08
C GLU E 120 -17.78 -49.96 1.03
N GLU E 121 -17.60 -49.03 1.97
CA GLU E 121 -18.35 -47.78 1.92
C GLU E 121 -18.05 -47.00 0.65
N TRP E 122 -16.82 -47.08 0.16
CA TRP E 122 -16.44 -46.36 -1.05
C TRP E 122 -16.82 -47.07 -2.33
N MET E 123 -16.76 -48.40 -2.36
CA MET E 123 -17.27 -49.10 -3.53
C MET E 123 -18.77 -48.93 -3.68
N ALA E 124 -19.50 -48.82 -2.57
CA ALA E 124 -20.88 -48.37 -2.65
C ALA E 124 -20.97 -47.03 -3.37
N GLY E 125 -20.06 -46.11 -3.07
CA GLY E 125 -20.04 -44.84 -3.79
C GLY E 125 -19.85 -45.00 -5.29
N VAL E 126 -18.87 -45.79 -5.68
CA VAL E 126 -18.59 -45.98 -7.10
C VAL E 126 -19.79 -46.62 -7.81
N ALA E 127 -20.45 -47.57 -7.16
CA ALA E 127 -21.67 -48.12 -7.72
C ALA E 127 -22.75 -47.07 -7.90
N TRP E 128 -22.95 -46.18 -6.92
CA TRP E 128 -23.93 -45.12 -7.07
C TRP E 128 -23.59 -44.18 -8.22
N LEU E 129 -22.32 -43.79 -8.33
CA LEU E 129 -21.90 -42.91 -9.43
C LEU E 129 -22.18 -43.53 -10.78
N HIS E 130 -21.84 -44.79 -10.96
CA HIS E 130 -22.02 -45.41 -12.27
C HIS E 130 -23.49 -45.37 -12.71
N CYS E 131 -24.41 -45.31 -11.77
CA CYS E 131 -25.83 -45.26 -12.12
C CYS E 131 -26.29 -43.91 -12.64
N LEU E 132 -25.52 -42.84 -12.42
CA LEU E 132 -26.03 -41.51 -12.71
C LEU E 132 -26.14 -41.22 -14.22
N LEU E 133 -25.15 -41.60 -15.01
CA LEU E 133 -25.19 -41.33 -16.44
C LEU E 133 -24.96 -42.59 -17.27
N PRO E 134 -25.48 -42.63 -18.49
CA PRO E 134 -25.02 -43.63 -19.45
C PRO E 134 -23.51 -43.60 -19.59
N LYS E 135 -22.91 -44.79 -19.68
CA LYS E 135 -21.49 -44.94 -20.03
C LYS E 135 -20.57 -44.08 -19.15
N MET E 136 -20.93 -43.98 -17.87
CA MET E 136 -20.23 -43.11 -16.93
C MET E 136 -18.72 -43.26 -16.99
N ASP E 137 -18.21 -44.49 -16.90
CA ASP E 137 -16.76 -44.68 -16.85
C ASP E 137 -16.08 -44.22 -18.13
N SER E 138 -16.69 -44.52 -19.28
CA SER E 138 -16.15 -44.05 -20.54
C SER E 138 -16.13 -42.53 -20.63
N VAL E 139 -17.19 -41.88 -20.15
CA VAL E 139 -17.21 -40.42 -20.11
C VAL E 139 -16.03 -39.85 -19.36
N VAL E 140 -15.66 -40.45 -18.23
CA VAL E 140 -14.55 -39.89 -17.46
C VAL E 140 -13.24 -40.01 -18.24
N TYR E 141 -12.99 -41.18 -18.80
CA TYR E 141 -11.76 -41.36 -19.55
C TYR E 141 -11.65 -40.36 -20.68
N ASP E 142 -12.75 -40.15 -21.41
CA ASP E 142 -12.78 -39.14 -22.46
C ASP E 142 -12.57 -37.73 -21.92
N PHE E 143 -13.17 -37.40 -20.78
CA PHE E 143 -13.02 -36.04 -20.28
C PHE E 143 -11.58 -35.76 -19.87
N LEU E 144 -10.97 -36.67 -19.12
CA LEU E 144 -9.58 -36.50 -18.74
C LEU E 144 -8.70 -36.34 -19.96
N LYS E 145 -8.89 -37.21 -20.93
CA LYS E 145 -8.10 -37.16 -22.15
C LYS E 145 -8.20 -35.80 -22.80
N CYS E 146 -9.40 -35.28 -22.90
CA CYS E 146 -9.59 -33.93 -23.45
C CYS E 146 -8.80 -32.89 -22.69
N MET E 147 -8.84 -32.90 -21.36
CA MET E 147 -8.08 -31.91 -20.60
C MET E 147 -6.57 -32.10 -20.75
N VAL E 148 -6.10 -33.32 -20.91
CA VAL E 148 -4.66 -33.52 -21.11
C VAL E 148 -4.23 -33.01 -22.49
N TYR E 149 -5.05 -33.24 -23.50
CA TYR E 149 -4.72 -32.77 -24.84
C TYR E 149 -4.92 -31.27 -25.04
N ASN E 150 -5.92 -30.66 -24.41
CA ASN E 150 -6.08 -29.20 -24.47
C ASN E 150 -6.07 -28.68 -25.91
N ILE E 151 -6.80 -29.36 -26.77
CA ILE E 151 -6.87 -29.00 -28.20
C ILE E 151 -7.67 -27.71 -28.36
N PRO E 152 -7.16 -26.68 -29.03
CA PRO E 152 -7.91 -25.43 -29.16
C PRO E 152 -9.26 -25.58 -29.85
N LYS E 153 -10.21 -24.74 -29.42
CA LYS E 153 -11.64 -24.83 -29.67
C LYS E 153 -12.32 -26.06 -29.10
N LYS E 154 -11.74 -27.24 -29.26
CA LYS E 154 -12.30 -28.46 -28.70
C LYS E 154 -11.94 -28.65 -27.22
N ARG E 155 -12.34 -27.68 -26.39
CA ARG E 155 -11.84 -27.61 -25.02
C ARG E 155 -12.90 -27.55 -23.92
N TYR E 156 -14.17 -27.33 -24.24
CA TYR E 156 -15.15 -26.98 -23.21
C TYR E 156 -16.37 -27.88 -23.25
N TRP E 157 -16.85 -28.27 -22.07
CA TRP E 157 -17.97 -29.18 -21.88
C TRP E 157 -19.09 -28.48 -21.11
N LEU E 158 -20.33 -28.79 -21.46
CA LEU E 158 -21.51 -28.09 -20.93
C LEU E 158 -22.40 -29.02 -20.12
N PHE E 159 -22.73 -28.62 -18.89
CA PHE E 159 -23.62 -29.38 -18.01
C PHE E 159 -24.95 -28.64 -17.88
N LYS E 160 -26.05 -29.29 -18.26
CA LYS E 160 -27.34 -28.62 -18.37
C LYS E 160 -28.41 -29.47 -17.71
N GLY E 161 -29.53 -28.84 -17.35
CA GLY E 161 -30.67 -29.52 -16.78
C GLY E 161 -31.07 -29.09 -15.38
N PRO E 162 -32.14 -29.69 -14.85
CA PRO E 162 -32.83 -29.14 -13.67
C PRO E 162 -31.95 -29.00 -12.44
N ILE E 163 -32.54 -28.33 -11.44
CA ILE E 163 -32.00 -28.34 -10.08
C ILE E 163 -31.98 -29.75 -9.49
N ASP E 164 -31.10 -29.95 -8.51
CA ASP E 164 -30.94 -31.23 -7.83
C ASP E 164 -30.71 -32.37 -8.80
N SER E 165 -30.02 -32.12 -9.91
CA SER E 165 -29.77 -33.16 -10.89
C SER E 165 -28.31 -33.58 -10.96
N GLY E 166 -27.46 -33.04 -10.10
CA GLY E 166 -26.18 -33.64 -9.80
C GLY E 166 -25.00 -32.99 -10.46
N LYS E 167 -25.23 -31.99 -11.30
CA LYS E 167 -24.14 -31.37 -12.05
C LYS E 167 -23.04 -30.90 -11.10
N THR E 168 -23.42 -30.24 -10.01
CA THR E 168 -22.43 -29.79 -9.02
C THR E 168 -21.66 -30.96 -8.42
N THR E 169 -22.36 -32.02 -8.04
CA THR E 169 -21.70 -33.18 -7.43
C THR E 169 -20.59 -33.72 -8.33
N LEU E 170 -20.90 -33.91 -9.61
CA LEU E 170 -19.90 -34.41 -10.54
C LEU E 170 -18.79 -33.39 -10.77
N ALA E 171 -19.15 -32.13 -10.94
CA ALA E 171 -18.14 -31.10 -11.17
C ALA E 171 -17.13 -31.08 -10.04
N ALA E 172 -17.59 -31.14 -8.80
CA ALA E 172 -16.68 -31.14 -7.67
C ALA E 172 -15.74 -32.34 -7.71
N ALA E 173 -16.27 -33.51 -8.07
CA ALA E 173 -15.44 -34.71 -8.13
C ALA E 173 -14.39 -34.61 -9.22
N LEU E 174 -14.77 -34.08 -10.38
CA LEU E 174 -13.78 -33.85 -11.44
C LEU E 174 -12.75 -32.84 -11.02
N LEU E 175 -13.19 -31.79 -10.32
CA LEU E 175 -12.27 -30.75 -9.91
C LEU E 175 -11.28 -31.29 -8.87
N GLU E 176 -11.74 -32.18 -8.01
CA GLU E 176 -10.81 -32.87 -7.11
C GLU E 176 -9.86 -33.78 -7.89
N LEU E 177 -10.39 -34.51 -8.86
CA LEU E 177 -9.55 -35.44 -9.60
C LEU E 177 -8.46 -34.73 -10.40
N CYS E 178 -8.74 -33.54 -10.93
CA CYS E 178 -7.79 -32.82 -11.77
C CYS E 178 -7.12 -31.63 -11.11
N GLY E 179 -7.70 -31.10 -10.04
CA GLY E 179 -7.30 -29.77 -9.58
C GLY E 179 -7.80 -28.67 -10.46
N GLY E 180 -8.08 -27.53 -9.86
CA GLY E 180 -8.74 -26.43 -10.55
C GLY E 180 -9.65 -25.69 -9.60
N LYS E 181 -10.37 -24.71 -10.13
CA LYS E 181 -11.21 -23.87 -9.29
C LYS E 181 -12.50 -23.46 -9.98
N ALA E 182 -13.51 -23.17 -9.16
CA ALA E 182 -14.79 -22.63 -9.60
C ALA E 182 -14.72 -21.11 -9.77
N LEU E 183 -15.57 -20.58 -10.64
CA LEU E 183 -15.66 -19.14 -10.89
C LEU E 183 -17.12 -18.73 -10.97
N ASN E 184 -17.39 -17.43 -10.76
CA ASN E 184 -18.74 -16.89 -10.85
C ASN E 184 -18.83 -15.75 -11.87
N VAL E 185 -19.21 -16.07 -13.11
CA VAL E 185 -19.34 -15.09 -14.18
C VAL E 185 -20.64 -14.31 -14.15
N ASN E 186 -21.53 -14.57 -13.20
CA ASN E 186 -22.75 -13.77 -13.08
C ASN E 186 -22.52 -12.37 -12.53
N LEU E 187 -21.29 -12.01 -12.18
CA LEU E 187 -20.97 -10.65 -11.76
C LEU E 187 -21.24 -9.63 -12.86
N PRO E 188 -21.46 -8.37 -12.49
CA PRO E 188 -21.39 -7.28 -13.47
C PRO E 188 -19.99 -7.14 -14.05
N LEU E 189 -19.92 -6.35 -15.11
CA LEU E 189 -18.69 -6.20 -15.89
C LEU E 189 -17.51 -5.64 -15.10
N ASP E 190 -17.74 -4.97 -13.97
CA ASP E 190 -16.63 -4.38 -13.23
C ASP E 190 -15.79 -5.41 -12.47
N ARG E 191 -16.41 -6.20 -11.59
CA ARG E 191 -15.63 -7.13 -10.77
C ARG E 191 -15.07 -8.29 -11.58
N LEU E 192 -15.56 -8.47 -12.80
CA LEU E 192 -15.20 -9.60 -13.64
C LEU E 192 -13.70 -9.81 -13.79
N ASN E 193 -12.92 -8.74 -13.85
CA ASN E 193 -11.49 -8.87 -14.12
C ASN E 193 -10.75 -9.65 -13.03
N PHE E 194 -10.91 -9.24 -11.77
CA PHE E 194 -10.29 -10.02 -10.70
C PHE E 194 -10.89 -11.42 -10.57
N GLU E 195 -12.14 -11.60 -10.98
CA GLU E 195 -12.73 -12.94 -10.93
C GLU E 195 -12.06 -13.90 -11.92
N LEU E 196 -11.92 -13.51 -13.19
CA LEU E 196 -11.22 -14.37 -14.12
C LEU E 196 -9.78 -14.65 -13.69
N GLY E 197 -9.17 -13.74 -12.95
CA GLY E 197 -7.80 -13.90 -12.51
C GLY E 197 -7.56 -15.09 -11.61
N VAL E 198 -8.62 -15.67 -11.04
CA VAL E 198 -8.46 -16.90 -10.25
C VAL E 198 -7.88 -18.03 -11.07
N ALA E 199 -8.09 -18.04 -12.38
CA ALA E 199 -7.69 -19.15 -13.23
C ALA E 199 -6.19 -19.28 -13.44
N ILE E 200 -5.37 -18.38 -12.92
CA ILE E 200 -3.94 -18.39 -13.23
C ILE E 200 -3.29 -19.70 -12.79
N ASP E 201 -2.56 -20.31 -13.72
CA ASP E 201 -1.92 -21.62 -13.56
C ASP E 201 -2.84 -22.73 -13.04
N GLN E 202 -4.13 -22.61 -13.26
CA GLN E 202 -5.01 -23.73 -12.95
C GLN E 202 -5.00 -24.76 -14.08
N PHE E 203 -5.35 -26.00 -13.76
CA PHE E 203 -5.51 -27.03 -14.77
C PHE E 203 -6.93 -27.03 -15.37
N LEU E 204 -7.95 -27.02 -14.52
CA LEU E 204 -9.34 -26.87 -14.94
C LEU E 204 -9.95 -25.63 -14.32
N VAL E 205 -10.93 -25.05 -15.00
CA VAL E 205 -11.86 -24.14 -14.33
C VAL E 205 -13.29 -24.62 -14.55
N VAL E 206 -14.11 -24.40 -13.54
CA VAL E 206 -15.54 -24.68 -13.60
C VAL E 206 -16.30 -23.38 -13.44
N PHE E 207 -17.17 -23.09 -14.38
CA PHE E 207 -18.06 -21.94 -14.28
C PHE E 207 -19.38 -22.41 -13.68
N GLU E 208 -19.79 -21.76 -12.61
CA GLU E 208 -20.92 -22.21 -11.81
C GLU E 208 -22.19 -21.46 -12.17
N ASP E 209 -23.18 -22.21 -12.65
CA ASP E 209 -24.56 -21.74 -12.80
C ASP E 209 -24.64 -20.35 -13.42
N VAL E 210 -24.15 -20.28 -14.65
CA VAL E 210 -24.27 -19.07 -15.42
C VAL E 210 -25.75 -18.80 -15.67
N LYS E 211 -26.17 -17.57 -15.48
CA LYS E 211 -27.58 -17.19 -15.61
C LYS E 211 -27.80 -16.30 -16.82
N GLY E 212 -28.90 -16.53 -17.52
CA GLY E 212 -29.21 -15.83 -18.76
C GLY E 212 -30.44 -14.94 -18.68
N THR E 213 -30.68 -14.25 -19.79
CA THR E 213 -31.87 -13.42 -19.95
C THR E 213 -33.15 -14.25 -20.03
N GLY E 214 -34.26 -13.63 -19.61
CA GLY E 214 -35.57 -14.15 -19.92
C GLY E 214 -35.92 -15.50 -19.33
N GLY E 215 -35.23 -15.89 -18.25
CA GLY E 215 -35.40 -17.23 -17.70
C GLY E 215 -36.75 -17.48 -17.06
N GLU E 216 -37.46 -16.43 -16.65
CA GLU E 216 -38.70 -16.58 -15.89
C GLU E 216 -39.76 -17.41 -16.61
N SER E 217 -39.73 -17.45 -17.95
CA SER E 217 -40.68 -18.29 -18.68
C SER E 217 -40.53 -19.76 -18.30
N ARG E 218 -39.35 -20.17 -17.85
CA ARG E 218 -39.09 -21.48 -17.30
C ARG E 218 -38.81 -21.40 -15.80
N ASP E 219 -39.23 -20.29 -15.19
CA ASP E 219 -38.99 -19.91 -13.81
C ASP E 219 -37.51 -19.78 -13.44
N LEU E 220 -36.63 -19.72 -14.42
CA LEU E 220 -35.22 -19.53 -14.11
C LEU E 220 -34.99 -18.06 -13.80
N PRO E 221 -34.51 -17.70 -12.60
CA PRO E 221 -34.22 -16.28 -12.35
C PRO E 221 -33.12 -15.83 -13.28
N SER E 222 -33.31 -14.64 -13.86
CA SER E 222 -32.48 -14.21 -14.97
C SER E 222 -31.20 -13.52 -14.51
N GLY E 223 -30.18 -13.57 -15.37
CA GLY E 223 -28.93 -12.86 -15.17
C GLY E 223 -28.20 -12.67 -16.48
N GLN E 224 -27.13 -11.89 -16.44
CA GLN E 224 -26.35 -11.57 -17.63
C GLN E 224 -25.20 -12.53 -17.89
N GLY E 225 -24.94 -13.48 -16.99
CA GLY E 225 -23.77 -14.33 -17.12
C GLY E 225 -23.58 -14.93 -18.50
N ILE E 226 -24.65 -15.38 -19.12
CA ILE E 226 -24.53 -15.99 -20.45
C ILE E 226 -24.02 -14.97 -21.44
N ASN E 227 -24.59 -13.76 -21.40
CA ASN E 227 -24.14 -12.69 -22.27
C ASN E 227 -22.69 -12.30 -21.96
N ASN E 228 -22.27 -12.40 -20.70
CA ASN E 228 -20.87 -12.22 -20.36
C ASN E 228 -20.00 -13.28 -21.01
N LEU E 229 -20.41 -14.55 -20.98
CA LEU E 229 -19.61 -15.58 -21.62
C LEU E 229 -19.43 -15.33 -23.09
N ASP E 230 -20.50 -14.92 -23.77
CA ASP E 230 -20.40 -14.75 -25.21
C ASP E 230 -19.40 -13.66 -25.55
N ASN E 231 -19.32 -12.62 -24.75
CA ASN E 231 -18.29 -11.61 -24.92
C ASN E 231 -16.89 -12.10 -24.52
N LEU E 232 -16.77 -13.16 -23.73
CA LEU E 232 -15.49 -13.75 -23.40
C LEU E 232 -14.98 -14.74 -24.44
N ARG E 233 -15.63 -14.81 -25.60
CA ARG E 233 -15.38 -15.82 -26.62
C ARG E 233 -13.93 -16.28 -26.72
N ASP E 234 -12.99 -15.34 -26.82
CA ASP E 234 -11.60 -15.67 -27.04
C ASP E 234 -10.91 -16.32 -25.84
N TYR E 235 -11.44 -16.18 -24.63
CA TYR E 235 -10.94 -16.99 -23.52
C TYR E 235 -11.31 -18.45 -23.67
N LEU E 236 -12.47 -18.76 -24.25
CA LEU E 236 -12.87 -20.15 -24.40
C LEU E 236 -12.08 -20.82 -25.52
N ASP E 237 -12.03 -20.20 -26.69
CA ASP E 237 -11.44 -20.82 -27.87
C ASP E 237 -10.01 -21.31 -27.60
N GLY E 238 -9.23 -20.54 -26.85
CA GLY E 238 -7.96 -21.02 -26.37
C GLY E 238 -6.83 -21.01 -27.37
N SER E 239 -6.95 -20.24 -28.45
CA SER E 239 -5.95 -20.26 -29.51
C SER E 239 -4.85 -19.21 -29.36
N VAL E 240 -5.03 -18.19 -28.52
CA VAL E 240 -4.01 -17.18 -28.29
C VAL E 240 -4.02 -16.82 -26.80
N LYS E 241 -2.92 -16.26 -26.33
CA LYS E 241 -2.79 -15.95 -24.91
C LYS E 241 -3.65 -14.77 -24.50
N VAL E 242 -4.08 -14.77 -23.24
CA VAL E 242 -4.88 -13.70 -22.65
C VAL E 242 -4.16 -13.09 -21.46
N ASN E 243 -4.40 -11.80 -21.23
CA ASN E 243 -3.93 -11.13 -20.03
C ASN E 243 -4.83 -11.44 -18.84
N LEU E 244 -4.22 -11.65 -17.68
CA LEU E 244 -4.94 -11.96 -16.45
C LEU E 244 -4.28 -11.19 -15.32
N GLU E 245 -5.05 -10.84 -14.29
CA GLU E 245 -4.44 -10.21 -13.12
C GLU E 245 -5.13 -10.59 -11.82
N LYS E 246 -4.34 -10.59 -10.75
CA LYS E 246 -4.81 -10.70 -9.38
C LYS E 246 -4.94 -9.31 -8.77
N LYS E 247 -5.63 -9.22 -7.62
CA LYS E 247 -5.49 -8.03 -6.81
C LYS E 247 -4.02 -7.75 -6.50
N HIS E 248 -3.66 -6.47 -6.53
CA HIS E 248 -2.29 -6.00 -6.35
C HIS E 248 -1.27 -6.41 -7.42
N LEU E 249 -1.26 -7.65 -7.87
CA LEU E 249 -0.16 -8.03 -8.74
C LEU E 249 -0.36 -7.54 -10.17
N ASN E 250 0.69 -7.70 -10.95
CA ASN E 250 0.76 -7.38 -12.37
C ASN E 250 -0.19 -8.23 -13.20
N LYS E 251 -0.27 -7.89 -14.49
CA LYS E 251 -0.80 -8.83 -15.47
C LYS E 251 0.06 -10.08 -15.54
N ARG E 252 -0.57 -11.17 -15.94
CA ARG E 252 0.10 -12.34 -16.48
C ARG E 252 -0.51 -12.65 -17.83
N THR E 253 0.20 -13.40 -18.65
CA THR E 253 -0.28 -13.76 -19.97
C THR E 253 -0.09 -15.25 -20.17
N GLN E 254 -1.18 -15.94 -20.51
CA GLN E 254 -1.14 -17.38 -20.72
C GLN E 254 -2.42 -17.78 -21.45
N ILE E 255 -2.50 -19.04 -21.86
CA ILE E 255 -3.75 -19.56 -22.41
C ILE E 255 -4.69 -19.90 -21.27
N PHE E 256 -5.92 -19.45 -21.39
CA PHE E 256 -6.91 -19.68 -20.34
C PHE E 256 -7.34 -21.14 -20.30
N PRO E 257 -7.22 -21.83 -19.17
CA PRO E 257 -7.28 -23.30 -19.15
C PRO E 257 -8.64 -23.85 -19.56
N PRO E 258 -8.70 -25.15 -19.88
CA PRO E 258 -9.97 -25.78 -20.29
C PRO E 258 -10.87 -26.00 -19.09
N GLY E 259 -12.14 -26.32 -19.34
CA GLY E 259 -13.09 -26.36 -18.25
C GLY E 259 -14.51 -26.71 -18.62
N ILE E 260 -15.41 -26.43 -17.68
CA ILE E 260 -16.79 -26.92 -17.67
C ILE E 260 -17.72 -25.78 -17.29
N VAL E 261 -18.89 -25.71 -17.94
CA VAL E 261 -19.91 -24.71 -17.66
C VAL E 261 -21.17 -25.41 -17.16
N THR E 262 -21.71 -24.95 -16.04
CA THR E 262 -22.94 -25.51 -15.49
C THR E 262 -24.04 -24.45 -15.53
N MET E 263 -25.26 -24.90 -15.77
CA MET E 263 -26.40 -23.99 -15.77
C MET E 263 -27.68 -24.80 -15.75
N ASN E 264 -28.78 -24.14 -15.40
CA ASN E 264 -30.09 -24.68 -15.74
C ASN E 264 -30.41 -24.39 -17.20
N GLU E 265 -31.51 -24.96 -17.67
CA GLU E 265 -31.81 -25.00 -19.09
C GLU E 265 -32.31 -23.69 -19.70
N TYR E 266 -31.58 -22.60 -19.50
CA TYR E 266 -31.75 -21.41 -20.33
C TYR E 266 -31.48 -21.73 -21.80
N SER E 267 -31.90 -20.82 -22.67
CA SER E 267 -31.52 -20.89 -24.08
C SER E 267 -30.04 -20.53 -24.24
N VAL E 268 -29.45 -20.99 -25.33
CA VAL E 268 -28.07 -20.66 -25.69
C VAL E 268 -28.08 -19.79 -26.93
N PRO E 269 -27.39 -18.64 -26.93
CA PRO E 269 -27.00 -18.02 -28.20
C PRO E 269 -26.18 -19.02 -28.99
N LYS E 270 -26.52 -19.20 -30.26
CA LYS E 270 -25.86 -20.26 -31.00
C LYS E 270 -24.37 -20.01 -31.16
N THR E 271 -23.94 -18.76 -31.12
CA THR E 271 -22.51 -18.45 -31.08
C THR E 271 -21.84 -19.13 -29.91
N LEU E 272 -22.46 -19.10 -28.74
CA LEU E 272 -21.91 -19.79 -27.58
C LEU E 272 -21.99 -21.30 -27.76
N GLN E 273 -23.11 -21.81 -28.29
CA GLN E 273 -23.26 -23.25 -28.48
C GLN E 273 -22.14 -23.82 -29.33
N ALA E 274 -21.72 -23.09 -30.37
CA ALA E 274 -20.64 -23.56 -31.23
C ALA E 274 -19.32 -23.79 -30.51
N ARG E 275 -19.15 -23.21 -29.32
CA ARG E 275 -17.89 -23.28 -28.58
C ARG E 275 -17.81 -24.42 -27.57
N PHE E 276 -18.74 -25.37 -27.58
CA PHE E 276 -18.73 -26.51 -26.67
C PHE E 276 -18.54 -27.82 -27.40
N VAL E 277 -17.75 -28.71 -26.80
CA VAL E 277 -17.48 -30.02 -27.39
C VAL E 277 -18.62 -30.99 -27.17
N LYS E 278 -19.16 -31.03 -25.96
CA LYS E 278 -20.31 -31.87 -25.65
C LYS E 278 -21.26 -31.14 -24.75
N GLN E 279 -22.54 -31.46 -24.90
CA GLN E 279 -23.56 -31.02 -23.99
C GLN E 279 -24.08 -32.23 -23.25
N ILE E 280 -23.85 -32.27 -21.95
CA ILE E 280 -24.26 -33.38 -21.12
C ILE E 280 -25.47 -32.92 -20.33
N ASP E 281 -26.58 -33.61 -20.53
CA ASP E 281 -27.84 -33.26 -19.90
C ASP E 281 -28.03 -34.12 -18.67
N PHE E 282 -28.29 -33.48 -17.53
CA PHE E 282 -28.50 -34.16 -16.27
C PHE E 282 -30.00 -34.20 -15.97
N ARG E 283 -30.51 -35.36 -15.60
CA ARG E 283 -31.92 -35.49 -15.31
C ARG E 283 -32.16 -35.99 -13.90
N PRO E 284 -33.09 -35.39 -13.15
CA PRO E 284 -33.56 -36.02 -11.92
C PRO E 284 -34.01 -37.45 -12.17
N LYS E 285 -33.47 -38.38 -11.41
CA LYS E 285 -33.88 -39.78 -11.47
C LYS E 285 -34.40 -40.17 -10.09
N ASP E 286 -35.72 -40.34 -9.99
CA ASP E 286 -36.37 -40.35 -8.69
C ASP E 286 -35.92 -41.53 -7.82
N TYR E 287 -35.58 -42.66 -8.43
CA TYR E 287 -35.10 -43.81 -7.67
C TYR E 287 -33.73 -43.60 -7.02
N LEU E 288 -32.89 -42.71 -7.55
CA LEU E 288 -31.67 -42.36 -6.81
C LEU E 288 -32.00 -41.73 -5.48
N LYS E 289 -33.10 -40.99 -5.41
CA LYS E 289 -33.48 -40.30 -4.19
C LYS E 289 -33.81 -41.27 -3.06
N HIS E 290 -34.69 -42.23 -3.32
CA HIS E 290 -34.98 -43.27 -2.33
C HIS E 290 -33.75 -44.12 -2.01
N CYS E 291 -32.82 -44.25 -2.95
CA CYS E 291 -31.58 -44.97 -2.67
C CYS E 291 -30.71 -44.19 -1.71
N LEU E 292 -30.56 -42.89 -1.94
CA LEU E 292 -29.83 -42.05 -1.00
C LEU E 292 -30.51 -42.04 0.37
N GLU E 293 -31.83 -41.93 0.39
CA GLU E 293 -32.59 -41.85 1.64
C GLU E 293 -32.26 -42.97 2.61
N ARG E 294 -31.75 -44.10 2.13
CA ARG E 294 -31.56 -45.29 2.95
C ARG E 294 -30.12 -45.78 2.96
N SER E 295 -29.16 -44.90 2.68
CA SER E 295 -27.74 -45.26 2.72
C SER E 295 -26.91 -44.01 3.00
N GLU E 296 -27.33 -43.25 4.00
CA GLU E 296 -26.92 -41.87 4.18
C GLU E 296 -25.44 -41.69 4.46
N PHE E 297 -24.73 -42.73 4.88
CA PHE E 297 -23.28 -42.61 5.02
C PHE E 297 -22.62 -42.16 3.72
N LEU E 298 -23.24 -42.41 2.58
CA LEU E 298 -22.76 -41.87 1.32
C LEU E 298 -22.67 -40.34 1.34
N LEU E 299 -23.74 -39.67 1.76
CA LEU E 299 -23.67 -38.20 1.87
C LEU E 299 -22.79 -37.76 3.02
N GLU E 300 -22.93 -38.40 4.17
CA GLU E 300 -22.31 -37.88 5.37
C GLU E 300 -20.79 -38.03 5.33
N LYS E 301 -20.27 -39.07 4.70
CA LYS E 301 -18.84 -39.12 4.41
C LYS E 301 -18.47 -38.42 3.11
N ARG E 302 -19.43 -37.74 2.48
CA ARG E 302 -19.18 -37.00 1.24
C ARG E 302 -18.54 -37.85 0.15
N ILE E 303 -18.84 -39.15 0.10
CA ILE E 303 -18.11 -39.99 -0.82
C ILE E 303 -18.42 -39.62 -2.26
N ILE E 304 -19.70 -39.37 -2.56
CA ILE E 304 -20.09 -39.12 -3.95
C ILE E 304 -19.48 -37.84 -4.51
N GLN E 305 -19.11 -36.88 -3.67
CA GLN E 305 -18.44 -35.69 -4.16
C GLN E 305 -16.97 -35.91 -4.50
N SER E 306 -16.37 -37.02 -4.12
CA SER E 306 -14.91 -37.10 -4.07
C SER E 306 -14.31 -37.65 -5.36
N GLY E 307 -13.26 -36.98 -5.83
CA GLY E 307 -12.44 -37.50 -6.91
C GLY E 307 -11.75 -38.80 -6.57
N ILE E 308 -11.51 -39.05 -5.28
CA ILE E 308 -11.05 -40.38 -4.88
C ILE E 308 -12.06 -41.44 -5.28
N ALA E 309 -13.35 -41.19 -5.09
CA ALA E 309 -14.34 -42.14 -5.57
C ALA E 309 -14.26 -42.32 -7.09
N LEU E 310 -14.12 -41.22 -7.84
CA LEU E 310 -13.95 -41.33 -9.29
C LEU E 310 -12.70 -42.10 -9.66
N LEU E 311 -11.61 -41.85 -8.94
CA LEU E 311 -10.38 -42.59 -9.20
C LEU E 311 -10.57 -44.08 -8.96
N LEU E 312 -11.32 -44.44 -7.93
CA LEU E 312 -11.65 -45.84 -7.70
C LEU E 312 -12.47 -46.43 -8.84
N MET E 313 -13.38 -45.64 -9.41
CA MET E 313 -14.13 -46.12 -10.57
C MET E 313 -13.25 -46.41 -11.76
N LEU E 314 -12.28 -45.54 -12.04
CA LEU E 314 -11.41 -45.77 -13.19
C LEU E 314 -10.67 -47.09 -13.04
N ILE E 315 -10.11 -47.33 -11.86
CA ILE E 315 -9.37 -48.54 -11.62
C ILE E 315 -10.25 -49.77 -11.81
N TRP E 316 -11.51 -49.70 -11.37
CA TRP E 316 -12.38 -50.86 -11.54
C TRP E 316 -12.71 -51.11 -13.01
N TYR E 317 -12.96 -50.08 -13.79
CA TYR E 317 -13.44 -50.27 -15.15
C TYR E 317 -12.37 -50.35 -16.24
N ARG E 318 -11.32 -49.55 -16.18
CA ARG E 318 -10.54 -49.30 -17.39
C ARG E 318 -9.37 -50.28 -17.57
N PRO E 319 -8.90 -50.44 -18.81
CA PRO E 319 -7.68 -51.24 -19.05
C PRO E 319 -6.41 -50.58 -18.52
N VAL E 320 -5.47 -51.44 -18.09
CA VAL E 320 -4.20 -50.98 -17.53
C VAL E 320 -3.44 -50.11 -18.52
N ALA E 321 -3.47 -50.45 -19.79
CA ALA E 321 -2.69 -49.70 -20.78
C ALA E 321 -3.05 -48.22 -20.84
N GLU E 322 -4.28 -47.86 -20.51
CA GLU E 322 -4.70 -46.47 -20.66
C GLU E 322 -3.98 -45.52 -19.72
N PHE E 323 -3.40 -46.04 -18.64
CA PHE E 323 -2.66 -45.20 -17.71
C PHE E 323 -1.30 -44.80 -18.25
N ALA E 324 -0.73 -43.77 -17.63
CA ALA E 324 0.67 -43.43 -17.87
C ALA E 324 1.60 -44.53 -17.39
N GLN E 325 2.74 -44.63 -18.07
CA GLN E 325 3.60 -45.80 -17.97
C GLN E 325 4.19 -45.98 -16.57
N SER E 326 4.59 -44.90 -15.89
CA SER E 326 5.23 -45.06 -14.58
C SER E 326 4.30 -45.64 -13.53
N ILE E 327 3.08 -45.11 -13.40
CA ILE E 327 2.21 -45.56 -12.30
C ILE E 327 1.53 -46.90 -12.55
N GLN E 328 1.72 -47.52 -13.71
CA GLN E 328 0.99 -48.74 -14.02
C GLN E 328 1.22 -49.85 -13.00
N SER E 329 2.39 -49.92 -12.37
CA SER E 329 2.57 -50.89 -11.30
C SER E 329 1.62 -50.63 -10.12
N ARG E 330 1.56 -49.40 -9.63
CA ARG E 330 0.61 -49.10 -8.57
C ARG E 330 -0.82 -49.40 -9.00
N ILE E 331 -1.15 -49.12 -10.26
CA ILE E 331 -2.48 -49.46 -10.77
C ILE E 331 -2.73 -50.97 -10.66
N VAL E 332 -1.78 -51.78 -11.11
CA VAL E 332 -1.99 -53.22 -11.06
C VAL E 332 -2.11 -53.72 -9.63
N GLU E 333 -1.28 -53.20 -8.73
CA GLU E 333 -1.41 -53.58 -7.33
C GLU E 333 -2.78 -53.23 -6.79
N TRP E 334 -3.28 -52.05 -7.13
CA TRP E 334 -4.62 -51.67 -6.70
C TRP E 334 -5.72 -52.49 -7.37
N LYS E 335 -5.59 -52.75 -8.67
CA LYS E 335 -6.54 -53.66 -9.30
C LYS E 335 -6.55 -55.00 -8.60
N GLU E 336 -5.37 -55.54 -8.31
CA GLU E 336 -5.29 -56.86 -7.71
C GLU E 336 -5.85 -56.85 -6.30
N ARG E 337 -5.57 -55.81 -5.51
CA ARG E 337 -6.24 -55.68 -4.23
C ARG E 337 -7.75 -55.70 -4.39
N LEU E 338 -8.28 -54.88 -5.30
CA LEU E 338 -9.73 -54.80 -5.46
C LEU E 338 -10.31 -56.13 -5.88
N ASP E 339 -9.63 -56.83 -6.79
CA ASP E 339 -10.12 -58.11 -7.27
C ASP E 339 -10.07 -59.20 -6.20
N LYS E 340 -9.28 -59.03 -5.15
CA LYS E 340 -9.44 -59.87 -3.96
C LYS E 340 -10.61 -59.40 -3.11
N GLU E 341 -10.68 -58.10 -2.86
CA GLU E 341 -11.66 -57.58 -1.92
C GLU E 341 -13.07 -57.56 -2.49
N PHE E 342 -13.21 -57.55 -3.81
CA PHE E 342 -14.52 -57.53 -4.43
C PHE E 342 -14.57 -58.47 -5.63
N SER E 343 -15.79 -58.80 -6.03
CA SER E 343 -16.03 -59.70 -7.13
C SER E 343 -17.25 -59.19 -7.88
N LEU E 344 -17.30 -59.48 -9.18
CA LEU E 344 -18.35 -58.92 -10.01
C LEU E 344 -19.73 -59.28 -9.47
N SER E 345 -19.87 -60.47 -8.89
CA SER E 345 -21.13 -60.84 -8.25
C SER E 345 -21.58 -59.76 -7.30
N VAL E 346 -20.68 -59.37 -6.40
CA VAL E 346 -20.99 -58.39 -5.38
C VAL E 346 -21.30 -57.05 -6.02
N TYR E 347 -20.42 -56.61 -6.92
CA TYR E 347 -20.57 -55.31 -7.54
C TYR E 347 -21.85 -55.21 -8.37
N GLN E 348 -22.12 -56.23 -9.18
CA GLN E 348 -23.35 -56.22 -9.98
C GLN E 348 -24.59 -56.35 -9.10
N LYS E 349 -24.48 -57.08 -7.99
CA LYS E 349 -25.56 -57.08 -7.00
C LYS E 349 -25.86 -55.67 -6.51
N MET E 350 -24.84 -54.87 -6.21
CA MET E 350 -25.10 -53.48 -5.84
C MET E 350 -25.85 -52.76 -6.94
N LYS E 351 -25.33 -52.81 -8.16
CA LYS E 351 -25.90 -52.01 -9.24
C LYS E 351 -27.35 -52.41 -9.48
N PHE E 352 -27.63 -53.71 -9.47
CA PHE E 352 -29.01 -54.16 -9.48
C PHE E 352 -29.83 -53.46 -8.40
N ASN E 353 -29.38 -53.57 -7.15
CA ASN E 353 -30.12 -53.00 -6.03
C ASN E 353 -30.29 -51.49 -6.15
N VAL E 354 -29.32 -50.77 -6.70
CA VAL E 354 -29.48 -49.33 -6.88
C VAL E 354 -30.56 -49.02 -7.91
N ALA E 355 -30.65 -49.82 -8.97
CA ALA E 355 -31.75 -49.64 -9.90
C ALA E 355 -33.09 -49.92 -9.23
N MET E 356 -33.11 -50.82 -8.25
CA MET E 356 -34.30 -51.00 -7.42
C MET E 356 -34.53 -49.84 -6.45
N GLY E 357 -33.57 -48.94 -6.29
CA GLY E 357 -33.75 -47.78 -5.44
C GLY E 357 -33.67 -48.04 -3.95
N ILE E 358 -33.12 -49.17 -3.55
CA ILE E 358 -33.09 -49.60 -2.16
C ILE E 358 -31.69 -49.38 -1.58
N GLY E 359 -31.59 -49.43 -0.25
CA GLY E 359 -30.31 -49.25 0.41
C GLY E 359 -29.22 -50.17 -0.09
N VAL E 360 -27.98 -49.67 -0.05
CA VAL E 360 -26.95 -50.13 -0.98
C VAL E 360 -26.13 -51.32 -0.47
N LEU E 361 -26.45 -51.90 0.67
CA LEU E 361 -25.67 -53.03 1.17
C LEU E 361 -26.59 -54.14 1.67
N ASP E 362 -26.27 -55.38 1.29
CA ASP E 362 -27.03 -56.55 1.74
C ASP E 362 -26.25 -57.84 1.51
N LYS F 1 28.75 -16.73 31.14
CA LYS F 1 29.60 -17.42 30.15
C LYS F 1 29.10 -17.11 28.74
N GLN F 2 27.92 -17.61 28.41
CA GLN F 2 27.15 -17.05 27.31
C GLN F 2 25.70 -17.49 27.44
N VAL F 3 24.81 -16.72 26.85
CA VAL F 3 23.38 -16.94 27.01
C VAL F 3 23.02 -18.26 26.37
N SER F 4 22.23 -19.06 27.08
CA SER F 4 21.60 -20.22 26.45
C SER F 4 20.31 -19.79 25.77
N TRP F 5 20.34 -19.74 24.44
CA TRP F 5 19.11 -19.53 23.68
C TRP F 5 18.11 -20.64 23.97
N LYS F 6 18.61 -21.82 24.30
CA LYS F 6 17.79 -22.97 24.65
C LYS F 6 16.85 -22.65 25.82
N LEU F 7 17.40 -22.14 26.91
CA LEU F 7 16.61 -21.84 28.09
C LEU F 7 15.59 -20.73 27.86
N VAL F 8 15.90 -19.75 27.02
CA VAL F 8 14.90 -18.72 26.71
C VAL F 8 13.71 -19.34 26.00
N THR F 9 13.97 -20.19 25.02
CA THR F 9 12.87 -20.80 24.30
C THR F 9 12.07 -21.74 25.19
N GLU F 10 12.70 -22.43 26.13
CA GLU F 10 11.95 -23.23 27.08
C GLU F 10 10.90 -22.39 27.80
N TYR F 11 11.32 -21.26 28.36
CA TYR F 11 10.36 -20.42 29.07
C TYR F 11 9.21 -20.00 28.15
N ALA F 12 9.52 -19.66 26.91
CA ALA F 12 8.46 -19.18 26.02
C ALA F 12 7.42 -20.26 25.82
N MET F 13 7.87 -21.49 25.61
CA MET F 13 6.95 -22.61 25.45
C MET F 13 6.24 -22.89 26.76
N GLU F 14 7.03 -22.99 27.83
CA GLU F 14 6.51 -23.19 29.18
C GLU F 14 5.39 -22.23 29.51
N THR F 15 5.58 -20.95 29.23
CA THR F 15 4.60 -19.93 29.54
C THR F 15 3.62 -19.68 28.42
N LYS F 16 3.73 -20.38 27.31
CA LYS F 16 2.89 -20.14 26.14
C LYS F 16 2.99 -18.70 25.67
N CYS F 17 4.09 -18.05 26.02
CA CYS F 17 4.28 -16.64 25.70
C CYS F 17 4.60 -16.47 24.24
N ASP F 18 3.94 -15.51 23.59
CA ASP F 18 4.11 -15.30 22.17
C ASP F 18 4.09 -13.82 21.80
N ASP F 19 4.54 -12.95 22.70
CA ASP F 19 4.86 -11.57 22.40
C ASP F 19 6.32 -11.31 22.74
N VAL F 20 7.09 -10.87 21.73
CA VAL F 20 8.51 -10.64 21.93
C VAL F 20 8.77 -9.59 23.02
N LEU F 21 7.93 -8.56 23.09
CA LEU F 21 8.15 -7.54 24.12
C LEU F 21 7.84 -8.06 25.51
N LEU F 22 6.74 -8.79 25.66
CA LEU F 22 6.46 -9.44 26.93
C LEU F 22 7.55 -10.41 27.33
N LEU F 23 8.00 -11.25 26.39
CA LEU F 23 9.03 -12.22 26.70
C LEU F 23 10.29 -11.50 27.18
N LEU F 24 10.74 -10.51 26.41
CA LEU F 24 11.86 -9.68 26.84
C LEU F 24 11.60 -9.12 28.23
N GLY F 25 10.46 -8.46 28.41
CA GLY F 25 10.15 -7.84 29.69
C GLY F 25 10.22 -8.82 30.85
N MET F 26 9.51 -9.95 30.74
CA MET F 26 9.45 -10.88 31.86
C MET F 26 10.79 -11.57 32.08
N TYR F 27 11.46 -11.98 31.02
CA TYR F 27 12.73 -12.65 31.23
C TYR F 27 13.75 -11.73 31.87
N LEU F 28 13.71 -10.44 31.53
CA LEU F 28 14.59 -9.48 32.17
C LEU F 28 14.39 -9.41 33.68
N GLU F 29 13.17 -9.61 34.16
CA GLU F 29 12.93 -9.53 35.60
C GLU F 29 13.73 -10.58 36.38
N PHE F 30 14.07 -11.70 35.77
CA PHE F 30 14.79 -12.74 36.51
C PHE F 30 16.23 -12.36 36.86
N GLN F 31 16.75 -11.23 36.38
CA GLN F 31 18.17 -10.94 36.53
C GLN F 31 18.62 -10.71 37.97
N TYR F 32 17.71 -10.40 38.88
CA TYR F 32 18.09 -10.25 40.28
C TYR F 32 18.15 -11.59 40.99
N SER F 33 18.81 -11.60 42.14
CA SER F 33 18.91 -12.80 42.95
C SER F 33 17.54 -13.31 43.40
N PHE F 34 17.06 -14.37 42.73
CA PHE F 34 15.82 -15.03 43.11
C PHE F 34 15.83 -15.39 44.58
N GLU F 35 17.02 -15.70 45.11
CA GLU F 35 17.20 -16.05 46.50
C GLU F 35 16.56 -15.07 47.47
N MET F 36 16.43 -13.82 47.07
CA MET F 36 15.83 -12.80 47.90
C MET F 36 14.65 -12.12 47.23
N CYS F 37 14.26 -12.60 46.06
CA CYS F 37 13.33 -11.88 45.19
C CYS F 37 11.97 -11.70 45.84
N LEU F 38 11.52 -10.44 45.89
CA LEU F 38 10.28 -10.10 46.59
C LEU F 38 9.05 -10.67 45.90
N LYS F 39 9.04 -10.72 44.56
CA LYS F 39 7.95 -11.40 43.87
C LYS F 39 7.92 -12.88 44.23
N CYS F 40 9.07 -13.54 44.24
CA CYS F 40 9.12 -14.92 44.71
C CYS F 40 8.53 -15.01 46.10
N ILE F 41 8.93 -14.11 46.98
CA ILE F 41 8.44 -14.13 48.37
C ILE F 41 6.93 -14.00 48.41
N LYS F 42 6.37 -13.02 47.70
CA LYS F 42 4.93 -12.81 47.71
C LYS F 42 4.17 -13.78 46.81
N LYS F 43 4.85 -14.60 46.02
CA LYS F 43 4.21 -15.53 45.10
C LYS F 43 3.03 -14.92 44.36
N GLU F 44 3.26 -13.72 43.83
CA GLU F 44 2.17 -12.95 43.25
C GLU F 44 1.82 -13.42 41.85
N GLN F 45 2.83 -13.67 41.00
CA GLN F 45 2.62 -14.14 39.64
C GLN F 45 3.28 -15.50 39.44
N PRO F 46 2.53 -16.55 39.08
CA PRO F 46 3.19 -17.86 38.91
C PRO F 46 4.19 -17.82 37.78
N SER F 47 3.85 -17.09 36.71
CA SER F 47 4.75 -16.93 35.59
C SER F 47 6.09 -16.35 36.00
N HIS F 48 6.18 -15.73 37.17
CA HIS F 48 7.47 -15.41 37.76
C HIS F 48 7.94 -16.50 38.73
N TYR F 49 7.19 -16.71 39.81
CA TYR F 49 7.76 -17.44 40.95
C TYR F 49 7.97 -18.92 40.66
N LYS F 50 7.32 -19.49 39.64
CA LYS F 50 7.62 -20.86 39.26
C LYS F 50 8.97 -21.01 38.57
N TYR F 51 9.54 -19.93 38.06
CA TYR F 51 10.62 -20.03 37.09
C TYR F 51 11.90 -19.33 37.52
N HIS F 52 11.81 -18.29 38.33
CA HIS F 52 12.95 -17.38 38.52
C HIS F 52 14.20 -18.14 38.91
N GLU F 53 14.09 -19.09 39.85
CA GLU F 53 15.28 -19.75 40.38
C GLU F 53 16.04 -20.52 39.32
N LYS F 54 15.34 -21.31 38.51
CA LYS F 54 16.00 -22.03 37.43
C LYS F 54 16.66 -21.08 36.44
N HIS F 55 15.92 -20.07 35.99
CA HIS F 55 16.39 -19.20 34.92
C HIS F 55 17.39 -18.13 35.38
N TYR F 56 17.43 -17.84 36.68
CA TYR F 56 18.25 -16.75 37.20
C TYR F 56 19.68 -16.73 36.64
N ALA F 57 20.37 -17.86 36.71
CA ALA F 57 21.77 -17.89 36.28
C ALA F 57 21.91 -17.45 34.83
N ASN F 58 21.06 -17.99 33.97
CA ASN F 58 21.03 -17.58 32.56
C ASN F 58 20.59 -16.13 32.42
N ALA F 59 19.65 -15.69 33.24
CA ALA F 59 19.15 -14.32 33.11
C ALA F 59 20.23 -13.29 33.43
N ALA F 60 21.09 -13.57 34.39
CA ALA F 60 22.18 -12.64 34.66
C ALA F 60 23.03 -12.44 33.40
N ILE F 61 23.33 -13.52 32.69
CA ILE F 61 24.12 -13.43 31.47
C ILE F 61 23.32 -12.78 30.36
N PHE F 62 22.02 -13.08 30.28
CA PHE F 62 21.15 -12.44 29.30
C PHE F 62 21.13 -10.93 29.47
N ALA F 63 21.11 -10.44 30.72
CA ALA F 63 20.98 -9.01 30.95
C ALA F 63 22.11 -8.23 30.31
N ASP F 64 23.29 -8.83 30.16
CA ASP F 64 24.43 -8.16 29.57
C ASP F 64 24.43 -8.23 28.05
N SER F 65 23.64 -9.11 27.46
CA SER F 65 23.72 -9.40 26.04
C SER F 65 23.35 -8.18 25.19
N LYS F 66 23.99 -8.08 24.04
CA LYS F 66 23.70 -7.08 23.03
C LYS F 66 22.79 -7.62 21.92
N ASN F 67 22.25 -8.83 22.07
CA ASN F 67 21.43 -9.48 21.05
C ASN F 67 20.01 -9.73 21.54
N GLN F 68 19.62 -9.06 22.62
CA GLN F 68 18.49 -9.51 23.44
C GLN F 68 17.22 -9.73 22.62
N LYS F 69 16.82 -8.73 21.85
CA LYS F 69 15.59 -8.86 21.07
C LYS F 69 15.64 -10.02 20.09
N THR F 70 16.80 -10.26 19.49
CA THR F 70 16.92 -11.35 18.53
C THR F 70 16.76 -12.70 19.22
N ILE F 71 17.31 -12.86 20.42
CA ILE F 71 17.10 -14.11 21.15
C ILE F 71 15.62 -14.36 21.39
N CYS F 72 14.91 -13.33 21.84
CA CYS F 72 13.47 -13.44 22.08
C CYS F 72 12.68 -13.68 20.80
N GLN F 73 13.12 -13.12 19.68
CA GLN F 73 12.41 -13.33 18.41
C GLN F 73 12.39 -14.80 18.01
N GLN F 74 13.55 -15.45 18.05
CA GLN F 74 13.61 -16.88 17.76
C GLN F 74 12.75 -17.69 18.73
N ALA F 75 12.78 -17.33 20.02
CA ALA F 75 11.97 -18.04 20.99
C ALA F 75 10.48 -17.94 20.67
N VAL F 76 9.99 -16.73 20.38
CA VAL F 76 8.57 -16.58 20.03
C VAL F 76 8.22 -17.36 18.76
N ASP F 77 9.11 -17.37 17.77
CA ASP F 77 8.80 -18.12 16.56
C ASP F 77 8.47 -19.57 16.90
N THR F 78 9.21 -20.13 17.84
CA THR F 78 8.96 -21.50 18.27
C THR F 78 7.53 -21.68 18.77
N VAL F 79 7.03 -20.72 19.53
CA VAL F 79 5.68 -20.80 20.06
C VAL F 79 4.63 -20.59 18.96
N LEU F 80 4.85 -19.63 18.06
CA LEU F 80 3.93 -19.46 16.94
C LEU F 80 3.91 -20.66 16.02
N ALA F 81 5.08 -21.25 15.77
CA ALA F 81 5.14 -22.45 14.96
C ALA F 81 4.36 -23.58 15.60
N LYS F 82 4.50 -23.74 16.91
CA LYS F 82 3.75 -24.79 17.60
C LYS F 82 2.24 -24.62 17.42
N LYS F 83 1.74 -23.39 17.58
CA LYS F 83 0.33 -23.15 17.29
C LYS F 83 -0.04 -23.51 15.86
N ARG F 84 0.79 -23.12 14.90
CA ARG F 84 0.47 -23.39 13.50
C ARG F 84 0.52 -24.89 13.20
N VAL F 85 1.55 -25.59 13.67
CA VAL F 85 1.57 -27.05 13.51
C VAL F 85 0.30 -27.66 14.07
N ASP F 86 -0.06 -27.31 15.29
CA ASP F 86 -1.26 -27.87 15.90
C ASP F 86 -2.52 -27.45 15.17
N SER F 87 -2.58 -26.19 14.71
CA SER F 87 -3.79 -25.70 14.07
C SER F 87 -4.14 -26.51 12.82
N LEU F 88 -3.14 -27.11 12.20
CA LEU F 88 -3.37 -27.89 10.99
C LEU F 88 -4.07 -29.22 11.26
N GLN F 89 -4.26 -29.61 12.53
CA GLN F 89 -4.60 -30.99 12.88
C GLN F 89 -5.65 -31.08 13.98
N LEU F 90 -6.37 -29.99 14.26
CA LEU F 90 -7.47 -30.00 15.21
C LEU F 90 -8.69 -30.75 14.68
N THR F 91 -9.28 -31.58 15.54
CA THR F 91 -10.66 -31.96 15.34
C THR F 91 -11.57 -30.83 15.80
N ARG F 92 -12.78 -30.78 15.23
CA ARG F 92 -13.73 -29.74 15.61
C ARG F 92 -14.01 -29.76 17.12
N GLU F 93 -14.11 -30.94 17.71
CA GLU F 93 -14.31 -31.04 19.16
C GLU F 93 -13.14 -30.49 19.95
N GLN F 94 -11.91 -30.66 19.45
CA GLN F 94 -10.77 -30.09 20.15
C GLN F 94 -10.83 -28.58 20.17
N MET F 95 -11.39 -27.98 19.13
CA MET F 95 -11.63 -26.54 19.16
C MET F 95 -12.57 -26.22 20.31
N LEU F 96 -13.68 -26.94 20.36
CA LEU F 96 -14.70 -26.67 21.37
C LEU F 96 -14.13 -26.87 22.75
N THR F 97 -13.32 -27.91 22.92
CA THR F 97 -12.56 -28.12 24.15
C THR F 97 -11.86 -26.84 24.59
N ASN F 98 -11.09 -26.24 23.69
CA ASN F 98 -10.29 -25.09 24.05
C ASN F 98 -11.16 -23.85 24.24
N ARG F 99 -12.14 -23.66 23.36
CA ARG F 99 -13.06 -22.54 23.54
C ARG F 99 -13.62 -22.53 24.95
N PHE F 100 -14.14 -23.67 25.39
CA PHE F 100 -14.68 -23.76 26.74
C PHE F 100 -13.58 -23.68 27.79
N ASN F 101 -12.44 -24.35 27.57
CA ASN F 101 -11.36 -24.29 28.55
C ASN F 101 -11.09 -22.86 28.98
N ASP F 102 -10.97 -21.99 27.99
CA ASP F 102 -10.61 -20.61 28.24
C ASP F 102 -11.71 -19.86 28.98
N LEU F 103 -12.97 -20.19 28.69
CA LEU F 103 -14.07 -19.59 29.43
C LEU F 103 -14.09 -20.05 30.88
N LEU F 104 -13.74 -21.31 31.14
CA LEU F 104 -13.60 -21.75 32.52
C LEU F 104 -12.51 -20.95 33.24
N ASP F 105 -11.40 -20.72 32.57
CA ASP F 105 -10.34 -19.87 33.10
C ASP F 105 -10.72 -18.40 33.22
N ARG F 106 -11.72 -17.92 32.48
CA ARG F 106 -12.30 -16.61 32.80
C ARG F 106 -13.18 -16.65 34.04
N MET F 107 -13.91 -17.74 34.24
CA MET F 107 -14.93 -17.74 35.30
C MET F 107 -14.30 -17.67 36.69
N ASP F 108 -13.12 -18.25 36.85
CA ASP F 108 -12.28 -17.98 38.02
C ASP F 108 -12.34 -16.51 38.41
N ILE F 109 -12.08 -15.65 37.44
CA ILE F 109 -11.94 -14.20 37.67
C ILE F 109 -13.20 -13.61 38.26
N MET F 110 -14.35 -14.18 37.92
CA MET F 110 -15.63 -13.63 38.36
C MET F 110 -15.80 -13.70 39.87
N PHE F 111 -15.16 -14.65 40.51
CA PHE F 111 -15.50 -15.02 41.88
C PHE F 111 -14.29 -15.11 42.78
N GLY F 112 -13.10 -15.35 42.23
CA GLY F 112 -11.92 -15.63 43.00
C GLY F 112 -11.28 -14.39 43.59
N SER F 113 -9.95 -14.39 43.58
CA SER F 113 -9.19 -13.25 44.06
C SER F 113 -9.60 -11.96 43.38
N THR F 114 -10.01 -12.02 42.12
CA THR F 114 -10.64 -10.87 41.50
C THR F 114 -12.08 -10.67 41.97
N GLY F 115 -12.87 -11.74 42.03
CA GLY F 115 -14.19 -11.64 42.65
C GLY F 115 -15.11 -10.62 42.00
N SER F 116 -14.99 -10.44 40.68
CA SER F 116 -15.68 -9.36 39.99
C SER F 116 -17.19 -9.33 40.20
N ALA F 117 -17.84 -10.49 40.39
CA ALA F 117 -19.29 -10.53 40.52
C ALA F 117 -19.69 -11.71 41.41
N ASP F 118 -20.99 -12.02 41.45
CA ASP F 118 -21.51 -13.05 42.34
C ASP F 118 -22.03 -14.23 41.55
N ILE F 119 -21.50 -15.41 41.88
CA ILE F 119 -21.96 -16.69 41.33
C ILE F 119 -23.46 -16.88 41.58
N GLU F 120 -23.99 -16.29 42.64
CA GLU F 120 -25.42 -16.31 42.94
C GLU F 120 -26.27 -15.74 41.81
N GLU F 121 -26.16 -14.44 41.57
CA GLU F 121 -27.02 -13.82 40.56
C GLU F 121 -26.72 -14.35 39.17
N TRP F 122 -25.48 -14.79 38.94
CA TRP F 122 -25.18 -15.61 37.78
C TRP F 122 -26.12 -16.81 37.69
N MET F 123 -26.15 -17.65 38.73
CA MET F 123 -27.06 -18.79 38.72
C MET F 123 -28.52 -18.36 38.67
N ALA F 124 -28.84 -17.17 39.18
CA ALA F 124 -30.20 -16.66 39.03
C ALA F 124 -30.55 -16.45 37.56
N GLY F 125 -29.61 -15.91 36.78
CA GLY F 125 -29.84 -15.85 35.34
C GLY F 125 -30.00 -17.23 34.73
N VAL F 126 -29.19 -18.19 35.18
CA VAL F 126 -29.31 -19.55 34.69
C VAL F 126 -30.71 -20.06 34.93
N ALA F 127 -31.20 -19.90 36.15
CA ALA F 127 -32.58 -20.27 36.44
C ALA F 127 -33.55 -19.53 35.53
N TRP F 128 -33.34 -18.23 35.33
CA TRP F 128 -34.30 -17.45 34.57
C TRP F 128 -34.43 -17.92 33.13
N LEU F 129 -33.31 -18.30 32.51
CA LEU F 129 -33.38 -18.74 31.12
C LEU F 129 -34.00 -20.13 30.97
N HIS F 130 -33.69 -21.03 31.90
CA HIS F 130 -34.11 -22.43 31.73
C HIS F 130 -35.62 -22.58 31.58
N CYS F 131 -36.40 -21.71 32.21
CA CYS F 131 -37.85 -21.86 32.21
C CYS F 131 -38.50 -21.57 30.86
N LEU F 132 -37.80 -20.89 29.95
CA LEU F 132 -38.48 -20.36 28.76
C LEU F 132 -39.04 -21.49 27.90
N LEU F 133 -38.33 -22.61 27.82
CA LEU F 133 -38.69 -23.69 26.91
C LEU F 133 -38.27 -25.01 27.53
N PRO F 134 -38.69 -26.13 26.97
CA PRO F 134 -38.33 -27.45 27.53
C PRO F 134 -36.83 -27.69 27.59
N LYS F 135 -36.39 -28.26 28.72
CA LYS F 135 -35.20 -29.11 28.81
C LYS F 135 -33.94 -28.42 28.29
N MET F 136 -33.83 -27.11 28.50
CA MET F 136 -32.79 -26.32 27.84
C MET F 136 -31.41 -26.93 28.05
N ASP F 137 -31.20 -27.56 29.20
CA ASP F 137 -29.98 -28.32 29.49
C ASP F 137 -29.64 -29.32 28.39
N SER F 138 -30.62 -30.10 27.97
CA SER F 138 -30.39 -31.07 26.89
C SER F 138 -30.24 -30.35 25.55
N VAL F 139 -31.04 -29.32 25.34
CA VAL F 139 -31.05 -28.61 24.07
C VAL F 139 -29.66 -28.04 23.75
N VAL F 140 -28.96 -27.54 24.75
CA VAL F 140 -27.60 -27.04 24.50
C VAL F 140 -26.70 -28.17 24.05
N TYR F 141 -26.67 -29.26 24.81
CA TYR F 141 -25.79 -30.37 24.44
C TYR F 141 -26.19 -30.97 23.09
N ASP F 142 -27.46 -30.88 22.71
CA ASP F 142 -27.87 -31.32 21.38
C ASP F 142 -27.31 -30.42 20.29
N PHE F 143 -27.54 -29.11 20.39
CA PHE F 143 -26.93 -28.18 19.44
C PHE F 143 -25.42 -28.33 19.40
N LEU F 144 -24.80 -28.55 20.55
CA LEU F 144 -23.37 -28.73 20.61
C LEU F 144 -22.90 -29.92 19.79
N LYS F 145 -23.58 -31.07 19.95
CA LYS F 145 -23.22 -32.24 19.15
C LYS F 145 -23.23 -31.90 17.69
N CYS F 146 -24.29 -31.25 17.25
CA CYS F 146 -24.44 -30.89 15.84
C CYS F 146 -23.25 -30.10 15.33
N MET F 147 -22.79 -29.10 16.10
CA MET F 147 -21.65 -28.29 15.65
C MET F 147 -20.32 -29.03 15.64
N VAL F 148 -20.14 -30.11 16.40
CA VAL F 148 -18.94 -30.93 16.19
C VAL F 148 -19.15 -31.86 15.00
N TYR F 149 -20.28 -32.55 14.95
CA TYR F 149 -20.48 -33.55 13.92
C TYR F 149 -20.54 -32.93 12.53
N ASN F 150 -21.11 -31.73 12.41
CA ASN F 150 -20.97 -30.95 11.19
C ASN F 150 -21.47 -31.71 9.97
N ILE F 151 -22.46 -32.55 10.16
CA ILE F 151 -22.89 -33.52 9.14
C ILE F 151 -23.56 -32.77 8.00
N PRO F 152 -23.20 -33.03 6.74
CA PRO F 152 -23.72 -32.20 5.64
C PRO F 152 -25.23 -32.11 5.61
N LYS F 153 -25.72 -30.91 5.31
CA LYS F 153 -27.12 -30.52 5.41
C LYS F 153 -27.70 -30.56 6.81
N LYS F 154 -27.24 -31.48 7.65
CA LYS F 154 -27.69 -31.59 9.03
C LYS F 154 -26.86 -30.67 9.94
N ARG F 155 -27.07 -29.36 9.78
CA ARG F 155 -26.12 -28.37 10.31
C ARG F 155 -26.72 -27.05 10.79
N TYR F 156 -28.04 -26.84 10.72
CA TYR F 156 -28.58 -25.51 10.98
C TYR F 156 -29.90 -25.57 11.73
N TRP F 157 -30.12 -24.54 12.57
CA TRP F 157 -31.39 -24.32 13.26
C TRP F 157 -31.90 -22.91 13.02
N LEU F 158 -33.23 -22.81 12.98
CA LEU F 158 -33.94 -21.56 12.76
C LEU F 158 -34.70 -21.16 14.02
N PHE F 159 -34.37 -20.00 14.58
CA PHE F 159 -35.11 -19.45 15.71
C PHE F 159 -36.22 -18.55 15.16
N LYS F 160 -37.35 -19.15 14.85
CA LYS F 160 -38.51 -18.37 14.43
C LYS F 160 -39.37 -17.97 15.62
N GLY F 161 -40.03 -16.82 15.49
CA GLY F 161 -40.87 -16.26 16.53
C GLY F 161 -41.37 -14.90 16.10
N PRO F 162 -42.11 -14.18 16.96
CA PRO F 162 -42.41 -12.78 16.64
C PRO F 162 -41.18 -11.91 16.76
N ILE F 163 -41.34 -10.59 16.61
CA ILE F 163 -40.41 -9.69 17.25
C ILE F 163 -40.55 -9.80 18.76
N ASP F 164 -39.52 -9.38 19.48
CA ASP F 164 -39.56 -9.39 20.94
C ASP F 164 -39.92 -10.78 21.46
N SER F 165 -39.30 -11.77 20.84
CA SER F 165 -39.43 -13.16 21.25
C SER F 165 -38.36 -13.57 22.25
N GLY F 166 -37.29 -12.78 22.36
CA GLY F 166 -36.12 -13.13 23.13
C GLY F 166 -35.04 -13.82 22.34
N LYS F 167 -35.31 -14.14 21.07
CA LYS F 167 -34.39 -14.99 20.31
C LYS F 167 -33.04 -14.31 20.11
N THR F 168 -33.04 -12.99 19.90
CA THR F 168 -31.76 -12.29 19.82
C THR F 168 -30.96 -12.47 21.11
N THR F 169 -31.62 -12.33 22.25
CA THR F 169 -30.92 -12.45 23.53
C THR F 169 -30.38 -13.85 23.72
N LEU F 170 -31.16 -14.85 23.34
CA LEU F 170 -30.67 -16.22 23.31
C LEU F 170 -29.50 -16.34 22.35
N ALA F 171 -29.65 -15.78 21.15
CA ALA F 171 -28.60 -15.89 20.15
C ALA F 171 -27.29 -15.30 20.68
N ALA F 172 -27.38 -14.17 21.37
CA ALA F 172 -26.21 -13.62 22.04
C ALA F 172 -25.58 -14.66 22.96
N ALA F 173 -26.39 -15.30 23.81
CA ALA F 173 -25.84 -16.29 24.73
C ALA F 173 -25.20 -17.45 23.98
N LEU F 174 -25.85 -17.93 22.93
CA LEU F 174 -25.29 -19.05 22.17
C LEU F 174 -23.96 -18.68 21.55
N LEU F 175 -23.94 -17.57 20.80
CA LEU F 175 -22.69 -17.16 20.19
C LEU F 175 -21.66 -16.80 21.24
N GLU F 176 -22.10 -16.21 22.35
CA GLU F 176 -21.17 -15.93 23.44
C GLU F 176 -20.56 -17.20 23.99
N LEU F 177 -21.36 -18.27 24.09
CA LEU F 177 -20.81 -19.53 24.58
C LEU F 177 -19.79 -20.07 23.59
N CYS F 178 -20.19 -20.15 22.33
CA CYS F 178 -19.59 -21.06 21.38
C CYS F 178 -18.59 -20.39 20.45
N GLY F 179 -18.55 -19.06 20.43
CA GLY F 179 -17.77 -18.35 19.44
C GLY F 179 -18.52 -18.15 18.14
N GLY F 180 -17.76 -17.96 17.06
CA GLY F 180 -18.32 -17.66 15.75
C GLY F 180 -18.46 -16.17 15.47
N LYS F 181 -19.34 -15.84 14.54
CA LYS F 181 -19.66 -14.43 14.29
C LYS F 181 -21.11 -14.27 13.81
N ALA F 182 -21.62 -13.05 13.95
CA ALA F 182 -22.91 -12.65 13.40
C ALA F 182 -22.74 -12.06 11.99
N LEU F 183 -23.79 -12.18 11.17
CA LEU F 183 -23.73 -11.72 9.78
C LEU F 183 -25.10 -11.23 9.30
N ASN F 184 -25.07 -10.35 8.30
CA ASN F 184 -26.26 -9.84 7.62
C ASN F 184 -26.58 -10.60 6.33
N VAL F 185 -27.81 -10.44 5.86
CA VAL F 185 -28.24 -10.85 4.52
C VAL F 185 -29.14 -9.79 3.87
N ASN F 186 -29.59 -8.82 4.65
CA ASN F 186 -30.45 -7.74 4.17
C ASN F 186 -29.61 -6.64 3.53
N LEU F 187 -29.10 -6.95 2.34
CA LEU F 187 -28.28 -6.06 1.55
C LEU F 187 -28.65 -6.21 0.08
N PRO F 188 -28.37 -5.19 -0.75
CA PRO F 188 -28.35 -5.44 -2.19
C PRO F 188 -27.39 -6.55 -2.53
N LEU F 189 -27.86 -7.45 -3.41
CA LEU F 189 -27.03 -8.56 -3.84
C LEU F 189 -25.67 -8.05 -4.28
N ASP F 190 -25.68 -6.97 -5.06
CA ASP F 190 -24.53 -6.17 -5.42
C ASP F 190 -23.48 -6.08 -4.32
N ARG F 191 -23.90 -5.66 -3.13
CA ARG F 191 -22.98 -5.40 -2.02
C ARG F 191 -22.60 -6.67 -1.27
N LEU F 192 -23.45 -7.69 -1.32
CA LEU F 192 -23.48 -8.74 -0.29
C LEU F 192 -22.19 -9.55 -0.24
N ASN F 193 -21.56 -9.78 -1.39
CA ASN F 193 -20.50 -10.77 -1.52
C ASN F 193 -19.46 -10.70 -0.42
N PHE F 194 -18.92 -9.51 -0.14
CA PHE F 194 -17.87 -9.38 0.87
C PHE F 194 -18.37 -9.76 2.25
N GLU F 195 -19.62 -9.45 2.57
CA GLU F 195 -20.16 -9.84 3.87
C GLU F 195 -20.02 -11.35 4.06
N LEU F 196 -20.24 -12.12 3.01
CA LEU F 196 -20.14 -13.57 3.10
C LEU F 196 -18.72 -13.99 3.44
N GLY F 197 -17.73 -13.26 2.94
CA GLY F 197 -16.34 -13.57 3.24
C GLY F 197 -15.98 -13.40 4.69
N VAL F 198 -16.74 -12.60 5.44
CA VAL F 198 -16.45 -12.40 6.86
C VAL F 198 -16.43 -13.72 7.60
N ALA F 199 -17.19 -14.70 7.13
CA ALA F 199 -17.27 -15.99 7.80
C ALA F 199 -15.95 -16.75 7.81
N ILE F 200 -14.99 -16.36 6.98
CA ILE F 200 -13.83 -17.23 6.73
C ILE F 200 -13.24 -17.73 8.04
N ASP F 201 -13.25 -19.05 8.20
CA ASP F 201 -12.64 -19.76 9.32
C ASP F 201 -13.20 -19.39 10.69
N GLN F 202 -14.40 -18.82 10.78
CA GLN F 202 -15.14 -18.89 12.04
C GLN F 202 -15.68 -20.31 12.25
N PHE F 203 -15.70 -20.74 13.51
CA PHE F 203 -16.21 -22.08 13.84
C PHE F 203 -17.70 -22.18 13.61
N LEU F 204 -18.38 -21.05 13.69
CA LEU F 204 -19.82 -20.99 13.88
C LEU F 204 -20.25 -19.61 13.43
N VAL F 205 -21.52 -19.44 13.09
CA VAL F 205 -22.06 -18.11 12.80
C VAL F 205 -23.51 -18.04 13.26
N VAL F 206 -24.01 -16.81 13.32
CA VAL F 206 -25.44 -16.55 13.38
C VAL F 206 -25.80 -15.53 12.30
N PHE F 207 -26.95 -15.74 11.67
CA PHE F 207 -27.48 -14.81 10.68
C PHE F 207 -28.61 -13.95 11.26
N GLU F 208 -28.51 -12.65 11.05
CA GLU F 208 -29.45 -11.67 11.56
C GLU F 208 -30.79 -11.76 10.83
N ASP F 209 -31.85 -11.31 11.51
CA ASP F 209 -33.20 -11.61 11.09
C ASP F 209 -33.51 -10.94 9.75
N VAL F 210 -34.08 -11.70 8.82
CA VAL F 210 -34.07 -11.40 7.39
C VAL F 210 -35.44 -10.92 6.94
N LYS F 211 -35.47 -9.82 6.18
CA LYS F 211 -36.68 -9.03 5.94
C LYS F 211 -37.59 -9.72 4.91
N GLY F 212 -38.50 -10.55 5.39
CA GLY F 212 -39.35 -11.33 4.51
C GLY F 212 -40.35 -10.47 3.74
N THR F 213 -40.24 -10.45 2.41
CA THR F 213 -41.20 -9.78 1.53
C THR F 213 -42.64 -10.06 1.95
N GLY F 214 -43.49 -9.04 1.84
CA GLY F 214 -44.88 -9.11 2.26
C GLY F 214 -45.12 -9.19 3.74
N GLY F 215 -44.09 -9.39 4.55
CA GLY F 215 -44.23 -9.49 5.99
C GLY F 215 -44.94 -8.33 6.65
N GLU F 216 -44.97 -7.16 6.00
CA GLU F 216 -45.55 -5.98 6.61
C GLU F 216 -47.06 -6.08 6.76
N SER F 217 -47.69 -7.03 6.06
CA SER F 217 -49.04 -7.45 6.42
C SER F 217 -49.06 -7.96 7.86
N ARG F 218 -48.10 -8.82 8.19
CA ARG F 218 -47.84 -9.28 9.55
C ARG F 218 -47.30 -8.15 10.42
N ASP F 219 -47.15 -6.96 9.83
CA ASP F 219 -46.33 -5.87 10.36
C ASP F 219 -44.89 -6.29 10.64
N LEU F 220 -44.31 -7.04 9.70
CA LEU F 220 -42.90 -7.43 9.76
C LEU F 220 -42.16 -6.87 8.55
N PRO F 221 -41.11 -6.07 8.74
CA PRO F 221 -40.52 -5.33 7.60
C PRO F 221 -39.95 -6.27 6.55
N SER F 222 -40.18 -5.94 5.29
CA SER F 222 -40.22 -6.90 4.20
C SER F 222 -39.38 -6.48 3.01
N GLY F 223 -38.64 -7.42 2.41
CA GLY F 223 -37.78 -7.06 1.29
C GLY F 223 -36.77 -8.11 0.86
N GLN F 224 -35.66 -7.63 0.31
CA GLN F 224 -34.71 -8.44 -0.45
C GLN F 224 -34.17 -9.65 0.32
N GLY F 225 -33.99 -9.53 1.63
CA GLY F 225 -33.15 -10.49 2.34
C GLY F 225 -33.53 -11.95 2.15
N ILE F 226 -34.83 -12.27 2.22
CA ILE F 226 -35.20 -13.68 2.06
C ILE F 226 -35.03 -14.12 0.61
N ASN F 227 -35.19 -13.20 -0.35
CA ASN F 227 -34.92 -13.57 -1.73
C ASN F 227 -33.47 -13.97 -1.88
N ASN F 228 -32.57 -13.25 -1.20
CA ASN F 228 -31.16 -13.59 -1.20
C ASN F 228 -30.92 -14.97 -0.59
N LEU F 229 -31.50 -15.23 0.57
CA LEU F 229 -31.20 -16.43 1.34
C LEU F 229 -31.23 -17.71 0.51
N ASP F 230 -32.34 -18.01 -0.16
CA ASP F 230 -32.43 -19.32 -0.77
C ASP F 230 -31.53 -19.44 -1.99
N ASN F 231 -31.10 -18.32 -2.56
CA ASN F 231 -30.06 -18.34 -3.56
C ASN F 231 -28.69 -18.70 -2.98
N LEU F 232 -28.52 -18.69 -1.66
CA LEU F 232 -27.27 -19.07 -1.01
C LEU F 232 -27.14 -20.57 -0.77
N ARG F 233 -27.93 -21.38 -1.48
CA ARG F 233 -28.18 -22.78 -1.14
C ARG F 233 -26.98 -23.54 -0.61
N ASP F 234 -25.96 -23.72 -1.45
CA ASP F 234 -24.87 -24.63 -1.12
C ASP F 234 -24.03 -24.16 0.06
N TYR F 235 -24.01 -22.88 0.37
CA TYR F 235 -23.31 -22.44 1.57
C TYR F 235 -23.86 -23.11 2.80
N LEU F 236 -25.18 -23.31 2.84
CA LEU F 236 -25.77 -24.00 3.97
C LEU F 236 -25.33 -25.45 3.97
N ASP F 237 -25.49 -26.10 2.82
CA ASP F 237 -25.40 -27.55 2.73
C ASP F 237 -24.07 -28.06 3.26
N GLY F 238 -22.99 -27.33 2.98
CA GLY F 238 -21.67 -27.84 3.30
C GLY F 238 -21.31 -29.06 2.49
N SER F 239 -21.93 -29.23 1.33
CA SER F 239 -21.62 -30.36 0.47
C SER F 239 -20.22 -30.26 -0.12
N VAL F 240 -19.84 -29.07 -0.58
CA VAL F 240 -18.56 -28.86 -1.26
C VAL F 240 -17.96 -27.53 -0.80
N LYS F 241 -16.65 -27.41 -0.98
CA LYS F 241 -15.95 -26.18 -0.62
C LYS F 241 -16.45 -25.02 -1.47
N VAL F 242 -16.30 -23.79 -0.95
CA VAL F 242 -16.80 -22.62 -1.66
C VAL F 242 -15.89 -21.42 -1.43
N ASN F 243 -15.80 -20.58 -2.47
CA ASN F 243 -14.93 -19.41 -2.49
C ASN F 243 -15.48 -18.29 -1.61
N LEU F 244 -14.58 -17.53 -0.99
CA LEU F 244 -14.94 -16.49 -0.04
C LEU F 244 -14.20 -15.21 -0.34
N GLU F 245 -14.92 -14.10 -0.28
CA GLU F 245 -14.42 -12.78 -0.71
C GLU F 245 -13.96 -11.94 0.49
N LYS F 246 -12.66 -11.95 0.77
CA LYS F 246 -12.07 -10.90 1.59
C LYS F 246 -11.98 -9.59 0.81
N LYS F 247 -12.32 -8.48 1.47
CA LYS F 247 -11.97 -7.18 0.92
C LYS F 247 -10.46 -7.00 0.90
N HIS F 248 -9.96 -6.34 -0.15
CA HIS F 248 -8.53 -6.08 -0.34
C HIS F 248 -7.67 -7.32 -0.37
N LEU F 249 -8.23 -8.52 -0.51
CA LEU F 249 -7.40 -9.69 -0.71
C LEU F 249 -8.11 -10.65 -1.68
N ASN F 250 -7.33 -11.58 -2.23
CA ASN F 250 -7.85 -12.56 -3.16
C ASN F 250 -8.71 -13.62 -2.46
N LYS F 251 -9.29 -14.51 -3.27
CA LYS F 251 -10.21 -15.54 -2.79
C LYS F 251 -9.53 -16.51 -1.83
N ARG F 252 -10.33 -17.07 -0.94
CA ARG F 252 -10.03 -18.34 -0.30
C ARG F 252 -11.25 -19.24 -0.47
N THR F 253 -11.07 -20.55 -0.42
CA THR F 253 -12.21 -21.42 -0.68
C THR F 253 -12.20 -22.68 0.19
N GLN F 254 -13.31 -22.95 0.88
CA GLN F 254 -13.33 -23.92 1.97
C GLN F 254 -14.78 -24.26 2.32
N ILE F 255 -14.93 -25.29 3.16
CA ILE F 255 -16.26 -25.75 3.56
C ILE F 255 -16.92 -24.67 4.41
N PHE F 256 -18.10 -24.25 4.03
CA PHE F 256 -18.73 -23.17 4.79
C PHE F 256 -19.17 -23.67 6.18
N PRO F 257 -18.96 -22.88 7.23
CA PRO F 257 -19.27 -23.34 8.60
C PRO F 257 -20.73 -23.64 8.84
N PRO F 258 -21.04 -24.43 9.87
CA PRO F 258 -22.42 -24.61 10.34
C PRO F 258 -22.86 -23.39 11.14
N GLY F 259 -24.16 -23.33 11.48
CA GLY F 259 -24.57 -22.23 12.35
C GLY F 259 -26.05 -22.05 12.58
N ILE F 260 -26.45 -20.80 12.84
CA ILE F 260 -27.73 -20.43 13.43
C ILE F 260 -28.37 -19.29 12.66
N VAL F 261 -29.71 -19.23 12.67
CA VAL F 261 -30.47 -18.20 11.97
C VAL F 261 -31.65 -17.75 12.83
N THR F 262 -32.09 -16.50 12.62
CA THR F 262 -33.15 -15.87 13.39
C THR F 262 -34.25 -15.38 12.46
N MET F 263 -35.51 -15.46 12.91
CA MET F 263 -36.62 -15.22 12.00
C MET F 263 -37.88 -14.73 12.71
N ASN F 264 -38.42 -13.57 12.29
CA ASN F 264 -39.79 -13.25 12.70
C ASN F 264 -40.75 -14.19 11.97
N GLU F 265 -42.05 -14.06 12.23
CA GLU F 265 -43.02 -15.01 11.69
C GLU F 265 -43.39 -14.78 10.22
N TYR F 266 -42.43 -14.48 9.37
CA TYR F 266 -42.64 -14.28 7.93
C TYR F 266 -43.01 -15.59 7.21
N SER F 267 -43.34 -15.43 5.93
CA SER F 267 -43.46 -16.54 4.97
C SER F 267 -42.12 -17.25 4.80
N VAL F 268 -42.19 -18.57 4.58
CA VAL F 268 -40.98 -19.35 4.26
C VAL F 268 -41.26 -20.35 3.14
N PRO F 269 -40.50 -20.33 2.05
CA PRO F 269 -40.64 -21.36 1.01
C PRO F 269 -40.40 -22.77 1.52
N LYS F 270 -41.05 -23.73 0.85
CA LYS F 270 -40.79 -25.14 1.13
C LYS F 270 -39.31 -25.45 1.04
N THR F 271 -38.70 -25.01 -0.06
CA THR F 271 -37.27 -25.20 -0.28
C THR F 271 -36.47 -24.68 0.90
N LEU F 272 -36.74 -23.44 1.30
CA LEU F 272 -36.04 -22.86 2.43
C LEU F 272 -36.32 -23.61 3.72
N GLN F 273 -37.60 -23.94 3.97
CA GLN F 273 -37.93 -24.76 5.14
C GLN F 273 -37.17 -26.08 5.13
N ALA F 274 -36.97 -26.67 3.96
CA ALA F 274 -36.37 -27.99 3.88
C ALA F 274 -34.95 -28.04 4.43
N ARG F 275 -34.26 -26.91 4.49
CA ARG F 275 -32.82 -26.92 4.81
C ARG F 275 -32.52 -27.33 6.24
N PHE F 276 -33.45 -27.12 7.17
CA PHE F 276 -33.12 -27.03 8.59
C PHE F 276 -33.19 -28.36 9.33
N VAL F 277 -32.36 -28.47 10.38
CA VAL F 277 -32.47 -29.58 11.32
C VAL F 277 -33.74 -29.46 12.15
N LYS F 278 -34.04 -28.26 12.65
CA LYS F 278 -35.37 -27.95 13.17
C LYS F 278 -35.60 -26.45 13.09
N GLN F 279 -36.86 -26.08 13.17
CA GLN F 279 -37.19 -24.78 13.74
C GLN F 279 -37.20 -24.96 15.25
N ILE F 280 -36.72 -23.95 15.95
CA ILE F 280 -36.99 -23.79 17.38
C ILE F 280 -37.73 -22.47 17.54
N ASP F 281 -38.68 -22.45 18.45
CA ASP F 281 -39.84 -21.57 18.32
C ASP F 281 -40.09 -20.76 19.58
N PHE F 282 -40.22 -19.45 19.44
CA PHE F 282 -40.07 -18.49 20.54
C PHE F 282 -41.24 -17.52 20.59
N ARG F 283 -41.76 -17.25 21.78
CA ARG F 283 -42.83 -16.25 21.92
C ARG F 283 -42.77 -15.57 23.28
N PRO F 284 -43.37 -14.39 23.41
CA PRO F 284 -43.71 -13.83 24.72
C PRO F 284 -44.40 -14.79 25.67
N LYS F 285 -43.97 -14.76 26.93
CA LYS F 285 -44.51 -15.51 28.06
C LYS F 285 -44.36 -14.54 29.25
N ASP F 286 -45.20 -13.50 29.21
CA ASP F 286 -44.91 -12.20 29.82
C ASP F 286 -44.71 -12.20 31.34
N TYR F 287 -45.22 -13.21 32.05
CA TYR F 287 -44.84 -13.33 33.46
C TYR F 287 -43.32 -13.38 33.64
N LEU F 288 -42.62 -13.97 32.68
CA LEU F 288 -41.16 -13.90 32.68
C LEU F 288 -40.68 -12.46 32.56
N LYS F 289 -41.28 -11.70 31.65
CA LYS F 289 -40.97 -10.28 31.53
C LYS F 289 -41.26 -9.52 32.82
N HIS F 290 -42.33 -9.88 33.54
CA HIS F 290 -42.61 -9.21 34.80
C HIS F 290 -41.67 -9.66 35.89
N CYS F 291 -41.20 -10.91 35.81
CA CYS F 291 -40.08 -11.32 36.63
C CYS F 291 -38.85 -10.46 36.34
N LEU F 292 -38.60 -10.15 35.06
CA LEU F 292 -37.53 -9.22 34.74
C LEU F 292 -37.79 -7.84 35.32
N GLU F 293 -39.02 -7.37 35.25
CA GLU F 293 -39.39 -6.12 35.93
C GLU F 293 -39.09 -6.18 37.42
N ARG F 294 -38.82 -7.36 37.95
CA ARG F 294 -38.47 -7.58 39.36
C ARG F 294 -37.09 -8.21 39.53
N SER F 295 -36.28 -8.26 38.47
CA SER F 295 -35.00 -8.95 38.48
C SER F 295 -33.98 -8.15 37.67
N GLU F 296 -34.17 -6.84 37.65
CA GLU F 296 -33.59 -5.95 36.65
C GLU F 296 -32.06 -6.07 36.57
N PHE F 297 -31.43 -6.36 37.69
CA PHE F 297 -29.99 -6.62 37.77
C PHE F 297 -29.44 -7.62 36.75
N LEU F 298 -30.25 -8.59 36.30
CA LEU F 298 -29.75 -9.52 35.29
C LEU F 298 -29.45 -8.82 33.97
N LEU F 299 -30.18 -7.76 33.65
CA LEU F 299 -29.84 -6.96 32.49
C LEU F 299 -28.63 -6.08 32.77
N GLU F 300 -28.51 -5.63 34.01
CA GLU F 300 -27.44 -4.71 34.38
C GLU F 300 -26.10 -5.42 34.41
N LYS F 301 -26.04 -6.58 35.08
CA LYS F 301 -24.91 -7.48 34.89
C LYS F 301 -24.94 -8.17 33.53
N ARG F 302 -26.01 -8.00 32.77
CA ARG F 302 -26.16 -8.53 31.41
C ARG F 302 -26.09 -10.05 31.34
N ILE F 303 -26.26 -10.72 32.48
CA ILE F 303 -26.09 -12.17 32.59
C ILE F 303 -27.06 -12.88 31.67
N ILE F 304 -28.24 -12.30 31.48
CA ILE F 304 -29.27 -12.84 30.62
C ILE F 304 -28.79 -13.07 29.20
N GLN F 305 -27.84 -12.27 28.75
CA GLN F 305 -27.29 -12.43 27.41
C GLN F 305 -26.17 -13.45 27.35
N SER F 306 -25.81 -14.07 28.48
CA SER F 306 -24.50 -14.67 28.66
C SER F 306 -24.44 -16.11 28.21
N GLY F 307 -23.60 -16.37 27.21
CA GLY F 307 -23.11 -17.72 26.96
C GLY F 307 -22.44 -18.35 28.16
N ILE F 308 -21.87 -17.53 29.06
CA ILE F 308 -21.35 -18.09 30.31
C ILE F 308 -22.49 -18.61 31.17
N ALA F 309 -23.65 -17.96 31.15
CA ALA F 309 -24.80 -18.58 31.78
C ALA F 309 -25.09 -19.94 31.17
N LEU F 310 -24.92 -20.08 29.86
CA LEU F 310 -25.08 -21.40 29.25
C LEU F 310 -24.00 -22.35 29.74
N LEU F 311 -22.77 -21.87 29.83
CA LEU F 311 -21.67 -22.72 30.28
C LEU F 311 -21.96 -23.23 31.69
N LEU F 312 -22.33 -22.32 32.58
CA LEU F 312 -22.79 -22.68 33.90
C LEU F 312 -23.94 -23.68 33.87
N MET F 313 -24.92 -23.48 32.98
CA MET F 313 -26.08 -24.38 32.93
C MET F 313 -25.65 -25.81 32.64
N LEU F 314 -24.81 -26.00 31.63
CA LEU F 314 -24.32 -27.35 31.35
C LEU F 314 -23.53 -27.88 32.52
N ILE F 315 -22.62 -27.07 33.04
CA ILE F 315 -21.82 -27.45 34.19
C ILE F 315 -22.69 -27.98 35.31
N TRP F 316 -23.90 -27.43 35.46
CA TRP F 316 -24.89 -27.98 36.38
C TRP F 316 -25.52 -29.28 35.85
N TYR F 317 -26.41 -29.15 34.88
CA TYR F 317 -27.43 -30.18 34.66
C TYR F 317 -26.85 -31.51 34.21
N ARG F 318 -25.77 -31.50 33.44
CA ARG F 318 -25.47 -32.63 32.58
C ARG F 318 -24.45 -33.58 33.21
N PRO F 319 -24.42 -34.85 32.76
CA PRO F 319 -23.45 -35.81 33.31
C PRO F 319 -22.02 -35.36 33.10
N VAL F 320 -21.17 -35.67 34.08
CA VAL F 320 -19.75 -35.38 33.92
C VAL F 320 -19.19 -36.16 32.73
N ALA F 321 -19.68 -37.39 32.54
CA ALA F 321 -19.29 -38.19 31.39
C ALA F 321 -19.63 -37.50 30.07
N GLU F 322 -20.65 -36.64 30.08
CA GLU F 322 -21.13 -36.00 28.87
C GLU F 322 -20.12 -35.01 28.30
N PHE F 323 -19.17 -34.53 29.10
CA PHE F 323 -18.10 -33.65 28.66
C PHE F 323 -16.93 -34.46 28.11
N ALA F 324 -16.09 -33.79 27.33
CA ALA F 324 -14.89 -34.42 26.77
C ALA F 324 -13.92 -34.85 27.87
N GLN F 325 -13.35 -36.05 27.67
CA GLN F 325 -12.66 -36.81 28.71
C GLN F 325 -11.88 -35.98 29.73
N SER F 326 -10.96 -35.14 29.24
CA SER F 326 -10.06 -34.44 30.17
C SER F 326 -10.80 -33.35 30.93
N ILE F 327 -11.50 -32.48 30.20
CA ILE F 327 -12.13 -31.32 30.83
C ILE F 327 -13.26 -31.71 31.76
N GLN F 328 -13.77 -32.95 31.66
CA GLN F 328 -14.59 -33.51 32.72
C GLN F 328 -14.01 -33.20 34.10
N SER F 329 -12.71 -33.41 34.28
CA SER F 329 -12.07 -33.18 35.57
C SER F 329 -12.18 -31.75 36.05
N ARG F 330 -12.39 -30.78 35.15
CA ARG F 330 -12.71 -29.42 35.56
C ARG F 330 -14.18 -29.25 35.95
N ILE F 331 -15.12 -29.86 35.20
CA ILE F 331 -16.52 -29.66 35.52
C ILE F 331 -16.82 -30.16 36.94
N VAL F 332 -16.19 -31.26 37.32
CA VAL F 332 -16.25 -31.80 38.67
C VAL F 332 -16.09 -30.72 39.73
N GLU F 333 -15.02 -29.94 39.63
CA GLU F 333 -14.73 -28.98 40.68
C GLU F 333 -15.62 -27.75 40.65
N TRP F 334 -16.14 -27.34 39.48
CA TRP F 334 -17.16 -26.30 39.49
C TRP F 334 -18.47 -26.81 40.10
N LYS F 335 -18.83 -28.05 39.81
CA LYS F 335 -19.99 -28.63 40.50
C LYS F 335 -19.74 -28.69 41.99
N GLU F 336 -18.55 -29.13 42.39
CA GLU F 336 -18.20 -29.17 43.81
C GLU F 336 -18.38 -27.80 44.45
N ARG F 337 -17.94 -26.74 43.77
CA ARG F 337 -18.28 -25.38 44.19
C ARG F 337 -19.78 -25.19 44.23
N LEU F 338 -20.43 -25.30 43.07
CA LEU F 338 -21.82 -24.90 42.93
C LEU F 338 -22.71 -25.62 43.93
N ASP F 339 -22.57 -26.94 44.00
CA ASP F 339 -23.62 -27.76 44.56
C ASP F 339 -23.62 -27.71 46.09
N LYS F 340 -22.49 -27.39 46.69
CA LYS F 340 -22.48 -27.03 48.10
C LYS F 340 -22.86 -25.56 48.29
N GLU F 341 -22.45 -24.70 47.35
CA GLU F 341 -22.83 -23.30 47.45
C GLU F 341 -24.32 -23.09 47.21
N PHE F 342 -24.98 -24.03 46.54
CA PHE F 342 -26.37 -23.87 46.10
C PHE F 342 -27.09 -25.20 46.21
N SER F 343 -28.11 -25.26 47.05
CA SER F 343 -29.01 -26.40 47.11
C SER F 343 -29.99 -26.40 45.95
N LEU F 344 -30.62 -27.55 45.76
CA LEU F 344 -31.81 -27.62 44.91
C LEU F 344 -32.88 -26.63 45.38
N SER F 345 -33.16 -26.62 46.68
CA SER F 345 -34.23 -25.78 47.19
C SER F 345 -33.96 -24.31 46.88
N VAL F 346 -32.70 -23.92 46.85
CA VAL F 346 -32.33 -22.57 46.44
C VAL F 346 -32.69 -22.36 44.98
N TYR F 347 -32.10 -23.18 44.10
CA TYR F 347 -32.42 -23.12 42.68
C TYR F 347 -33.92 -23.22 42.45
N GLN F 348 -34.58 -24.06 43.23
CA GLN F 348 -36.04 -24.18 43.21
C GLN F 348 -36.72 -22.85 43.53
N LYS F 349 -36.46 -22.30 44.73
CA LYS F 349 -37.06 -21.04 45.12
C LYS F 349 -36.91 -20.02 43.99
N MET F 350 -35.71 -19.93 43.44
CA MET F 350 -35.46 -19.03 42.33
C MET F 350 -36.40 -19.32 41.16
N LYS F 351 -36.37 -20.55 40.66
CA LYS F 351 -37.22 -20.92 39.53
C LYS F 351 -38.69 -20.70 39.86
N PHE F 352 -39.08 -20.95 41.11
CA PHE F 352 -40.47 -20.76 41.50
C PHE F 352 -40.86 -19.29 41.37
N ASN F 353 -40.02 -18.39 41.89
CA ASN F 353 -40.29 -16.97 41.72
C ASN F 353 -40.46 -16.64 40.25
N VAL F 354 -39.50 -17.07 39.41
CA VAL F 354 -39.57 -16.79 37.98
C VAL F 354 -40.86 -17.33 37.39
N ALA F 355 -41.18 -18.58 37.71
CA ALA F 355 -42.38 -19.20 37.19
C ALA F 355 -43.62 -18.45 37.66
N MET F 356 -43.59 -17.95 38.88
CA MET F 356 -44.65 -17.12 39.43
C MET F 356 -44.61 -15.68 38.92
N GLY F 357 -43.64 -15.35 38.06
CA GLY F 357 -43.39 -13.98 37.66
C GLY F 357 -42.82 -13.12 38.75
N ILE F 358 -42.57 -13.71 39.92
CA ILE F 358 -42.01 -13.01 41.06
C ILE F 358 -40.52 -12.79 40.83
N GLY F 359 -39.99 -11.70 41.35
CA GLY F 359 -38.57 -11.44 41.21
C GLY F 359 -37.74 -12.59 41.75
N VAL F 360 -36.73 -12.99 40.97
CA VAL F 360 -36.13 -14.31 41.13
C VAL F 360 -35.55 -14.49 42.53
N LEU F 361 -35.17 -13.40 43.18
CA LEU F 361 -34.57 -13.46 44.51
C LEU F 361 -35.58 -13.20 45.61
N ASP F 362 -36.81 -12.83 45.29
CA ASP F 362 -37.77 -12.32 46.27
C ASP F 362 -38.01 -13.33 47.39
#